data_1BYS
# 
_entry.id   1BYS 
# 
_audit_conform.dict_name       mmcif_pdbx.dic 
_audit_conform.dict_version    5.383 
_audit_conform.dict_location   http://mmcif.pdb.org/dictionaries/ascii/mmcif_pdbx.dic 
# 
loop_
_database_2.database_id 
_database_2.database_code 
_database_2.pdbx_database_accession 
_database_2.pdbx_DOI 
PDB   1BYS         pdb_00001bys 10.2210/pdb1bys/pdb 
RCSB  RCSB007040   ?            ?                   
WWPDB D_1000007040 ?            ?                   
# 
loop_
_pdbx_audit_revision_history.ordinal 
_pdbx_audit_revision_history.data_content_type 
_pdbx_audit_revision_history.major_revision 
_pdbx_audit_revision_history.minor_revision 
_pdbx_audit_revision_history.revision_date 
1 'Structure model' 1 0 1999-10-19 
2 'Structure model' 1 1 2008-04-27 
3 'Structure model' 1 2 2011-07-13 
4 'Structure model' 1 3 2023-12-27 
# 
_pdbx_audit_revision_details.ordinal             1 
_pdbx_audit_revision_details.revision_ordinal    1 
_pdbx_audit_revision_details.data_content_type   'Structure model' 
_pdbx_audit_revision_details.provider            repository 
_pdbx_audit_revision_details.type                'Initial release' 
_pdbx_audit_revision_details.description         ? 
_pdbx_audit_revision_details.details             ? 
# 
loop_
_pdbx_audit_revision_group.ordinal 
_pdbx_audit_revision_group.revision_ordinal 
_pdbx_audit_revision_group.data_content_type 
_pdbx_audit_revision_group.group 
1 2 'Structure model' 'Version format compliance' 
2 3 'Structure model' 'Derived calculations'      
3 3 'Structure model' 'Version format compliance' 
4 4 'Structure model' 'Data collection'           
5 4 'Structure model' 'Database references'       
6 4 'Structure model' 'Derived calculations'      
# 
loop_
_pdbx_audit_revision_category.ordinal 
_pdbx_audit_revision_category.revision_ordinal 
_pdbx_audit_revision_category.data_content_type 
_pdbx_audit_revision_category.category 
1 4 'Structure model' chem_comp_atom 
2 4 'Structure model' chem_comp_bond 
3 4 'Structure model' database_2     
4 4 'Structure model' struct_conn    
5 4 'Structure model' struct_site    
# 
loop_
_pdbx_audit_revision_item.ordinal 
_pdbx_audit_revision_item.revision_ordinal 
_pdbx_audit_revision_item.data_content_type 
_pdbx_audit_revision_item.item 
1  4 'Structure model' '_database_2.pdbx_DOI'                
2  4 'Structure model' '_database_2.pdbx_database_accession' 
3  4 'Structure model' '_struct_conn.ptnr1_auth_comp_id'     
4  4 'Structure model' '_struct_conn.ptnr1_auth_seq_id'      
5  4 'Structure model' '_struct_conn.ptnr1_label_asym_id'    
6  4 'Structure model' '_struct_conn.ptnr1_label_atom_id'    
7  4 'Structure model' '_struct_conn.ptnr1_label_comp_id'    
8  4 'Structure model' '_struct_conn.ptnr1_label_seq_id'     
9  4 'Structure model' '_struct_conn.ptnr1_symmetry'         
10 4 'Structure model' '_struct_conn.ptnr2_auth_comp_id'     
11 4 'Structure model' '_struct_conn.ptnr2_auth_seq_id'      
12 4 'Structure model' '_struct_conn.ptnr2_label_asym_id'    
13 4 'Structure model' '_struct_conn.ptnr2_label_atom_id'    
14 4 'Structure model' '_struct_conn.ptnr2_label_comp_id'    
15 4 'Structure model' '_struct_conn.ptnr2_label_seq_id'     
16 4 'Structure model' '_struct_conn.ptnr2_symmetry'         
17 4 'Structure model' '_struct_site.pdbx_auth_asym_id'      
18 4 'Structure model' '_struct_site.pdbx_auth_comp_id'      
19 4 'Structure model' '_struct_site.pdbx_auth_seq_id'       
# 
_pdbx_database_status.status_code                     REL 
_pdbx_database_status.entry_id                        1BYS 
_pdbx_database_status.recvd_initial_deposition_date   1998-10-19 
_pdbx_database_status.deposit_site                    BNL 
_pdbx_database_status.process_site                    RCSB 
_pdbx_database_status.SG_entry                        . 
_pdbx_database_status.pdb_format_compatible           Y 
_pdbx_database_status.status_code_mr                  ? 
_pdbx_database_status.status_code_sf                  ? 
_pdbx_database_status.status_code_cs                  ? 
_pdbx_database_status.status_code_nmr_data            ? 
_pdbx_database_status.methods_development_category    ? 
# 
_pdbx_database_related.db_name        PDB 
_pdbx_database_related.db_id          1BYR 
_pdbx_database_related.details        . 
_pdbx_database_related.content_type   unspecified 
# 
loop_
_audit_author.name 
_audit_author.pdbx_ordinal 
'Stuckey, J.A.' 1 
'Dixon, J.E.'   2 
# 
_citation.id                        primary 
_citation.title                     'Crystal structure of a phospholipase D family member.' 
_citation.journal_abbrev            Nat.Struct.Biol. 
_citation.journal_volume            6 
_citation.page_first                278 
_citation.page_last                 284 
_citation.year                      1999 
_citation.journal_id_ASTM           NSBIEW 
_citation.country                   US 
_citation.journal_id_ISSN           1072-8368 
_citation.journal_id_CSD            2024 
_citation.book_publisher            ? 
_citation.pdbx_database_id_PubMed   10074947 
_citation.pdbx_database_id_DOI      10.1038/6716 
# 
loop_
_citation_author.citation_id 
_citation_author.name 
_citation_author.ordinal 
_citation_author.identifier_ORCID 
primary 'Stuckey, J.A.' 1 ? 
primary 'Dixon, J.E.'   2 ? 
# 
loop_
_entity.id 
_entity.type 
_entity.src_method 
_entity.pdbx_description 
_entity.formula_weight 
_entity.pdbx_number_of_molecules 
_entity.pdbx_ec 
_entity.pdbx_mutation 
_entity.pdbx_fragment 
_entity.details 
1 polymer     man 'PROTEIN (ENDONUCLEASE)' 17175.416 1   ? ? ? ? 
2 non-polymer syn 'TUNGSTATE(VI)ION'       247.838   1   ? ? ? ? 
3 water       nat water                    18.015    156 ? ? ? ? 
# 
_entity_poly.entity_id                      1 
_entity_poly.type                           'polypeptide(L)' 
_entity_poly.nstd_linkage                   no 
_entity_poly.nstd_monomer                   no 
_entity_poly.pdbx_seq_one_letter_code       
;VEPSVQVGYSPEGSARVLVLSAIDSAKTSIRMMAYSFTAPDIMKALVAAKKRGVDVKIVIDERGNTGRASIAAMNYIANS
GIPLRTDSNFPIQHDKVIIVDNVTVETGSFNFTKAAETKNSENAVVIWNMPKLAESFLEHWQDRWNQGRDYRSSY
;
_entity_poly.pdbx_seq_one_letter_code_can   
;VEPSVQVGYSPEGSARVLVLSAIDSAKTSIRMMAYSFTAPDIMKALVAAKKRGVDVKIVIDERGNTGRASIAAMNYIANS
GIPLRTDSNFPIQHDKVIIVDNVTVETGSFNFTKAAETKNSENAVVIWNMPKLAESFLEHWQDRWNQGRDYRSSY
;
_entity_poly.pdbx_strand_id                 A 
_entity_poly.pdbx_target_identifier         ? 
# 
loop_
_pdbx_entity_nonpoly.entity_id 
_pdbx_entity_nonpoly.name 
_pdbx_entity_nonpoly.comp_id 
2 'TUNGSTATE(VI)ION' WO4 
3 water              HOH 
# 
loop_
_entity_poly_seq.entity_id 
_entity_poly_seq.num 
_entity_poly_seq.mon_id 
_entity_poly_seq.hetero 
1 1   VAL n 
1 2   GLU n 
1 3   PRO n 
1 4   SER n 
1 5   VAL n 
1 6   GLN n 
1 7   VAL n 
1 8   GLY n 
1 9   TYR n 
1 10  SER n 
1 11  PRO n 
1 12  GLU n 
1 13  GLY n 
1 14  SER n 
1 15  ALA n 
1 16  ARG n 
1 17  VAL n 
1 18  LEU n 
1 19  VAL n 
1 20  LEU n 
1 21  SER n 
1 22  ALA n 
1 23  ILE n 
1 24  ASP n 
1 25  SER n 
1 26  ALA n 
1 27  LYS n 
1 28  THR n 
1 29  SER n 
1 30  ILE n 
1 31  ARG n 
1 32  MET n 
1 33  MET n 
1 34  ALA n 
1 35  TYR n 
1 36  SER n 
1 37  PHE n 
1 38  THR n 
1 39  ALA n 
1 40  PRO n 
1 41  ASP n 
1 42  ILE n 
1 43  MET n 
1 44  LYS n 
1 45  ALA n 
1 46  LEU n 
1 47  VAL n 
1 48  ALA n 
1 49  ALA n 
1 50  LYS n 
1 51  LYS n 
1 52  ARG n 
1 53  GLY n 
1 54  VAL n 
1 55  ASP n 
1 56  VAL n 
1 57  LYS n 
1 58  ILE n 
1 59  VAL n 
1 60  ILE n 
1 61  ASP n 
1 62  GLU n 
1 63  ARG n 
1 64  GLY n 
1 65  ASN n 
1 66  THR n 
1 67  GLY n 
1 68  ARG n 
1 69  ALA n 
1 70  SER n 
1 71  ILE n 
1 72  ALA n 
1 73  ALA n 
1 74  MET n 
1 75  ASN n 
1 76  TYR n 
1 77  ILE n 
1 78  ALA n 
1 79  ASN n 
1 80  SER n 
1 81  GLY n 
1 82  ILE n 
1 83  PRO n 
1 84  LEU n 
1 85  ARG n 
1 86  THR n 
1 87  ASP n 
1 88  SER n 
1 89  ASN n 
1 90  PHE n 
1 91  PRO n 
1 92  ILE n 
1 93  GLN n 
1 94  HIS n 
1 95  ASP n 
1 96  LYS n 
1 97  VAL n 
1 98  ILE n 
1 99  ILE n 
1 100 VAL n 
1 101 ASP n 
1 102 ASN n 
1 103 VAL n 
1 104 THR n 
1 105 VAL n 
1 106 GLU n 
1 107 THR n 
1 108 GLY n 
1 109 SER n 
1 110 PHE n 
1 111 ASN n 
1 112 PHE n 
1 113 THR n 
1 114 LYS n 
1 115 ALA n 
1 116 ALA n 
1 117 GLU n 
1 118 THR n 
1 119 LYS n 
1 120 ASN n 
1 121 SER n 
1 122 GLU n 
1 123 ASN n 
1 124 ALA n 
1 125 VAL n 
1 126 VAL n 
1 127 ILE n 
1 128 TRP n 
1 129 ASN n 
1 130 MET n 
1 131 PRO n 
1 132 LYS n 
1 133 LEU n 
1 134 ALA n 
1 135 GLU n 
1 136 SER n 
1 137 PHE n 
1 138 LEU n 
1 139 GLU n 
1 140 HIS n 
1 141 TRP n 
1 142 GLN n 
1 143 ASP n 
1 144 ARG n 
1 145 TRP n 
1 146 ASN n 
1 147 GLN n 
1 148 GLY n 
1 149 ARG n 
1 150 ASP n 
1 151 TYR n 
1 152 ARG n 
1 153 SER n 
1 154 SER n 
1 155 TYR n 
# 
_entity_src_gen.entity_id                          1 
_entity_src_gen.pdbx_src_id                        1 
_entity_src_gen.pdbx_alt_source_flag               sample 
_entity_src_gen.pdbx_seq_type                      ? 
_entity_src_gen.pdbx_beg_seq_num                   ? 
_entity_src_gen.pdbx_end_seq_num                   ? 
_entity_src_gen.gene_src_common_name               ? 
_entity_src_gen.gene_src_genus                     Salmonella 
_entity_src_gen.pdbx_gene_src_gene                 NUC 
_entity_src_gen.gene_src_species                   ? 
_entity_src_gen.gene_src_strain                    ? 
_entity_src_gen.gene_src_tissue                    ? 
_entity_src_gen.gene_src_tissue_fraction           ? 
_entity_src_gen.gene_src_details                   ? 
_entity_src_gen.pdbx_gene_src_fragment             ? 
_entity_src_gen.pdbx_gene_src_scientific_name      'Salmonella typhimurium' 
_entity_src_gen.pdbx_gene_src_ncbi_taxonomy_id     602 
_entity_src_gen.pdbx_gene_src_variant              ? 
_entity_src_gen.pdbx_gene_src_cell_line            ? 
_entity_src_gen.pdbx_gene_src_atcc                 ? 
_entity_src_gen.pdbx_gene_src_organ                ? 
_entity_src_gen.pdbx_gene_src_organelle            ? 
_entity_src_gen.pdbx_gene_src_cell                 ? 
_entity_src_gen.pdbx_gene_src_cellular_location    PERIPLASM 
_entity_src_gen.host_org_common_name               ? 
_entity_src_gen.pdbx_host_org_scientific_name      'Escherichia coli BL21(DE3)' 
_entity_src_gen.pdbx_host_org_ncbi_taxonomy_id     469008 
_entity_src_gen.host_org_genus                     Escherichia 
_entity_src_gen.pdbx_host_org_gene                 NUC 
_entity_src_gen.pdbx_host_org_organ                ? 
_entity_src_gen.host_org_species                   'Escherichia coli' 
_entity_src_gen.pdbx_host_org_tissue               ? 
_entity_src_gen.pdbx_host_org_tissue_fraction      ? 
_entity_src_gen.pdbx_host_org_strain               'BL21(DE3)' 
_entity_src_gen.pdbx_host_org_variant              ? 
_entity_src_gen.pdbx_host_org_cell_line            ? 
_entity_src_gen.pdbx_host_org_atcc                 ? 
_entity_src_gen.pdbx_host_org_culture_collection   ? 
_entity_src_gen.pdbx_host_org_cell                 ? 
_entity_src_gen.pdbx_host_org_organelle            ? 
_entity_src_gen.pdbx_host_org_cellular_location    PERIPLASM 
_entity_src_gen.pdbx_host_org_vector_type          ? 
_entity_src_gen.pdbx_host_org_vector               ? 
_entity_src_gen.host_org_details                   ? 
_entity_src_gen.expression_system_id               ? 
_entity_src_gen.plasmid_name                       PT7-7 
_entity_src_gen.plasmid_details                    ? 
_entity_src_gen.pdbx_description                   ? 
# 
loop_
_chem_comp.id 
_chem_comp.type 
_chem_comp.mon_nstd_flag 
_chem_comp.name 
_chem_comp.pdbx_synonyms 
_chem_comp.formula 
_chem_comp.formula_weight 
ALA 'L-peptide linking' y ALANINE            ? 'C3 H7 N O2'     89.093  
ARG 'L-peptide linking' y ARGININE           ? 'C6 H15 N4 O2 1' 175.209 
ASN 'L-peptide linking' y ASPARAGINE         ? 'C4 H8 N2 O3'    132.118 
ASP 'L-peptide linking' y 'ASPARTIC ACID'    ? 'C4 H7 N O4'     133.103 
GLN 'L-peptide linking' y GLUTAMINE          ? 'C5 H10 N2 O3'   146.144 
GLU 'L-peptide linking' y 'GLUTAMIC ACID'    ? 'C5 H9 N O4'     147.129 
GLY 'peptide linking'   y GLYCINE            ? 'C2 H5 N O2'     75.067  
HIS 'L-peptide linking' y HISTIDINE          ? 'C6 H10 N3 O2 1' 156.162 
HOH non-polymer         . WATER              ? 'H2 O'           18.015  
ILE 'L-peptide linking' y ISOLEUCINE         ? 'C6 H13 N O2'    131.173 
LEU 'L-peptide linking' y LEUCINE            ? 'C6 H13 N O2'    131.173 
LYS 'L-peptide linking' y LYSINE             ? 'C6 H15 N2 O2 1' 147.195 
MET 'L-peptide linking' y METHIONINE         ? 'C5 H11 N O2 S'  149.211 
PHE 'L-peptide linking' y PHENYLALANINE      ? 'C9 H11 N O2'    165.189 
PRO 'L-peptide linking' y PROLINE            ? 'C5 H9 N O2'     115.130 
SER 'L-peptide linking' y SERINE             ? 'C3 H7 N O3'     105.093 
THR 'L-peptide linking' y THREONINE          ? 'C4 H9 N O3'     119.119 
TRP 'L-peptide linking' y TRYPTOPHAN         ? 'C11 H12 N2 O2'  204.225 
TYR 'L-peptide linking' y TYROSINE           ? 'C9 H11 N O3'    181.189 
VAL 'L-peptide linking' y VALINE             ? 'C5 H11 N O2'    117.146 
WO4 non-polymer         . 'TUNGSTATE(VI)ION' ? 'O4 W -2'        247.838 
# 
loop_
_pdbx_poly_seq_scheme.asym_id 
_pdbx_poly_seq_scheme.entity_id 
_pdbx_poly_seq_scheme.seq_id 
_pdbx_poly_seq_scheme.mon_id 
_pdbx_poly_seq_scheme.ndb_seq_num 
_pdbx_poly_seq_scheme.pdb_seq_num 
_pdbx_poly_seq_scheme.auth_seq_num 
_pdbx_poly_seq_scheme.pdb_mon_id 
_pdbx_poly_seq_scheme.auth_mon_id 
_pdbx_poly_seq_scheme.pdb_strand_id 
_pdbx_poly_seq_scheme.pdb_ins_code 
_pdbx_poly_seq_scheme.hetero 
A 1 1   VAL 1   1   ?   ?   ?   A . n 
A 1 2   GLU 2   2   2   GLU GLU A . n 
A 1 3   PRO 3   3   3   PRO PRO A . n 
A 1 4   SER 4   4   4   SER SER A . n 
A 1 5   VAL 5   5   5   VAL VAL A . n 
A 1 6   GLN 6   6   6   GLN GLN A . n 
A 1 7   VAL 7   7   7   VAL VAL A . n 
A 1 8   GLY 8   8   8   GLY GLY A . n 
A 1 9   TYR 9   9   9   TYR TYR A . n 
A 1 10  SER 10  10  10  SER SER A . n 
A 1 11  PRO 11  11  11  PRO PRO A . n 
A 1 12  GLU 12  12  12  GLU GLU A . n 
A 1 13  GLY 13  13  13  GLY GLY A . n 
A 1 14  SER 14  14  14  SER SER A . n 
A 1 15  ALA 15  15  15  ALA ALA A . n 
A 1 16  ARG 16  16  16  ARG ARG A . n 
A 1 17  VAL 17  17  17  VAL VAL A . n 
A 1 18  LEU 18  18  18  LEU LEU A . n 
A 1 19  VAL 19  19  19  VAL VAL A . n 
A 1 20  LEU 20  20  20  LEU LEU A . n 
A 1 21  SER 21  21  21  SER SER A . n 
A 1 22  ALA 22  22  22  ALA ALA A . n 
A 1 23  ILE 23  23  23  ILE ILE A . n 
A 1 24  ASP 24  24  24  ASP ASP A . n 
A 1 25  SER 25  25  25  SER SER A . n 
A 1 26  ALA 26  26  26  ALA ALA A . n 
A 1 27  LYS 27  27  27  LYS LYS A . n 
A 1 28  THR 28  28  28  THR THR A . n 
A 1 29  SER 29  29  29  SER SER A . n 
A 1 30  ILE 30  30  30  ILE ILE A . n 
A 1 31  ARG 31  31  31  ARG ARG A . n 
A 1 32  MET 32  32  32  MET MET A . n 
A 1 33  MET 33  33  33  MET MET A . n 
A 1 34  ALA 34  34  34  ALA ALA A . n 
A 1 35  TYR 35  35  35  TYR TYR A . n 
A 1 36  SER 36  36  36  SER SER A . n 
A 1 37  PHE 37  37  37  PHE PHE A . n 
A 1 38  THR 38  38  38  THR THR A . n 
A 1 39  ALA 39  39  39  ALA ALA A . n 
A 1 40  PRO 40  40  40  PRO PRO A . n 
A 1 41  ASP 41  41  41  ASP ASP A . n 
A 1 42  ILE 42  42  42  ILE ILE A . n 
A 1 43  MET 43  43  43  MET MET A . n 
A 1 44  LYS 44  44  44  LYS LYS A . n 
A 1 45  ALA 45  45  45  ALA ALA A . n 
A 1 46  LEU 46  46  46  LEU LEU A . n 
A 1 47  VAL 47  47  47  VAL VAL A . n 
A 1 48  ALA 48  48  48  ALA ALA A . n 
A 1 49  ALA 49  49  49  ALA ALA A . n 
A 1 50  LYS 50  50  50  LYS LYS A . n 
A 1 51  LYS 51  51  51  LYS LYS A . n 
A 1 52  ARG 52  52  52  ARG ARG A . n 
A 1 53  GLY 53  53  53  GLY GLY A . n 
A 1 54  VAL 54  54  54  VAL VAL A . n 
A 1 55  ASP 55  55  55  ASP ASP A . n 
A 1 56  VAL 56  56  56  VAL VAL A . n 
A 1 57  LYS 57  57  57  LYS LYS A . n 
A 1 58  ILE 58  58  58  ILE ILE A . n 
A 1 59  VAL 59  59  59  VAL VAL A . n 
A 1 60  ILE 60  60  60  ILE ILE A . n 
A 1 61  ASP 61  61  61  ASP ASP A . n 
A 1 62  GLU 62  62  62  GLU GLU A . n 
A 1 63  ARG 63  63  63  ARG ARG A . n 
A 1 64  GLY 64  64  64  GLY GLY A . n 
A 1 65  ASN 65  65  65  ASN ASN A . n 
A 1 66  THR 66  66  66  THR THR A . n 
A 1 67  GLY 67  67  67  GLY GLY A . n 
A 1 68  ARG 68  68  68  ARG ARG A . n 
A 1 69  ALA 69  69  69  ALA ALA A . n 
A 1 70  SER 70  70  70  SER SER A . n 
A 1 71  ILE 71  71  71  ILE ILE A . n 
A 1 72  ALA 72  72  72  ALA ALA A . n 
A 1 73  ALA 73  73  73  ALA ALA A . n 
A 1 74  MET 74  74  74  MET MET A . n 
A 1 75  ASN 75  75  75  ASN ASN A . n 
A 1 76  TYR 76  76  76  TYR TYR A . n 
A 1 77  ILE 77  77  77  ILE ILE A . n 
A 1 78  ALA 78  78  78  ALA ALA A . n 
A 1 79  ASN 79  79  79  ASN ASN A . n 
A 1 80  SER 80  80  80  SER SER A . n 
A 1 81  GLY 81  81  81  GLY GLY A . n 
A 1 82  ILE 82  82  82  ILE ILE A . n 
A 1 83  PRO 83  83  83  PRO PRO A . n 
A 1 84  LEU 84  84  84  LEU LEU A . n 
A 1 85  ARG 85  85  85  ARG ARG A . n 
A 1 86  THR 86  86  86  THR THR A . n 
A 1 87  ASP 87  87  87  ASP ASP A . n 
A 1 88  SER 88  88  88  SER SER A . n 
A 1 89  ASN 89  89  89  ASN ASN A . n 
A 1 90  PHE 90  90  90  PHE PHE A . n 
A 1 91  PRO 91  91  91  PRO PRO A . n 
A 1 92  ILE 92  92  92  ILE ILE A . n 
A 1 93  GLN 93  93  93  GLN GLN A . n 
A 1 94  HIS 94  94  94  HIS HIS A . n 
A 1 95  ASP 95  95  95  ASP ASP A . n 
A 1 96  LYS 96  96  96  LYS LYS A . n 
A 1 97  VAL 97  97  97  VAL VAL A . n 
A 1 98  ILE 98  98  98  ILE ILE A . n 
A 1 99  ILE 99  99  99  ILE ILE A . n 
A 1 100 VAL 100 100 100 VAL VAL A . n 
A 1 101 ASP 101 101 101 ASP ASP A . n 
A 1 102 ASN 102 102 102 ASN ASN A . n 
A 1 103 VAL 103 103 103 VAL VAL A . n 
A 1 104 THR 104 104 104 THR THR A . n 
A 1 105 VAL 105 105 105 VAL VAL A . n 
A 1 106 GLU 106 106 106 GLU GLU A . n 
A 1 107 THR 107 107 107 THR THR A . n 
A 1 108 GLY 108 108 108 GLY GLY A . n 
A 1 109 SER 109 109 109 SER SER A . n 
A 1 110 PHE 110 110 110 PHE PHE A . n 
A 1 111 ASN 111 111 111 ASN ASN A . n 
A 1 112 PHE 112 112 112 PHE PHE A . n 
A 1 113 THR 113 113 113 THR THR A . n 
A 1 114 LYS 114 114 114 LYS LYS A . n 
A 1 115 ALA 115 115 115 ALA ALA A . n 
A 1 116 ALA 116 116 116 ALA ALA A . n 
A 1 117 GLU 117 117 117 GLU GLU A . n 
A 1 118 THR 118 118 118 THR THR A . n 
A 1 119 LYS 119 119 119 LYS LYS A . n 
A 1 120 ASN 120 120 120 ASN ASN A . n 
A 1 121 SER 121 121 121 SER SER A . n 
A 1 122 GLU 122 122 122 GLU GLU A . n 
A 1 123 ASN 123 123 123 ASN ASN A . n 
A 1 124 ALA 124 124 124 ALA ALA A . n 
A 1 125 VAL 125 125 125 VAL VAL A . n 
A 1 126 VAL 126 126 126 VAL VAL A . n 
A 1 127 ILE 127 127 127 ILE ILE A . n 
A 1 128 TRP 128 128 128 TRP TRP A . n 
A 1 129 ASN 129 129 129 ASN ASN A . n 
A 1 130 MET 130 130 130 MET MET A . n 
A 1 131 PRO 131 131 131 PRO PRO A . n 
A 1 132 LYS 132 132 132 LYS LYS A . n 
A 1 133 LEU 133 133 133 LEU LEU A . n 
A 1 134 ALA 134 134 134 ALA ALA A . n 
A 1 135 GLU 135 135 135 GLU GLU A . n 
A 1 136 SER 136 136 136 SER SER A . n 
A 1 137 PHE 137 137 137 PHE PHE A . n 
A 1 138 LEU 138 138 138 LEU LEU A . n 
A 1 139 GLU 139 139 139 GLU GLU A . n 
A 1 140 HIS 140 140 140 HIS HIS A . n 
A 1 141 TRP 141 141 141 TRP TRP A . n 
A 1 142 GLN 142 142 142 GLN GLN A . n 
A 1 143 ASP 143 143 143 ASP ASP A . n 
A 1 144 ARG 144 144 144 ARG ARG A . n 
A 1 145 TRP 145 145 145 TRP TRP A . n 
A 1 146 ASN 146 146 146 ASN ASN A . n 
A 1 147 GLN 147 147 147 GLN GLN A . n 
A 1 148 GLY 148 148 148 GLY GLY A . n 
A 1 149 ARG 149 149 149 ARG ARG A . n 
A 1 150 ASP 150 150 150 ASP ASP A . n 
A 1 151 TYR 151 151 151 TYR TYR A . n 
A 1 152 ARG 152 152 152 ARG ARG A . n 
A 1 153 SER 153 153 153 SER SER A . n 
A 1 154 SER 154 154 ?   ?   ?   A . n 
A 1 155 TYR 155 155 ?   ?   ?   A . n 
# 
loop_
_pdbx_nonpoly_scheme.asym_id 
_pdbx_nonpoly_scheme.entity_id 
_pdbx_nonpoly_scheme.mon_id 
_pdbx_nonpoly_scheme.ndb_seq_num 
_pdbx_nonpoly_scheme.pdb_seq_num 
_pdbx_nonpoly_scheme.auth_seq_num 
_pdbx_nonpoly_scheme.pdb_mon_id 
_pdbx_nonpoly_scheme.auth_mon_id 
_pdbx_nonpoly_scheme.pdb_strand_id 
_pdbx_nonpoly_scheme.pdb_ins_code 
B 2 WO4 1   156 156 WO4 WO4 A . 
C 3 HOH 1   157 2   HOH HOH A . 
C 3 HOH 2   158 3   HOH HOH A . 
C 3 HOH 3   159 4   HOH HOH A . 
C 3 HOH 4   160 6   HOH HOH A . 
C 3 HOH 5   161 7   HOH HOH A . 
C 3 HOH 6   162 8   HOH HOH A . 
C 3 HOH 7   163 9   HOH HOH A . 
C 3 HOH 8   164 10  HOH HOH A . 
C 3 HOH 9   165 11  HOH HOH A . 
C 3 HOH 10  166 12  HOH HOH A . 
C 3 HOH 11  167 13  HOH HOH A . 
C 3 HOH 12  168 14  HOH HOH A . 
C 3 HOH 13  169 16  HOH HOH A . 
C 3 HOH 14  170 17  HOH HOH A . 
C 3 HOH 15  171 18  HOH HOH A . 
C 3 HOH 16  172 19  HOH HOH A . 
C 3 HOH 17  173 20  HOH HOH A . 
C 3 HOH 18  174 21  HOH HOH A . 
C 3 HOH 19  175 22  HOH HOH A . 
C 3 HOH 20  176 23  HOH HOH A . 
C 3 HOH 21  177 24  HOH HOH A . 
C 3 HOH 22  178 25  HOH HOH A . 
C 3 HOH 23  179 26  HOH HOH A . 
C 3 HOH 24  180 27  HOH HOH A . 
C 3 HOH 25  181 29  HOH HOH A . 
C 3 HOH 26  182 30  HOH HOH A . 
C 3 HOH 27  183 31  HOH HOH A . 
C 3 HOH 28  184 32  HOH HOH A . 
C 3 HOH 29  185 33  HOH HOH A . 
C 3 HOH 30  186 34  HOH HOH A . 
C 3 HOH 31  187 35  HOH HOH A . 
C 3 HOH 32  188 36  HOH HOH A . 
C 3 HOH 33  189 37  HOH HOH A . 
C 3 HOH 34  190 38  HOH HOH A . 
C 3 HOH 35  191 39  HOH HOH A . 
C 3 HOH 36  192 41  HOH HOH A . 
C 3 HOH 37  193 42  HOH HOH A . 
C 3 HOH 38  194 43  HOH HOH A . 
C 3 HOH 39  195 44  HOH HOH A . 
C 3 HOH 40  196 45  HOH HOH A . 
C 3 HOH 41  197 46  HOH HOH A . 
C 3 HOH 42  198 48  HOH HOH A . 
C 3 HOH 43  199 49  HOH HOH A . 
C 3 HOH 44  200 51  HOH HOH A . 
C 3 HOH 45  201 53  HOH HOH A . 
C 3 HOH 46  202 54  HOH HOH A . 
C 3 HOH 47  203 56  HOH HOH A . 
C 3 HOH 48  204 58  HOH HOH A . 
C 3 HOH 49  205 59  HOH HOH A . 
C 3 HOH 50  206 62  HOH HOH A . 
C 3 HOH 51  207 63  HOH HOH A . 
C 3 HOH 52  208 65  HOH HOH A . 
C 3 HOH 53  209 66  HOH HOH A . 
C 3 HOH 54  210 68  HOH HOH A . 
C 3 HOH 55  211 69  HOH HOH A . 
C 3 HOH 56  212 70  HOH HOH A . 
C 3 HOH 57  213 72  HOH HOH A . 
C 3 HOH 58  214 74  HOH HOH A . 
C 3 HOH 59  215 75  HOH HOH A . 
C 3 HOH 60  216 77  HOH HOH A . 
C 3 HOH 61  217 79  HOH HOH A . 
C 3 HOH 62  218 80  HOH HOH A . 
C 3 HOH 63  219 81  HOH HOH A . 
C 3 HOH 64  220 83  HOH HOH A . 
C 3 HOH 65  221 84  HOH HOH A . 
C 3 HOH 66  222 85  HOH HOH A . 
C 3 HOH 67  223 86  HOH HOH A . 
C 3 HOH 68  224 91  HOH HOH A . 
C 3 HOH 69  225 92  HOH HOH A . 
C 3 HOH 70  226 94  HOH HOH A . 
C 3 HOH 71  227 96  HOH HOH A . 
C 3 HOH 72  228 99  HOH HOH A . 
C 3 HOH 73  229 101 HOH HOH A . 
C 3 HOH 74  230 105 HOH HOH A . 
C 3 HOH 75  231 106 HOH HOH A . 
C 3 HOH 76  232 107 HOH HOH A . 
C 3 HOH 77  233 110 HOH HOH A . 
C 3 HOH 78  234 113 HOH HOH A . 
C 3 HOH 79  235 114 HOH HOH A . 
C 3 HOH 80  236 116 HOH HOH A . 
C 3 HOH 81  237 118 HOH HOH A . 
C 3 HOH 82  238 120 HOH HOH A . 
C 3 HOH 83  239 121 HOH HOH A . 
C 3 HOH 84  240 122 HOH HOH A . 
C 3 HOH 85  241 123 HOH HOH A . 
C 3 HOH 86  242 126 HOH HOH A . 
C 3 HOH 87  243 128 HOH HOH A . 
C 3 HOH 88  244 131 HOH HOH A . 
C 3 HOH 89  245 133 HOH HOH A . 
C 3 HOH 90  246 135 HOH HOH A . 
C 3 HOH 91  247 136 HOH HOH A . 
C 3 HOH 92  248 138 HOH HOH A . 
C 3 HOH 93  249 143 HOH HOH A . 
C 3 HOH 94  250 144 HOH HOH A . 
C 3 HOH 95  251 146 HOH HOH A . 
C 3 HOH 96  252 148 HOH HOH A . 
C 3 HOH 97  253 152 HOH HOH A . 
C 3 HOH 98  254 156 HOH HOH A . 
C 3 HOH 99  255 157 HOH HOH A . 
C 3 HOH 100 256 158 HOH HOH A . 
C 3 HOH 101 257 162 HOH HOH A . 
C 3 HOH 102 258 165 HOH HOH A . 
C 3 HOH 103 259 169 HOH HOH A . 
C 3 HOH 104 260 170 HOH HOH A . 
C 3 HOH 105 261 171 HOH HOH A . 
C 3 HOH 106 262 179 HOH HOH A . 
C 3 HOH 107 263 181 HOH HOH A . 
C 3 HOH 108 264 185 HOH HOH A . 
C 3 HOH 109 265 187 HOH HOH A . 
C 3 HOH 110 266 188 HOH HOH A . 
C 3 HOH 111 267 189 HOH HOH A . 
C 3 HOH 112 268 190 HOH HOH A . 
C 3 HOH 113 269 191 HOH HOH A . 
C 3 HOH 114 270 192 HOH HOH A . 
C 3 HOH 115 271 193 HOH HOH A . 
C 3 HOH 116 272 194 HOH HOH A . 
C 3 HOH 117 273 195 HOH HOH A . 
C 3 HOH 118 274 196 HOH HOH A . 
C 3 HOH 119 275 197 HOH HOH A . 
C 3 HOH 120 276 198 HOH HOH A . 
C 3 HOH 121 277 199 HOH HOH A . 
C 3 HOH 122 278 200 HOH HOH A . 
C 3 HOH 123 279 201 HOH HOH A . 
C 3 HOH 124 280 202 HOH HOH A . 
C 3 HOH 125 281 203 HOH HOH A . 
C 3 HOH 126 282 204 HOH HOH A . 
C 3 HOH 127 283 205 HOH HOH A . 
C 3 HOH 128 284 206 HOH HOH A . 
C 3 HOH 129 285 207 HOH HOH A . 
C 3 HOH 130 286 208 HOH HOH A . 
C 3 HOH 131 287 209 HOH HOH A . 
C 3 HOH 132 288 210 HOH HOH A . 
C 3 HOH 133 289 211 HOH HOH A . 
C 3 HOH 134 290 212 HOH HOH A . 
C 3 HOH 135 291 213 HOH HOH A . 
C 3 HOH 136 292 214 HOH HOH A . 
C 3 HOH 137 293 215 HOH HOH A . 
C 3 HOH 138 294 217 HOH HOH A . 
C 3 HOH 139 295 218 HOH HOH A . 
C 3 HOH 140 296 219 HOH HOH A . 
C 3 HOH 141 297 220 HOH HOH A . 
C 3 HOH 142 298 221 HOH HOH A . 
C 3 HOH 143 299 222 HOH HOH A . 
C 3 HOH 144 300 223 HOH HOH A . 
C 3 HOH 145 301 224 HOH HOH A . 
C 3 HOH 146 302 225 HOH HOH A . 
C 3 HOH 147 303 226 HOH HOH A . 
C 3 HOH 148 304 227 HOH HOH A . 
C 3 HOH 149 305 228 HOH HOH A . 
C 3 HOH 150 306 229 HOH HOH A . 
C 3 HOH 151 307 230 HOH HOH A . 
C 3 HOH 152 308 231 HOH HOH A . 
C 3 HOH 153 309 232 HOH HOH A . 
C 3 HOH 154 310 500 HOH HOH A . 
C 3 HOH 155 311 501 HOH HOH A . 
C 3 HOH 156 312 502 HOH HOH A . 
# 
loop_
_software.name 
_software.classification 
_software.version 
_software.citation_id 
_software.pdbx_ordinal 
CCP4      'model building' .     ? 1 
X-PLOR    refinement       3.851 ? 2 
DENZO     'data reduction' .     ? 3 
SCALEPACK 'data scaling'   .     ? 4 
CCP4      phasing          .     ? 5 
# 
_cell.entry_id           1BYS 
_cell.length_a           59.250 
_cell.length_b           59.250 
_cell.length_c           111.740 
_cell.angle_alpha        90.00 
_cell.angle_beta         90.00 
_cell.angle_gamma        90.00 
_cell.Z_PDB              8 
_cell.pdbx_unique_axis   ? 
# 
_symmetry.entry_id                         1BYS 
_symmetry.space_group_name_H-M             'P 43 21 2' 
_symmetry.pdbx_full_space_group_name_H-M   ? 
_symmetry.cell_setting                     ? 
_symmetry.Int_Tables_number                96 
# 
_exptl.entry_id          1BYS 
_exptl.method            'X-RAY DIFFRACTION' 
_exptl.crystals_number   1 
# 
_exptl_crystal.id                    1 
_exptl_crystal.density_meas          ? 
_exptl_crystal.density_Matthews      2.86 
_exptl_crystal.density_percent_sol   55 
_exptl_crystal.description           ? 
# 
_exptl_crystal_grow.crystal_id      1 
_exptl_crystal_grow.method          ? 
_exptl_crystal_grow.temp            ? 
_exptl_crystal_grow.temp_details    ? 
_exptl_crystal_grow.pH              7.5 
_exptl_crystal_grow.pdbx_details    '10 MG/ML PROTEIN + 2M NH4SO4, 100MM TRIS-HCL, PH 7.5' 
_exptl_crystal_grow.pdbx_pH_range   . 
# 
_diffrn.id                     1 
_diffrn.ambient_temp           93 
_diffrn.ambient_temp_details   ? 
_diffrn.crystal_id             1 
# 
_diffrn_detector.diffrn_id              1 
_diffrn_detector.detector               'IMAGE PLATE' 
_diffrn_detector.type                   'RIGAKU RAXIS IV' 
_diffrn_detector.pdbx_collection_date   ? 
_diffrn_detector.details                MIRRORS 
# 
_diffrn_radiation.diffrn_id                        1 
_diffrn_radiation.wavelength_id                    1 
_diffrn_radiation.pdbx_monochromatic_or_laue_m_l   M 
_diffrn_radiation.monochromator                    ? 
_diffrn_radiation.pdbx_diffrn_protocol             'SINGLE WAVELENGTH' 
_diffrn_radiation.pdbx_scattering_type             x-ray 
# 
_diffrn_radiation_wavelength.id           1 
_diffrn_radiation_wavelength.wavelength   1.5418 
_diffrn_radiation_wavelength.wt           1.0 
# 
_diffrn_source.diffrn_id                   1 
_diffrn_source.source                      'ROTATING ANODE' 
_diffrn_source.type                        'RIGAKU RU300' 
_diffrn_source.pdbx_synchrotron_site       ? 
_diffrn_source.pdbx_synchrotron_beamline   ? 
_diffrn_source.pdbx_wavelength             1.5418 
_diffrn_source.pdbx_wavelength_list        ? 
# 
_reflns.entry_id                     1BYS 
_reflns.observed_criterion_sigma_I   0 
_reflns.observed_criterion_sigma_F   ? 
_reflns.d_resolution_low             17.8 
_reflns.d_resolution_high            1.8 
_reflns.number_obs                   17248 
_reflns.number_all                   ? 
_reflns.percent_possible_obs         90 
_reflns.pdbx_Rmerge_I_obs            ? 
_reflns.pdbx_Rsym_value              0.690 
_reflns.pdbx_netI_over_sigmaI        20 
_reflns.B_iso_Wilson_estimate        ? 
_reflns.pdbx_redundancy              6.94 
_reflns.R_free_details               ? 
_reflns.pdbx_ordinal                 1 
_reflns.pdbx_diffrn_id               1 
# 
_reflns_shell.d_res_high             1.8 
_reflns_shell.d_res_low              1.86 
_reflns_shell.percent_possible_all   99 
_reflns_shell.Rmerge_I_obs           ? 
_reflns_shell.pdbx_Rsym_value        0.150 
_reflns_shell.meanI_over_sigI_obs    20 
_reflns_shell.pdbx_redundancy        6 
_reflns_shell.percent_possible_obs   ? 
_reflns_shell.number_unique_all      ? 
_reflns_shell.pdbx_ordinal           1 
_reflns_shell.pdbx_diffrn_id         1 
# 
_refine.entry_id                                 1BYS 
_refine.ls_number_reflns_obs                     12271 
_refine.ls_number_reflns_all                     ? 
_refine.pdbx_ls_sigma_I                          ? 
_refine.pdbx_ls_sigma_F                          0.0 
_refine.pdbx_data_cutoff_high_absF               ? 
_refine.pdbx_data_cutoff_low_absF                ? 
_refine.pdbx_data_cutoff_high_rms_absF           ? 
_refine.ls_d_res_low                             8.0 
_refine.ls_d_res_high                            2.0 
_refine.ls_percent_reflns_obs                    90.0 
_refine.ls_R_factor_obs                          0.2030000 
_refine.ls_R_factor_all                          ? 
_refine.ls_R_factor_R_work                       0.2030000 
_refine.ls_R_factor_R_free                       0.2720000 
_refine.ls_R_factor_R_free_error                 ? 
_refine.ls_R_factor_R_free_error_details         ? 
_refine.ls_percent_reflns_R_free                 10.0 
_refine.ls_number_reflns_R_free                  1221 
_refine.ls_number_parameters                     ? 
_refine.ls_number_restraints                     ? 
_refine.occupancy_min                            ? 
_refine.occupancy_max                            ? 
_refine.B_iso_mean                               ? 
_refine.aniso_B[1][1]                            ? 
_refine.aniso_B[2][2]                            ? 
_refine.aniso_B[3][3]                            ? 
_refine.aniso_B[1][2]                            ? 
_refine.aniso_B[1][3]                            ? 
_refine.aniso_B[2][3]                            ? 
_refine.solvent_model_details                    ? 
_refine.solvent_model_param_ksol                 ? 
_refine.solvent_model_param_bsol                 ? 
_refine.pdbx_ls_cross_valid_method               THROUGHOUT 
_refine.details                                  ? 
_refine.pdbx_starting_model                      ? 
_refine.pdbx_method_to_determine_struct          ? 
_refine.pdbx_isotropic_thermal_model             ? 
_refine.pdbx_stereochemistry_target_values       ? 
_refine.pdbx_stereochem_target_val_spec_case     ? 
_refine.pdbx_R_Free_selection_details            RANDOM 
_refine.pdbx_overall_ESU_R                       ? 
_refine.pdbx_overall_ESU_R_Free                  ? 
_refine.overall_SU_ML                            ? 
_refine.overall_SU_B                             ? 
_refine.ls_redundancy_reflns_obs                 ? 
_refine.pdbx_refine_id                           'X-RAY DIFFRACTION' 
_refine.pdbx_diffrn_id                           1 
_refine.pdbx_TLS_residual_ADP_flag               ? 
_refine.correlation_coeff_Fo_to_Fc               ? 
_refine.correlation_coeff_Fo_to_Fc_free          ? 
_refine.pdbx_solvent_vdw_probe_radii             ? 
_refine.pdbx_solvent_ion_probe_radii             ? 
_refine.pdbx_solvent_shrinkage_radii             ? 
_refine.pdbx_overall_phase_error                 ? 
_refine.overall_SU_R_Cruickshank_DPI             ? 
_refine.pdbx_overall_SU_R_free_Cruickshank_DPI   ? 
_refine.pdbx_overall_SU_R_Blow_DPI               ? 
_refine.pdbx_overall_SU_R_free_Blow_DPI          ? 
# 
_refine_hist.pdbx_refine_id                   'X-RAY DIFFRACTION' 
_refine_hist.cycle_id                         LAST 
_refine_hist.pdbx_number_atoms_protein        1181 
_refine_hist.pdbx_number_atoms_nucleic_acid   0 
_refine_hist.pdbx_number_atoms_ligand         3 
_refine_hist.number_atoms_solvent             156 
_refine_hist.number_atoms_total               1340 
_refine_hist.d_res_high                       2.0 
_refine_hist.d_res_low                        8.0 
# 
loop_
_refine_ls_restr.type 
_refine_ls_restr.dev_ideal 
_refine_ls_restr.dev_ideal_target 
_refine_ls_restr.weight 
_refine_ls_restr.number 
_refine_ls_restr.pdbx_refine_id 
_refine_ls_restr.pdbx_restraint_function 
x_bond_d                0.015 ? ? ? 'X-RAY DIFFRACTION' ? 
x_bond_d_na             ?     ? ? ? 'X-RAY DIFFRACTION' ? 
x_bond_d_prot           ?     ? ? ? 'X-RAY DIFFRACTION' ? 
x_angle_d               ?     ? ? ? 'X-RAY DIFFRACTION' ? 
x_angle_d_na            ?     ? ? ? 'X-RAY DIFFRACTION' ? 
x_angle_d_prot          ?     ? ? ? 'X-RAY DIFFRACTION' ? 
x_angle_deg             1.61  ? ? ? 'X-RAY DIFFRACTION' ? 
x_angle_deg_na          ?     ? ? ? 'X-RAY DIFFRACTION' ? 
x_angle_deg_prot        ?     ? ? ? 'X-RAY DIFFRACTION' ? 
x_dihedral_angle_d      25.81 ? ? ? 'X-RAY DIFFRACTION' ? 
x_dihedral_angle_d_na   ?     ? ? ? 'X-RAY DIFFRACTION' ? 
x_dihedral_angle_d_prot ?     ? ? ? 'X-RAY DIFFRACTION' ? 
x_improper_angle_d      0.776 ? ? ? 'X-RAY DIFFRACTION' ? 
x_improper_angle_d_na   ?     ? ? ? 'X-RAY DIFFRACTION' ? 
x_improper_angle_d_prot ?     ? ? ? 'X-RAY DIFFRACTION' ? 
x_mcbond_it             ?     ? ? ? 'X-RAY DIFFRACTION' ? 
x_mcangle_it            ?     ? ? ? 'X-RAY DIFFRACTION' ? 
x_scbond_it             ?     ? ? ? 'X-RAY DIFFRACTION' ? 
x_scangle_it            ?     ? ? ? 'X-RAY DIFFRACTION' ? 
# 
_refine_ls_shell.pdbx_total_number_of_bins_used   8 
_refine_ls_shell.d_res_high                       2.0 
_refine_ls_shell.d_res_low                        2.15 
_refine_ls_shell.number_reflns_R_work             1526 
_refine_ls_shell.R_factor_R_work                  0.2720000 
_refine_ls_shell.percent_reflns_obs               99. 
_refine_ls_shell.R_factor_R_free                  0.2970000 
_refine_ls_shell.R_factor_R_free_error            ? 
_refine_ls_shell.percent_reflns_R_free            9.8 
_refine_ls_shell.number_reflns_R_free             136 
_refine_ls_shell.redundancy_reflns_obs            ? 
_refine_ls_shell.pdbx_refine_id                   'X-RAY DIFFRACTION' 
_refine_ls_shell.number_reflns_all                ? 
_refine_ls_shell.R_factor_all                     ? 
# 
loop_
_pdbx_xplor_file.serial_no 
_pdbx_xplor_file.param_file 
_pdbx_xplor_file.topol_file 
_pdbx_xplor_file.pdbx_refine_id 
1 PROTEIN_REP.PARAM TOPHCSDX.PRO 'X-RAY DIFFRACTION' 
2 PARAM11.WAT       TOPH19.PEP   'X-RAY DIFFRACTION' 
3 PARAMED.LIG       TOPH11.WAT   'X-RAY DIFFRACTION' 
4 ?                 TOPO.TUNG    'X-RAY DIFFRACTION' 
# 
_struct.entry_id                  1BYS 
_struct.title                     'CRYSTAL STRUCTURE OF NUC COMPLEXED WITH TUNGSTATE' 
_struct.pdbx_model_details        ? 
_struct.pdbx_CASP_flag            ? 
_struct.pdbx_model_type_details   ? 
# 
_struct_keywords.entry_id        1BYS 
_struct_keywords.pdbx_keywords   ENDONUCLEASE 
_struct_keywords.text            'ENDONUCLEASE, PHOSPHODIESTERASE' 
# 
loop_
_struct_asym.id 
_struct_asym.pdbx_blank_PDB_chainid_flag 
_struct_asym.pdbx_modified 
_struct_asym.entity_id 
_struct_asym.details 
A N N 1 ? 
B N N 2 ? 
C N N 3 ? 
# 
_struct_ref.id                         1 
_struct_ref.db_name                    UNP 
_struct_ref.db_code                    Q46707_ECOLI 
_struct_ref.entity_id                  1 
_struct_ref.pdbx_db_accession          Q46707 
_struct_ref.pdbx_db_isoform            ? 
_struct_ref.pdbx_seq_one_letter_code   ? 
_struct_ref.pdbx_align_begin           ? 
# 
_struct_ref_seq.align_id                      1 
_struct_ref_seq.ref_id                        1 
_struct_ref_seq.pdbx_PDB_id_code              1BYS 
_struct_ref_seq.pdbx_strand_id                A 
_struct_ref_seq.seq_align_beg                 1 
_struct_ref_seq.pdbx_seq_align_beg_ins_code   ? 
_struct_ref_seq.seq_align_end                 155 
_struct_ref_seq.pdbx_seq_align_end_ins_code   ? 
_struct_ref_seq.pdbx_db_accession             Q46707 
_struct_ref_seq.db_align_beg                  23 
_struct_ref_seq.pdbx_db_align_beg_ins_code    ? 
_struct_ref_seq.db_align_end                  177 
_struct_ref_seq.pdbx_db_align_end_ins_code    ? 
_struct_ref_seq.pdbx_auth_seq_align_beg       1 
_struct_ref_seq.pdbx_auth_seq_align_end       155 
# 
_pdbx_struct_assembly.id                   1 
_pdbx_struct_assembly.details              author_and_software_defined_assembly 
_pdbx_struct_assembly.method_details       PISA,PQS 
_pdbx_struct_assembly.oligomeric_details   dimeric 
_pdbx_struct_assembly.oligomeric_count     2 
# 
loop_
_pdbx_struct_assembly_prop.biol_id 
_pdbx_struct_assembly_prop.type 
_pdbx_struct_assembly_prop.value 
_pdbx_struct_assembly_prop.details 
1 'ABSA (A^2)' 2850  ? 
1 MORE         -26   ? 
1 'SSA (A^2)'  11340 ? 
# 
_pdbx_struct_assembly_gen.assembly_id       1 
_pdbx_struct_assembly_gen.oper_expression   1,2 
_pdbx_struct_assembly_gen.asym_id_list      A,B,C 
# 
loop_
_pdbx_struct_oper_list.id 
_pdbx_struct_oper_list.type 
_pdbx_struct_oper_list.name 
_pdbx_struct_oper_list.symmetry_operation 
_pdbx_struct_oper_list.matrix[1][1] 
_pdbx_struct_oper_list.matrix[1][2] 
_pdbx_struct_oper_list.matrix[1][3] 
_pdbx_struct_oper_list.vector[1] 
_pdbx_struct_oper_list.matrix[2][1] 
_pdbx_struct_oper_list.matrix[2][2] 
_pdbx_struct_oper_list.matrix[2][3] 
_pdbx_struct_oper_list.vector[2] 
_pdbx_struct_oper_list.matrix[3][1] 
_pdbx_struct_oper_list.matrix[3][2] 
_pdbx_struct_oper_list.matrix[3][3] 
_pdbx_struct_oper_list.vector[3] 
1 'identity operation'         1_555 x,y,z  1.0000000000  0.0000000000  0.0000000000  0.0000000000  0.0000000000  1.0000000000  0.0000000000 0.0000000000   0.0000000000  0.0000000000 1.0000000000 0.0000000000  
2 'crystal symmetry operation' 7_555 y,x,-z -0.9766166862 -0.1092706588 -0.1851479714 -2.4771509803 -0.1092706588 -0.4893761861 0.8651999027 -20.5825917159 -0.1851479714 0.8651999027 0.4659928723 11.8345847372 
# 
_struct_biol.id   1 
# 
loop_
_struct_conf.conf_type_id 
_struct_conf.id 
_struct_conf.pdbx_PDB_helix_id 
_struct_conf.beg_label_comp_id 
_struct_conf.beg_label_asym_id 
_struct_conf.beg_label_seq_id 
_struct_conf.pdbx_beg_PDB_ins_code 
_struct_conf.end_label_comp_id 
_struct_conf.end_label_asym_id 
_struct_conf.end_label_seq_id 
_struct_conf.pdbx_end_PDB_ins_code 
_struct_conf.beg_auth_comp_id 
_struct_conf.beg_auth_asym_id 
_struct_conf.beg_auth_seq_id 
_struct_conf.end_auth_comp_id 
_struct_conf.end_auth_asym_id 
_struct_conf.end_auth_seq_id 
_struct_conf.pdbx_PDB_helix_class 
_struct_conf.details 
_struct_conf.pdbx_PDB_helix_length 
HELX_P HELX_P1 1 SER A 14  ? SER A 25  ? SER A 14  SER A 25  1 ? 12 
HELX_P HELX_P2 2 PRO A 40  ? LYS A 51  ? PRO A 40  LYS A 51  1 ? 12 
HELX_P HELX_P3 3 ARG A 68  ? SER A 80  ? ARG A 68  SER A 80  1 ? 13 
HELX_P HELX_P4 4 LYS A 114 ? THR A 118 ? LYS A 114 THR A 118 1 ? 5  
HELX_P HELX_P5 5 PRO A 131 ? GLN A 147 ? PRO A 131 GLN A 147 1 ? 17 
# 
_struct_conf_type.id          HELX_P 
_struct_conf_type.criteria    ? 
_struct_conf_type.reference   ? 
# 
loop_
_struct_conn.id 
_struct_conn.conn_type_id 
_struct_conn.pdbx_leaving_atom_flag 
_struct_conn.pdbx_PDB_id 
_struct_conn.ptnr1_label_asym_id 
_struct_conn.ptnr1_label_comp_id 
_struct_conn.ptnr1_label_seq_id 
_struct_conn.ptnr1_label_atom_id 
_struct_conn.pdbx_ptnr1_label_alt_id 
_struct_conn.pdbx_ptnr1_PDB_ins_code 
_struct_conn.pdbx_ptnr1_standard_comp_id 
_struct_conn.ptnr1_symmetry 
_struct_conn.ptnr2_label_asym_id 
_struct_conn.ptnr2_label_comp_id 
_struct_conn.ptnr2_label_seq_id 
_struct_conn.ptnr2_label_atom_id 
_struct_conn.pdbx_ptnr2_label_alt_id 
_struct_conn.pdbx_ptnr2_PDB_ins_code 
_struct_conn.ptnr1_auth_asym_id 
_struct_conn.ptnr1_auth_comp_id 
_struct_conn.ptnr1_auth_seq_id 
_struct_conn.ptnr2_auth_asym_id 
_struct_conn.ptnr2_auth_comp_id 
_struct_conn.ptnr2_auth_seq_id 
_struct_conn.ptnr2_symmetry 
_struct_conn.pdbx_ptnr3_label_atom_id 
_struct_conn.pdbx_ptnr3_label_seq_id 
_struct_conn.pdbx_ptnr3_label_comp_id 
_struct_conn.pdbx_ptnr3_label_asym_id 
_struct_conn.pdbx_ptnr3_label_alt_id 
_struct_conn.pdbx_ptnr3_PDB_ins_code 
_struct_conn.details 
_struct_conn.pdbx_dist_value 
_struct_conn.pdbx_value_order 
_struct_conn.pdbx_role 
metalc1 metalc ? ? A HIS 94 NE2 ? ? ? 1_555 B WO4 . W ? ? A HIS 94 A WO4 156 1_555 ? ? ? ? ? ? ? 2.941 ? ? 
metalc2 metalc ? ? A HIS 94 NE2 ? ? ? 7_555 B WO4 . W ? ? A HIS 94 A WO4 156 1_555 ? ? ? ? ? ? ? 2.941 ? ? 
# 
_struct_conn_type.id          metalc 
_struct_conn_type.criteria    ? 
_struct_conn_type.reference   ? 
# 
loop_
_pdbx_struct_conn_angle.id 
_pdbx_struct_conn_angle.ptnr1_label_atom_id 
_pdbx_struct_conn_angle.ptnr1_label_alt_id 
_pdbx_struct_conn_angle.ptnr1_label_asym_id 
_pdbx_struct_conn_angle.ptnr1_label_comp_id 
_pdbx_struct_conn_angle.ptnr1_label_seq_id 
_pdbx_struct_conn_angle.ptnr1_auth_atom_id 
_pdbx_struct_conn_angle.ptnr1_auth_asym_id 
_pdbx_struct_conn_angle.ptnr1_auth_comp_id 
_pdbx_struct_conn_angle.ptnr1_auth_seq_id 
_pdbx_struct_conn_angle.ptnr1_PDB_ins_code 
_pdbx_struct_conn_angle.ptnr1_symmetry 
_pdbx_struct_conn_angle.ptnr2_label_atom_id 
_pdbx_struct_conn_angle.ptnr2_label_alt_id 
_pdbx_struct_conn_angle.ptnr2_label_asym_id 
_pdbx_struct_conn_angle.ptnr2_label_comp_id 
_pdbx_struct_conn_angle.ptnr2_label_seq_id 
_pdbx_struct_conn_angle.ptnr2_auth_atom_id 
_pdbx_struct_conn_angle.ptnr2_auth_asym_id 
_pdbx_struct_conn_angle.ptnr2_auth_comp_id 
_pdbx_struct_conn_angle.ptnr2_auth_seq_id 
_pdbx_struct_conn_angle.ptnr2_PDB_ins_code 
_pdbx_struct_conn_angle.ptnr2_symmetry 
_pdbx_struct_conn_angle.ptnr3_label_atom_id 
_pdbx_struct_conn_angle.ptnr3_label_alt_id 
_pdbx_struct_conn_angle.ptnr3_label_asym_id 
_pdbx_struct_conn_angle.ptnr3_label_comp_id 
_pdbx_struct_conn_angle.ptnr3_label_seq_id 
_pdbx_struct_conn_angle.ptnr3_auth_atom_id 
_pdbx_struct_conn_angle.ptnr3_auth_asym_id 
_pdbx_struct_conn_angle.ptnr3_auth_comp_id 
_pdbx_struct_conn_angle.ptnr3_auth_seq_id 
_pdbx_struct_conn_angle.ptnr3_PDB_ins_code 
_pdbx_struct_conn_angle.ptnr3_symmetry 
_pdbx_struct_conn_angle.value 
_pdbx_struct_conn_angle.value_esd 
1 NE2 ? A HIS 94 ? A HIS 94  ? 1_555 W ? B WO4 . ? A WO4 156 ? 1_555 O1  ? B WO4 .  ? A WO4 156 ? 1_555 76.6  ? 
2 NE2 ? A HIS 94 ? A HIS 94  ? 1_555 W ? B WO4 . ? A WO4 156 ? 1_555 O2  ? B WO4 .  ? A WO4 156 ? 1_555 60.1  ? 
3 O1  ? B WO4 .  ? A WO4 156 ? 1_555 W ? B WO4 . ? A WO4 156 ? 1_555 O2  ? B WO4 .  ? A WO4 156 ? 1_555 109.9 ? 
4 NE2 ? A HIS 94 ? A HIS 94  ? 1_555 W ? B WO4 . ? A WO4 156 ? 1_555 NE2 ? A HIS 94 ? A HIS 94  ? 7_555 130.1 ? 
5 O1  ? B WO4 .  ? A WO4 156 ? 1_555 W ? B WO4 . ? A WO4 156 ? 1_555 NE2 ? A HIS 94 ? A HIS 94  ? 7_555 74.5  ? 
6 O2  ? B WO4 .  ? A WO4 156 ? 1_555 W ? B WO4 . ? A WO4 156 ? 1_555 NE2 ? A HIS 94 ? A HIS 94  ? 7_555 169.7 ? 
# 
_struct_mon_prot_cis.pdbx_id                1 
_struct_mon_prot_cis.label_comp_id          SER 
_struct_mon_prot_cis.label_seq_id           10 
_struct_mon_prot_cis.label_asym_id          A 
_struct_mon_prot_cis.label_alt_id           . 
_struct_mon_prot_cis.pdbx_PDB_ins_code      ? 
_struct_mon_prot_cis.auth_comp_id           SER 
_struct_mon_prot_cis.auth_seq_id            10 
_struct_mon_prot_cis.auth_asym_id           A 
_struct_mon_prot_cis.pdbx_label_comp_id_2   PRO 
_struct_mon_prot_cis.pdbx_label_seq_id_2    11 
_struct_mon_prot_cis.pdbx_label_asym_id_2   A 
_struct_mon_prot_cis.pdbx_PDB_ins_code_2    ? 
_struct_mon_prot_cis.pdbx_auth_comp_id_2    PRO 
_struct_mon_prot_cis.pdbx_auth_seq_id_2     11 
_struct_mon_prot_cis.pdbx_auth_asym_id_2    A 
_struct_mon_prot_cis.pdbx_PDB_model_num     1 
_struct_mon_prot_cis.pdbx_omega_angle       0.07 
# 
_struct_sheet.id               A 
_struct_sheet.type             ? 
_struct_sheet.number_strands   7 
_struct_sheet.details          ? 
# 
loop_
_struct_sheet_order.sheet_id 
_struct_sheet_order.range_id_1 
_struct_sheet_order.range_id_2 
_struct_sheet_order.offset 
_struct_sheet_order.sense 
A 1 2 ? anti-parallel 
A 2 3 ? anti-parallel 
A 3 4 ? anti-parallel 
A 4 5 ? anti-parallel 
A 5 6 ? parallel      
A 6 7 ? parallel      
# 
loop_
_struct_sheet_range.sheet_id 
_struct_sheet_range.id 
_struct_sheet_range.beg_label_comp_id 
_struct_sheet_range.beg_label_asym_id 
_struct_sheet_range.beg_label_seq_id 
_struct_sheet_range.pdbx_beg_PDB_ins_code 
_struct_sheet_range.end_label_comp_id 
_struct_sheet_range.end_label_asym_id 
_struct_sheet_range.end_label_seq_id 
_struct_sheet_range.pdbx_end_PDB_ins_code 
_struct_sheet_range.beg_auth_comp_id 
_struct_sheet_range.beg_auth_asym_id 
_struct_sheet_range.beg_auth_seq_id 
_struct_sheet_range.end_auth_comp_id 
_struct_sheet_range.end_auth_asym_id 
_struct_sheet_range.end_auth_seq_id 
A 1 SER A 4   ? SER A 10  ? SER A 4   SER A 10  
A 2 GLU A 122 ? TRP A 128 ? GLU A 122 TRP A 128 
A 3 THR A 104 ? GLY A 108 ? THR A 104 GLY A 108 
A 4 VAL A 97  ? VAL A 100 ? VAL A 97  VAL A 100 
A 5 SER A 29  ? ALA A 34  ? SER A 29  ALA A 34  
A 6 ASP A 55  ? ASP A 61  ? ASP A 55  ASP A 61  
A 7 PRO A 83  ? ASP A 87  ? PRO A 83  ASP A 87  
# 
loop_
_pdbx_struct_sheet_hbond.sheet_id 
_pdbx_struct_sheet_hbond.range_id_1 
_pdbx_struct_sheet_hbond.range_id_2 
_pdbx_struct_sheet_hbond.range_1_label_atom_id 
_pdbx_struct_sheet_hbond.range_1_label_comp_id 
_pdbx_struct_sheet_hbond.range_1_label_asym_id 
_pdbx_struct_sheet_hbond.range_1_label_seq_id 
_pdbx_struct_sheet_hbond.range_1_PDB_ins_code 
_pdbx_struct_sheet_hbond.range_1_auth_atom_id 
_pdbx_struct_sheet_hbond.range_1_auth_comp_id 
_pdbx_struct_sheet_hbond.range_1_auth_asym_id 
_pdbx_struct_sheet_hbond.range_1_auth_seq_id 
_pdbx_struct_sheet_hbond.range_2_label_atom_id 
_pdbx_struct_sheet_hbond.range_2_label_comp_id 
_pdbx_struct_sheet_hbond.range_2_label_asym_id 
_pdbx_struct_sheet_hbond.range_2_label_seq_id 
_pdbx_struct_sheet_hbond.range_2_PDB_ins_code 
_pdbx_struct_sheet_hbond.range_2_auth_atom_id 
_pdbx_struct_sheet_hbond.range_2_auth_comp_id 
_pdbx_struct_sheet_hbond.range_2_auth_asym_id 
_pdbx_struct_sheet_hbond.range_2_auth_seq_id 
A 1 2 O SER A 4   ? O SER A 4   N TRP A 128 ? N TRP A 128 
A 2 3 O VAL A 125 ? O VAL A 125 N THR A 107 ? N THR A 107 
A 3 4 O THR A 104 ? O THR A 104 N VAL A 100 ? N VAL A 100 
A 4 5 O VAL A 97  ? O VAL A 97  N MET A 33  ? N MET A 33  
A 5 6 O ILE A 30  ? O ILE A 30  N ASP A 55  ? N ASP A 55  
A 6 7 O ILE A 58  ? O ILE A 58  N PRO A 83  ? N PRO A 83  
# 
loop_
_struct_site.id 
_struct_site.pdbx_evidence_code 
_struct_site.pdbx_auth_asym_id 
_struct_site.pdbx_auth_comp_id 
_struct_site.pdbx_auth_seq_id 
_struct_site.pdbx_auth_ins_code 
_struct_site.pdbx_num_residues 
_struct_site.details 
ACT Author   ? ?   ?   ? 4 'RESIDUES FROM BOTH MONOMERS CREATE THE ACTIVE SITE.' 
AC1 Software A WO4 156 ? 5 'BINDING SITE FOR RESIDUE WO4 A 156'                  
# 
loop_
_struct_site_gen.id 
_struct_site_gen.site_id 
_struct_site_gen.pdbx_num_res 
_struct_site_gen.label_comp_id 
_struct_site_gen.label_asym_id 
_struct_site_gen.label_seq_id 
_struct_site_gen.pdbx_auth_ins_code 
_struct_site_gen.auth_comp_id 
_struct_site_gen.auth_asym_id 
_struct_site_gen.auth_seq_id 
_struct_site_gen.label_atom_id 
_struct_site_gen.label_alt_id 
_struct_site_gen.symmetry 
_struct_site_gen.details 
1 ACT 4 HIS A 94  ? HIS A 94  . ? 1_555 ? 
2 ACT 4 LYS A 96  ? LYS A 96  . ? 1_555 ? 
3 ACT 4 ASN A 111 ? ASN A 111 . ? 1_555 ? 
4 ACT 4 WO4 B .   ? WO4 A 156 . ? 1_555 ? 
5 AC1 5 HIS A 94  ? HIS A 94  . ? 1_555 ? 
6 AC1 5 HIS A 94  ? HIS A 94  . ? 7_555 ? 
7 AC1 5 LYS A 96  ? LYS A 96  . ? 1_555 ? 
8 AC1 5 ASN A 111 ? ASN A 111 . ? 1_555 ? 
9 AC1 5 HOH C .   ? HOH A 312 . ? 1_555 ? 
# 
_pdbx_validate_close_contact.id               1 
_pdbx_validate_close_contact.PDB_model_num    1 
_pdbx_validate_close_contact.auth_atom_id_1   O 
_pdbx_validate_close_contact.auth_asym_id_1   A 
_pdbx_validate_close_contact.auth_comp_id_1   HOH 
_pdbx_validate_close_contact.auth_seq_id_1    163 
_pdbx_validate_close_contact.PDB_ins_code_1   ? 
_pdbx_validate_close_contact.label_alt_id_1   ? 
_pdbx_validate_close_contact.auth_atom_id_2   O 
_pdbx_validate_close_contact.auth_asym_id_2   A 
_pdbx_validate_close_contact.auth_comp_id_2   HOH 
_pdbx_validate_close_contact.auth_seq_id_2    195 
_pdbx_validate_close_contact.PDB_ins_code_2   ? 
_pdbx_validate_close_contact.label_alt_id_2   ? 
_pdbx_validate_close_contact.dist             2.09 
# 
loop_
_pdbx_validate_torsion.id 
_pdbx_validate_torsion.PDB_model_num 
_pdbx_validate_torsion.auth_comp_id 
_pdbx_validate_torsion.auth_asym_id 
_pdbx_validate_torsion.auth_seq_id 
_pdbx_validate_torsion.PDB_ins_code 
_pdbx_validate_torsion.label_alt_id 
_pdbx_validate_torsion.phi 
_pdbx_validate_torsion.psi 
1 1 TYR A 35  ? ? -94.22  -109.55 
2 1 THR A 38  ? ? -142.18 -18.60  
3 1 VAL A 103 ? ? -141.68 -5.78   
4 1 PHE A 110 ? ? -52.83  106.66  
5 1 LYS A 119 ? ? -128.96 -51.82  
# 
_pdbx_struct_special_symmetry.id              1 
_pdbx_struct_special_symmetry.PDB_model_num   1 
_pdbx_struct_special_symmetry.auth_asym_id    A 
_pdbx_struct_special_symmetry.auth_comp_id    WO4 
_pdbx_struct_special_symmetry.auth_seq_id     156 
_pdbx_struct_special_symmetry.PDB_ins_code    ? 
_pdbx_struct_special_symmetry.label_asym_id   B 
_pdbx_struct_special_symmetry.label_comp_id   WO4 
_pdbx_struct_special_symmetry.label_seq_id    . 
# 
loop_
_pdbx_unobs_or_zero_occ_residues.id 
_pdbx_unobs_or_zero_occ_residues.PDB_model_num 
_pdbx_unobs_or_zero_occ_residues.polymer_flag 
_pdbx_unobs_or_zero_occ_residues.occupancy_flag 
_pdbx_unobs_or_zero_occ_residues.auth_asym_id 
_pdbx_unobs_or_zero_occ_residues.auth_comp_id 
_pdbx_unobs_or_zero_occ_residues.auth_seq_id 
_pdbx_unobs_or_zero_occ_residues.PDB_ins_code 
_pdbx_unobs_or_zero_occ_residues.label_asym_id 
_pdbx_unobs_or_zero_occ_residues.label_comp_id 
_pdbx_unobs_or_zero_occ_residues.label_seq_id 
1 1 Y 1 A VAL 1   ? A VAL 1   
2 1 Y 1 A SER 154 ? A SER 154 
3 1 Y 1 A TYR 155 ? A TYR 155 
# 
loop_
_chem_comp_atom.comp_id 
_chem_comp_atom.atom_id 
_chem_comp_atom.type_symbol 
_chem_comp_atom.pdbx_aromatic_flag 
_chem_comp_atom.pdbx_stereo_config 
_chem_comp_atom.pdbx_ordinal 
ALA N    N N N 1   
ALA CA   C N S 2   
ALA C    C N N 3   
ALA O    O N N 4   
ALA CB   C N N 5   
ALA OXT  O N N 6   
ALA H    H N N 7   
ALA H2   H N N 8   
ALA HA   H N N 9   
ALA HB1  H N N 10  
ALA HB2  H N N 11  
ALA HB3  H N N 12  
ALA HXT  H N N 13  
ARG N    N N N 14  
ARG CA   C N S 15  
ARG C    C N N 16  
ARG O    O N N 17  
ARG CB   C N N 18  
ARG CG   C N N 19  
ARG CD   C N N 20  
ARG NE   N N N 21  
ARG CZ   C N N 22  
ARG NH1  N N N 23  
ARG NH2  N N N 24  
ARG OXT  O N N 25  
ARG H    H N N 26  
ARG H2   H N N 27  
ARG HA   H N N 28  
ARG HB2  H N N 29  
ARG HB3  H N N 30  
ARG HG2  H N N 31  
ARG HG3  H N N 32  
ARG HD2  H N N 33  
ARG HD3  H N N 34  
ARG HE   H N N 35  
ARG HH11 H N N 36  
ARG HH12 H N N 37  
ARG HH21 H N N 38  
ARG HH22 H N N 39  
ARG HXT  H N N 40  
ASN N    N N N 41  
ASN CA   C N S 42  
ASN C    C N N 43  
ASN O    O N N 44  
ASN CB   C N N 45  
ASN CG   C N N 46  
ASN OD1  O N N 47  
ASN ND2  N N N 48  
ASN OXT  O N N 49  
ASN H    H N N 50  
ASN H2   H N N 51  
ASN HA   H N N 52  
ASN HB2  H N N 53  
ASN HB3  H N N 54  
ASN HD21 H N N 55  
ASN HD22 H N N 56  
ASN HXT  H N N 57  
ASP N    N N N 58  
ASP CA   C N S 59  
ASP C    C N N 60  
ASP O    O N N 61  
ASP CB   C N N 62  
ASP CG   C N N 63  
ASP OD1  O N N 64  
ASP OD2  O N N 65  
ASP OXT  O N N 66  
ASP H    H N N 67  
ASP H2   H N N 68  
ASP HA   H N N 69  
ASP HB2  H N N 70  
ASP HB3  H N N 71  
ASP HD2  H N N 72  
ASP HXT  H N N 73  
GLN N    N N N 74  
GLN CA   C N S 75  
GLN C    C N N 76  
GLN O    O N N 77  
GLN CB   C N N 78  
GLN CG   C N N 79  
GLN CD   C N N 80  
GLN OE1  O N N 81  
GLN NE2  N N N 82  
GLN OXT  O N N 83  
GLN H    H N N 84  
GLN H2   H N N 85  
GLN HA   H N N 86  
GLN HB2  H N N 87  
GLN HB3  H N N 88  
GLN HG2  H N N 89  
GLN HG3  H N N 90  
GLN HE21 H N N 91  
GLN HE22 H N N 92  
GLN HXT  H N N 93  
GLU N    N N N 94  
GLU CA   C N S 95  
GLU C    C N N 96  
GLU O    O N N 97  
GLU CB   C N N 98  
GLU CG   C N N 99  
GLU CD   C N N 100 
GLU OE1  O N N 101 
GLU OE2  O N N 102 
GLU OXT  O N N 103 
GLU H    H N N 104 
GLU H2   H N N 105 
GLU HA   H N N 106 
GLU HB2  H N N 107 
GLU HB3  H N N 108 
GLU HG2  H N N 109 
GLU HG3  H N N 110 
GLU HE2  H N N 111 
GLU HXT  H N N 112 
GLY N    N N N 113 
GLY CA   C N N 114 
GLY C    C N N 115 
GLY O    O N N 116 
GLY OXT  O N N 117 
GLY H    H N N 118 
GLY H2   H N N 119 
GLY HA2  H N N 120 
GLY HA3  H N N 121 
GLY HXT  H N N 122 
HIS N    N N N 123 
HIS CA   C N S 124 
HIS C    C N N 125 
HIS O    O N N 126 
HIS CB   C N N 127 
HIS CG   C Y N 128 
HIS ND1  N Y N 129 
HIS CD2  C Y N 130 
HIS CE1  C Y N 131 
HIS NE2  N Y N 132 
HIS OXT  O N N 133 
HIS H    H N N 134 
HIS H2   H N N 135 
HIS HA   H N N 136 
HIS HB2  H N N 137 
HIS HB3  H N N 138 
HIS HD1  H N N 139 
HIS HD2  H N N 140 
HIS HE1  H N N 141 
HIS HE2  H N N 142 
HIS HXT  H N N 143 
HOH O    O N N 144 
HOH H1   H N N 145 
HOH H2   H N N 146 
ILE N    N N N 147 
ILE CA   C N S 148 
ILE C    C N N 149 
ILE O    O N N 150 
ILE CB   C N S 151 
ILE CG1  C N N 152 
ILE CG2  C N N 153 
ILE CD1  C N N 154 
ILE OXT  O N N 155 
ILE H    H N N 156 
ILE H2   H N N 157 
ILE HA   H N N 158 
ILE HB   H N N 159 
ILE HG12 H N N 160 
ILE HG13 H N N 161 
ILE HG21 H N N 162 
ILE HG22 H N N 163 
ILE HG23 H N N 164 
ILE HD11 H N N 165 
ILE HD12 H N N 166 
ILE HD13 H N N 167 
ILE HXT  H N N 168 
LEU N    N N N 169 
LEU CA   C N S 170 
LEU C    C N N 171 
LEU O    O N N 172 
LEU CB   C N N 173 
LEU CG   C N N 174 
LEU CD1  C N N 175 
LEU CD2  C N N 176 
LEU OXT  O N N 177 
LEU H    H N N 178 
LEU H2   H N N 179 
LEU HA   H N N 180 
LEU HB2  H N N 181 
LEU HB3  H N N 182 
LEU HG   H N N 183 
LEU HD11 H N N 184 
LEU HD12 H N N 185 
LEU HD13 H N N 186 
LEU HD21 H N N 187 
LEU HD22 H N N 188 
LEU HD23 H N N 189 
LEU HXT  H N N 190 
LYS N    N N N 191 
LYS CA   C N S 192 
LYS C    C N N 193 
LYS O    O N N 194 
LYS CB   C N N 195 
LYS CG   C N N 196 
LYS CD   C N N 197 
LYS CE   C N N 198 
LYS NZ   N N N 199 
LYS OXT  O N N 200 
LYS H    H N N 201 
LYS H2   H N N 202 
LYS HA   H N N 203 
LYS HB2  H N N 204 
LYS HB3  H N N 205 
LYS HG2  H N N 206 
LYS HG3  H N N 207 
LYS HD2  H N N 208 
LYS HD3  H N N 209 
LYS HE2  H N N 210 
LYS HE3  H N N 211 
LYS HZ1  H N N 212 
LYS HZ2  H N N 213 
LYS HZ3  H N N 214 
LYS HXT  H N N 215 
MET N    N N N 216 
MET CA   C N S 217 
MET C    C N N 218 
MET O    O N N 219 
MET CB   C N N 220 
MET CG   C N N 221 
MET SD   S N N 222 
MET CE   C N N 223 
MET OXT  O N N 224 
MET H    H N N 225 
MET H2   H N N 226 
MET HA   H N N 227 
MET HB2  H N N 228 
MET HB3  H N N 229 
MET HG2  H N N 230 
MET HG3  H N N 231 
MET HE1  H N N 232 
MET HE2  H N N 233 
MET HE3  H N N 234 
MET HXT  H N N 235 
PHE N    N N N 236 
PHE CA   C N S 237 
PHE C    C N N 238 
PHE O    O N N 239 
PHE CB   C N N 240 
PHE CG   C Y N 241 
PHE CD1  C Y N 242 
PHE CD2  C Y N 243 
PHE CE1  C Y N 244 
PHE CE2  C Y N 245 
PHE CZ   C Y N 246 
PHE OXT  O N N 247 
PHE H    H N N 248 
PHE H2   H N N 249 
PHE HA   H N N 250 
PHE HB2  H N N 251 
PHE HB3  H N N 252 
PHE HD1  H N N 253 
PHE HD2  H N N 254 
PHE HE1  H N N 255 
PHE HE2  H N N 256 
PHE HZ   H N N 257 
PHE HXT  H N N 258 
PRO N    N N N 259 
PRO CA   C N S 260 
PRO C    C N N 261 
PRO O    O N N 262 
PRO CB   C N N 263 
PRO CG   C N N 264 
PRO CD   C N N 265 
PRO OXT  O N N 266 
PRO H    H N N 267 
PRO HA   H N N 268 
PRO HB2  H N N 269 
PRO HB3  H N N 270 
PRO HG2  H N N 271 
PRO HG3  H N N 272 
PRO HD2  H N N 273 
PRO HD3  H N N 274 
PRO HXT  H N N 275 
SER N    N N N 276 
SER CA   C N S 277 
SER C    C N N 278 
SER O    O N N 279 
SER CB   C N N 280 
SER OG   O N N 281 
SER OXT  O N N 282 
SER H    H N N 283 
SER H2   H N N 284 
SER HA   H N N 285 
SER HB2  H N N 286 
SER HB3  H N N 287 
SER HG   H N N 288 
SER HXT  H N N 289 
THR N    N N N 290 
THR CA   C N S 291 
THR C    C N N 292 
THR O    O N N 293 
THR CB   C N R 294 
THR OG1  O N N 295 
THR CG2  C N N 296 
THR OXT  O N N 297 
THR H    H N N 298 
THR H2   H N N 299 
THR HA   H N N 300 
THR HB   H N N 301 
THR HG1  H N N 302 
THR HG21 H N N 303 
THR HG22 H N N 304 
THR HG23 H N N 305 
THR HXT  H N N 306 
TRP N    N N N 307 
TRP CA   C N S 308 
TRP C    C N N 309 
TRP O    O N N 310 
TRP CB   C N N 311 
TRP CG   C Y N 312 
TRP CD1  C Y N 313 
TRP CD2  C Y N 314 
TRP NE1  N Y N 315 
TRP CE2  C Y N 316 
TRP CE3  C Y N 317 
TRP CZ2  C Y N 318 
TRP CZ3  C Y N 319 
TRP CH2  C Y N 320 
TRP OXT  O N N 321 
TRP H    H N N 322 
TRP H2   H N N 323 
TRP HA   H N N 324 
TRP HB2  H N N 325 
TRP HB3  H N N 326 
TRP HD1  H N N 327 
TRP HE1  H N N 328 
TRP HE3  H N N 329 
TRP HZ2  H N N 330 
TRP HZ3  H N N 331 
TRP HH2  H N N 332 
TRP HXT  H N N 333 
TYR N    N N N 334 
TYR CA   C N S 335 
TYR C    C N N 336 
TYR O    O N N 337 
TYR CB   C N N 338 
TYR CG   C Y N 339 
TYR CD1  C Y N 340 
TYR CD2  C Y N 341 
TYR CE1  C Y N 342 
TYR CE2  C Y N 343 
TYR CZ   C Y N 344 
TYR OH   O N N 345 
TYR OXT  O N N 346 
TYR H    H N N 347 
TYR H2   H N N 348 
TYR HA   H N N 349 
TYR HB2  H N N 350 
TYR HB3  H N N 351 
TYR HD1  H N N 352 
TYR HD2  H N N 353 
TYR HE1  H N N 354 
TYR HE2  H N N 355 
TYR HH   H N N 356 
TYR HXT  H N N 357 
VAL N    N N N 358 
VAL CA   C N S 359 
VAL C    C N N 360 
VAL O    O N N 361 
VAL CB   C N N 362 
VAL CG1  C N N 363 
VAL CG2  C N N 364 
VAL OXT  O N N 365 
VAL H    H N N 366 
VAL H2   H N N 367 
VAL HA   H N N 368 
VAL HB   H N N 369 
VAL HG11 H N N 370 
VAL HG12 H N N 371 
VAL HG13 H N N 372 
VAL HG21 H N N 373 
VAL HG22 H N N 374 
VAL HG23 H N N 375 
VAL HXT  H N N 376 
WO4 W    W N N 377 
WO4 O1   O N N 378 
WO4 O2   O N N 379 
WO4 O3   O N N 380 
WO4 O4   O N N 381 
# 
loop_
_chem_comp_bond.comp_id 
_chem_comp_bond.atom_id_1 
_chem_comp_bond.atom_id_2 
_chem_comp_bond.value_order 
_chem_comp_bond.pdbx_aromatic_flag 
_chem_comp_bond.pdbx_stereo_config 
_chem_comp_bond.pdbx_ordinal 
ALA N   CA   sing N N 1   
ALA N   H    sing N N 2   
ALA N   H2   sing N N 3   
ALA CA  C    sing N N 4   
ALA CA  CB   sing N N 5   
ALA CA  HA   sing N N 6   
ALA C   O    doub N N 7   
ALA C   OXT  sing N N 8   
ALA CB  HB1  sing N N 9   
ALA CB  HB2  sing N N 10  
ALA CB  HB3  sing N N 11  
ALA OXT HXT  sing N N 12  
ARG N   CA   sing N N 13  
ARG N   H    sing N N 14  
ARG N   H2   sing N N 15  
ARG CA  C    sing N N 16  
ARG CA  CB   sing N N 17  
ARG CA  HA   sing N N 18  
ARG C   O    doub N N 19  
ARG C   OXT  sing N N 20  
ARG CB  CG   sing N N 21  
ARG CB  HB2  sing N N 22  
ARG CB  HB3  sing N N 23  
ARG CG  CD   sing N N 24  
ARG CG  HG2  sing N N 25  
ARG CG  HG3  sing N N 26  
ARG CD  NE   sing N N 27  
ARG CD  HD2  sing N N 28  
ARG CD  HD3  sing N N 29  
ARG NE  CZ   sing N N 30  
ARG NE  HE   sing N N 31  
ARG CZ  NH1  sing N N 32  
ARG CZ  NH2  doub N N 33  
ARG NH1 HH11 sing N N 34  
ARG NH1 HH12 sing N N 35  
ARG NH2 HH21 sing N N 36  
ARG NH2 HH22 sing N N 37  
ARG OXT HXT  sing N N 38  
ASN N   CA   sing N N 39  
ASN N   H    sing N N 40  
ASN N   H2   sing N N 41  
ASN CA  C    sing N N 42  
ASN CA  CB   sing N N 43  
ASN CA  HA   sing N N 44  
ASN C   O    doub N N 45  
ASN C   OXT  sing N N 46  
ASN CB  CG   sing N N 47  
ASN CB  HB2  sing N N 48  
ASN CB  HB3  sing N N 49  
ASN CG  OD1  doub N N 50  
ASN CG  ND2  sing N N 51  
ASN ND2 HD21 sing N N 52  
ASN ND2 HD22 sing N N 53  
ASN OXT HXT  sing N N 54  
ASP N   CA   sing N N 55  
ASP N   H    sing N N 56  
ASP N   H2   sing N N 57  
ASP CA  C    sing N N 58  
ASP CA  CB   sing N N 59  
ASP CA  HA   sing N N 60  
ASP C   O    doub N N 61  
ASP C   OXT  sing N N 62  
ASP CB  CG   sing N N 63  
ASP CB  HB2  sing N N 64  
ASP CB  HB3  sing N N 65  
ASP CG  OD1  doub N N 66  
ASP CG  OD2  sing N N 67  
ASP OD2 HD2  sing N N 68  
ASP OXT HXT  sing N N 69  
GLN N   CA   sing N N 70  
GLN N   H    sing N N 71  
GLN N   H2   sing N N 72  
GLN CA  C    sing N N 73  
GLN CA  CB   sing N N 74  
GLN CA  HA   sing N N 75  
GLN C   O    doub N N 76  
GLN C   OXT  sing N N 77  
GLN CB  CG   sing N N 78  
GLN CB  HB2  sing N N 79  
GLN CB  HB3  sing N N 80  
GLN CG  CD   sing N N 81  
GLN CG  HG2  sing N N 82  
GLN CG  HG3  sing N N 83  
GLN CD  OE1  doub N N 84  
GLN CD  NE2  sing N N 85  
GLN NE2 HE21 sing N N 86  
GLN NE2 HE22 sing N N 87  
GLN OXT HXT  sing N N 88  
GLU N   CA   sing N N 89  
GLU N   H    sing N N 90  
GLU N   H2   sing N N 91  
GLU CA  C    sing N N 92  
GLU CA  CB   sing N N 93  
GLU CA  HA   sing N N 94  
GLU C   O    doub N N 95  
GLU C   OXT  sing N N 96  
GLU CB  CG   sing N N 97  
GLU CB  HB2  sing N N 98  
GLU CB  HB3  sing N N 99  
GLU CG  CD   sing N N 100 
GLU CG  HG2  sing N N 101 
GLU CG  HG3  sing N N 102 
GLU CD  OE1  doub N N 103 
GLU CD  OE2  sing N N 104 
GLU OE2 HE2  sing N N 105 
GLU OXT HXT  sing N N 106 
GLY N   CA   sing N N 107 
GLY N   H    sing N N 108 
GLY N   H2   sing N N 109 
GLY CA  C    sing N N 110 
GLY CA  HA2  sing N N 111 
GLY CA  HA3  sing N N 112 
GLY C   O    doub N N 113 
GLY C   OXT  sing N N 114 
GLY OXT HXT  sing N N 115 
HIS N   CA   sing N N 116 
HIS N   H    sing N N 117 
HIS N   H2   sing N N 118 
HIS CA  C    sing N N 119 
HIS CA  CB   sing N N 120 
HIS CA  HA   sing N N 121 
HIS C   O    doub N N 122 
HIS C   OXT  sing N N 123 
HIS CB  CG   sing N N 124 
HIS CB  HB2  sing N N 125 
HIS CB  HB3  sing N N 126 
HIS CG  ND1  sing Y N 127 
HIS CG  CD2  doub Y N 128 
HIS ND1 CE1  doub Y N 129 
HIS ND1 HD1  sing N N 130 
HIS CD2 NE2  sing Y N 131 
HIS CD2 HD2  sing N N 132 
HIS CE1 NE2  sing Y N 133 
HIS CE1 HE1  sing N N 134 
HIS NE2 HE2  sing N N 135 
HIS OXT HXT  sing N N 136 
HOH O   H1   sing N N 137 
HOH O   H2   sing N N 138 
ILE N   CA   sing N N 139 
ILE N   H    sing N N 140 
ILE N   H2   sing N N 141 
ILE CA  C    sing N N 142 
ILE CA  CB   sing N N 143 
ILE CA  HA   sing N N 144 
ILE C   O    doub N N 145 
ILE C   OXT  sing N N 146 
ILE CB  CG1  sing N N 147 
ILE CB  CG2  sing N N 148 
ILE CB  HB   sing N N 149 
ILE CG1 CD1  sing N N 150 
ILE CG1 HG12 sing N N 151 
ILE CG1 HG13 sing N N 152 
ILE CG2 HG21 sing N N 153 
ILE CG2 HG22 sing N N 154 
ILE CG2 HG23 sing N N 155 
ILE CD1 HD11 sing N N 156 
ILE CD1 HD12 sing N N 157 
ILE CD1 HD13 sing N N 158 
ILE OXT HXT  sing N N 159 
LEU N   CA   sing N N 160 
LEU N   H    sing N N 161 
LEU N   H2   sing N N 162 
LEU CA  C    sing N N 163 
LEU CA  CB   sing N N 164 
LEU CA  HA   sing N N 165 
LEU C   O    doub N N 166 
LEU C   OXT  sing N N 167 
LEU CB  CG   sing N N 168 
LEU CB  HB2  sing N N 169 
LEU CB  HB3  sing N N 170 
LEU CG  CD1  sing N N 171 
LEU CG  CD2  sing N N 172 
LEU CG  HG   sing N N 173 
LEU CD1 HD11 sing N N 174 
LEU CD1 HD12 sing N N 175 
LEU CD1 HD13 sing N N 176 
LEU CD2 HD21 sing N N 177 
LEU CD2 HD22 sing N N 178 
LEU CD2 HD23 sing N N 179 
LEU OXT HXT  sing N N 180 
LYS N   CA   sing N N 181 
LYS N   H    sing N N 182 
LYS N   H2   sing N N 183 
LYS CA  C    sing N N 184 
LYS CA  CB   sing N N 185 
LYS CA  HA   sing N N 186 
LYS C   O    doub N N 187 
LYS C   OXT  sing N N 188 
LYS CB  CG   sing N N 189 
LYS CB  HB2  sing N N 190 
LYS CB  HB3  sing N N 191 
LYS CG  CD   sing N N 192 
LYS CG  HG2  sing N N 193 
LYS CG  HG3  sing N N 194 
LYS CD  CE   sing N N 195 
LYS CD  HD2  sing N N 196 
LYS CD  HD3  sing N N 197 
LYS CE  NZ   sing N N 198 
LYS CE  HE2  sing N N 199 
LYS CE  HE3  sing N N 200 
LYS NZ  HZ1  sing N N 201 
LYS NZ  HZ2  sing N N 202 
LYS NZ  HZ3  sing N N 203 
LYS OXT HXT  sing N N 204 
MET N   CA   sing N N 205 
MET N   H    sing N N 206 
MET N   H2   sing N N 207 
MET CA  C    sing N N 208 
MET CA  CB   sing N N 209 
MET CA  HA   sing N N 210 
MET C   O    doub N N 211 
MET C   OXT  sing N N 212 
MET CB  CG   sing N N 213 
MET CB  HB2  sing N N 214 
MET CB  HB3  sing N N 215 
MET CG  SD   sing N N 216 
MET CG  HG2  sing N N 217 
MET CG  HG3  sing N N 218 
MET SD  CE   sing N N 219 
MET CE  HE1  sing N N 220 
MET CE  HE2  sing N N 221 
MET CE  HE3  sing N N 222 
MET OXT HXT  sing N N 223 
PHE N   CA   sing N N 224 
PHE N   H    sing N N 225 
PHE N   H2   sing N N 226 
PHE CA  C    sing N N 227 
PHE CA  CB   sing N N 228 
PHE CA  HA   sing N N 229 
PHE C   O    doub N N 230 
PHE C   OXT  sing N N 231 
PHE CB  CG   sing N N 232 
PHE CB  HB2  sing N N 233 
PHE CB  HB3  sing N N 234 
PHE CG  CD1  doub Y N 235 
PHE CG  CD2  sing Y N 236 
PHE CD1 CE1  sing Y N 237 
PHE CD1 HD1  sing N N 238 
PHE CD2 CE2  doub Y N 239 
PHE CD2 HD2  sing N N 240 
PHE CE1 CZ   doub Y N 241 
PHE CE1 HE1  sing N N 242 
PHE CE2 CZ   sing Y N 243 
PHE CE2 HE2  sing N N 244 
PHE CZ  HZ   sing N N 245 
PHE OXT HXT  sing N N 246 
PRO N   CA   sing N N 247 
PRO N   CD   sing N N 248 
PRO N   H    sing N N 249 
PRO CA  C    sing N N 250 
PRO CA  CB   sing N N 251 
PRO CA  HA   sing N N 252 
PRO C   O    doub N N 253 
PRO C   OXT  sing N N 254 
PRO CB  CG   sing N N 255 
PRO CB  HB2  sing N N 256 
PRO CB  HB3  sing N N 257 
PRO CG  CD   sing N N 258 
PRO CG  HG2  sing N N 259 
PRO CG  HG3  sing N N 260 
PRO CD  HD2  sing N N 261 
PRO CD  HD3  sing N N 262 
PRO OXT HXT  sing N N 263 
SER N   CA   sing N N 264 
SER N   H    sing N N 265 
SER N   H2   sing N N 266 
SER CA  C    sing N N 267 
SER CA  CB   sing N N 268 
SER CA  HA   sing N N 269 
SER C   O    doub N N 270 
SER C   OXT  sing N N 271 
SER CB  OG   sing N N 272 
SER CB  HB2  sing N N 273 
SER CB  HB3  sing N N 274 
SER OG  HG   sing N N 275 
SER OXT HXT  sing N N 276 
THR N   CA   sing N N 277 
THR N   H    sing N N 278 
THR N   H2   sing N N 279 
THR CA  C    sing N N 280 
THR CA  CB   sing N N 281 
THR CA  HA   sing N N 282 
THR C   O    doub N N 283 
THR C   OXT  sing N N 284 
THR CB  OG1  sing N N 285 
THR CB  CG2  sing N N 286 
THR CB  HB   sing N N 287 
THR OG1 HG1  sing N N 288 
THR CG2 HG21 sing N N 289 
THR CG2 HG22 sing N N 290 
THR CG2 HG23 sing N N 291 
THR OXT HXT  sing N N 292 
TRP N   CA   sing N N 293 
TRP N   H    sing N N 294 
TRP N   H2   sing N N 295 
TRP CA  C    sing N N 296 
TRP CA  CB   sing N N 297 
TRP CA  HA   sing N N 298 
TRP C   O    doub N N 299 
TRP C   OXT  sing N N 300 
TRP CB  CG   sing N N 301 
TRP CB  HB2  sing N N 302 
TRP CB  HB3  sing N N 303 
TRP CG  CD1  doub Y N 304 
TRP CG  CD2  sing Y N 305 
TRP CD1 NE1  sing Y N 306 
TRP CD1 HD1  sing N N 307 
TRP CD2 CE2  doub Y N 308 
TRP CD2 CE3  sing Y N 309 
TRP NE1 CE2  sing Y N 310 
TRP NE1 HE1  sing N N 311 
TRP CE2 CZ2  sing Y N 312 
TRP CE3 CZ3  doub Y N 313 
TRP CE3 HE3  sing N N 314 
TRP CZ2 CH2  doub Y N 315 
TRP CZ2 HZ2  sing N N 316 
TRP CZ3 CH2  sing Y N 317 
TRP CZ3 HZ3  sing N N 318 
TRP CH2 HH2  sing N N 319 
TRP OXT HXT  sing N N 320 
TYR N   CA   sing N N 321 
TYR N   H    sing N N 322 
TYR N   H2   sing N N 323 
TYR CA  C    sing N N 324 
TYR CA  CB   sing N N 325 
TYR CA  HA   sing N N 326 
TYR C   O    doub N N 327 
TYR C   OXT  sing N N 328 
TYR CB  CG   sing N N 329 
TYR CB  HB2  sing N N 330 
TYR CB  HB3  sing N N 331 
TYR CG  CD1  doub Y N 332 
TYR CG  CD2  sing Y N 333 
TYR CD1 CE1  sing Y N 334 
TYR CD1 HD1  sing N N 335 
TYR CD2 CE2  doub Y N 336 
TYR CD2 HD2  sing N N 337 
TYR CE1 CZ   doub Y N 338 
TYR CE1 HE1  sing N N 339 
TYR CE2 CZ   sing Y N 340 
TYR CE2 HE2  sing N N 341 
TYR CZ  OH   sing N N 342 
TYR OH  HH   sing N N 343 
TYR OXT HXT  sing N N 344 
VAL N   CA   sing N N 345 
VAL N   H    sing N N 346 
VAL N   H2   sing N N 347 
VAL CA  C    sing N N 348 
VAL CA  CB   sing N N 349 
VAL CA  HA   sing N N 350 
VAL C   O    doub N N 351 
VAL C   OXT  sing N N 352 
VAL CB  CG1  sing N N 353 
VAL CB  CG2  sing N N 354 
VAL CB  HB   sing N N 355 
VAL CG1 HG11 sing N N 356 
VAL CG1 HG12 sing N N 357 
VAL CG1 HG13 sing N N 358 
VAL CG2 HG21 sing N N 359 
VAL CG2 HG22 sing N N 360 
VAL CG2 HG23 sing N N 361 
VAL OXT HXT  sing N N 362 
WO4 W   O1   doub N N 363 
WO4 W   O2   doub N N 364 
WO4 W   O3   sing N N 365 
WO4 W   O4   sing N N 366 
# 
_atom_sites.entry_id                    1BYS 
_atom_sites.fract_transf_matrix[1][1]   -0.01315415 
_atom_sites.fract_transf_matrix[1][2]   0.00524867 
_atom_sites.fract_transf_matrix[1][3]   0.00918079 
_atom_sites.fract_transf_matrix[2][1]   0.01057323 
_atom_sites.fract_transf_matrix[2][2]   0.00681200 
_atom_sites.fract_transf_matrix[2][3]   0.01125479 
_atom_sites.fract_transf_matrix[3][1]   -0.00010891 
_atom_sites.fract_transf_matrix[3][2]   0.00770029 
_atom_sites.fract_transf_matrix[3][3]   -0.00455831 
_atom_sites.fract_transf_vector[1]      0.336218 
_atom_sites.fract_transf_vector[2]      0.369422 
_atom_sites.fract_transf_vector[3]      0.106084 
# 
loop_
_atom_type.symbol 
C 
N 
O 
S 
W 
# 
loop_
_atom_site.group_PDB 
_atom_site.id 
_atom_site.type_symbol 
_atom_site.label_atom_id 
_atom_site.label_alt_id 
_atom_site.label_comp_id 
_atom_site.label_asym_id 
_atom_site.label_entity_id 
_atom_site.label_seq_id 
_atom_site.pdbx_PDB_ins_code 
_atom_site.Cartn_x 
_atom_site.Cartn_y 
_atom_site.Cartn_z 
_atom_site.occupancy 
_atom_site.B_iso_or_equiv 
_atom_site.pdbx_formal_charge 
_atom_site.auth_seq_id 
_atom_site.auth_comp_id 
_atom_site.auth_asym_id 
_atom_site.auth_atom_id 
_atom_site.pdbx_PDB_model_num 
ATOM   1    N N   . GLU A 1 2   ? -5.117  5.880   23.451  1.00 37.04 ? 2   GLU A N   1 
ATOM   2    C CA  . GLU A 1 2   ? -4.731  6.464   22.131  1.00 35.55 ? 2   GLU A CA  1 
ATOM   3    C C   . GLU A 1 2   ? -4.590  5.389   21.042  1.00 32.47 ? 2   GLU A C   1 
ATOM   4    O O   . GLU A 1 2   ? -5.196  5.495   19.980  1.00 35.60 ? 2   GLU A O   1 
ATOM   5    C CB  . GLU A 1 2   ? -3.423  7.262   22.262  1.00 37.27 ? 2   GLU A CB  1 
ATOM   6    C CG  . GLU A 1 2   ? -3.120  8.178   21.086  1.00 37.19 ? 2   GLU A CG  1 
ATOM   7    C CD  . GLU A 1 2   ? -4.070  9.354   21.002  1.00 40.64 ? 2   GLU A CD  1 
ATOM   8    O OE1 . GLU A 1 2   ? -4.172  10.111  21.990  1.00 38.97 ? 2   GLU A OE1 1 
ATOM   9    O OE2 . GLU A 1 2   ? -4.716  9.522   19.944  1.00 40.85 ? 2   GLU A OE2 1 
ATOM   10   N N   . PRO A 1 3   ? -3.789  4.343   21.294  1.00 30.30 ? 3   PRO A N   1 
ATOM   11   C CA  . PRO A 1 3   ? -3.677  3.331   20.239  1.00 28.74 ? 3   PRO A CA  1 
ATOM   12   C C   . PRO A 1 3   ? -4.984  2.547   20.109  1.00 26.55 ? 3   PRO A C   1 
ATOM   13   O O   . PRO A 1 3   ? -5.657  2.296   21.112  1.00 29.44 ? 3   PRO A O   1 
ATOM   14   C CB  . PRO A 1 3   ? -2.527  2.426   20.702  1.00 27.03 ? 3   PRO A CB  1 
ATOM   15   C CG  . PRO A 1 3   ? -1.935  3.104   21.906  1.00 25.33 ? 3   PRO A CG  1 
ATOM   16   C CD  . PRO A 1 3   ? -2.983  4.002   22.476  1.00 28.48 ? 3   PRO A CD  1 
ATOM   17   N N   . SER A 1 4   ? -5.349  2.184   18.886  1.00 23.89 ? 4   SER A N   1 
ATOM   18   C CA  . SER A 1 4   ? -6.564  1.406   18.661  1.00 18.40 ? 4   SER A CA  1 
ATOM   19   C C   . SER A 1 4   ? -6.397  0.560   17.409  1.00 16.84 ? 4   SER A C   1 
ATOM   20   O O   . SER A 1 4   ? -5.456  0.769   16.628  1.00 14.63 ? 4   SER A O   1 
ATOM   21   C CB  . SER A 1 4   ? -7.790  2.332   18.540  1.00 16.58 ? 4   SER A CB  1 
ATOM   22   O OG  . SER A 1 4   ? -7.806  3.022   17.310  1.00 11.84 ? 4   SER A OG  1 
ATOM   23   N N   . VAL A 1 5   ? -7.281  -0.406  17.224  1.00 12.56 ? 5   VAL A N   1 
ATOM   24   C CA  . VAL A 1 5   ? -7.190  -1.261  16.053  1.00 14.86 ? 5   VAL A CA  1 
ATOM   25   C C   . VAL A 1 5   ? -8.534  -1.534  15.402  1.00 14.87 ? 5   VAL A C   1 
ATOM   26   O O   . VAL A 1 5   ? -9.516  -1.864  16.068  1.00 16.87 ? 5   VAL A O   1 
ATOM   27   C CB  . VAL A 1 5   ? -6.554  -2.648  16.390  1.00 10.61 ? 5   VAL A CB  1 
ATOM   28   C CG1 . VAL A 1 5   ? -6.375  -3.452  15.120  1.00 7.93  ? 5   VAL A CG1 1 
ATOM   29   C CG2 . VAL A 1 5   ? -5.216  -2.474  17.100  1.00 11.58 ? 5   VAL A CG2 1 
ATOM   30   N N   . GLN A 1 6   ? -8.573  -1.389  14.087  1.00 15.83 ? 6   GLN A N   1 
ATOM   31   C CA  . GLN A 1 6   ? -9.785  -1.670  13.337  1.00 14.29 ? 6   GLN A CA  1 
ATOM   32   C C   . GLN A 1 6   ? -9.485  -2.881  12.470  1.00 11.59 ? 6   GLN A C   1 
ATOM   33   O O   . GLN A 1 6   ? -8.330  -3.122  12.114  1.00 11.39 ? 6   GLN A O   1 
ATOM   34   C CB  . GLN A 1 6   ? -10.138 -0.507  12.429  1.00 15.49 ? 6   GLN A CB  1 
ATOM   35   C CG  . GLN A 1 6   ? -10.844 0.617   13.130  1.00 16.75 ? 6   GLN A CG  1 
ATOM   36   C CD  . GLN A 1 6   ? -11.270 1.663   12.139  1.00 18.09 ? 6   GLN A CD  1 
ATOM   37   O OE1 . GLN A 1 6   ? -10.484 2.540   11.788  1.00 16.41 ? 6   GLN A OE1 1 
ATOM   38   N NE2 . GLN A 1 6   ? -12.515 1.567   11.653  1.00 10.87 ? 6   GLN A NE2 1 
ATOM   39   N N   . VAL A 1 7   ? -10.517 -3.632  12.123  1.00 12.10 ? 7   VAL A N   1 
ATOM   40   C CA  . VAL A 1 7   ? -10.339 -4.809  11.277  1.00 11.63 ? 7   VAL A CA  1 
ATOM   41   C C   . VAL A 1 7   ? -11.448 -4.840  10.231  1.00 10.17 ? 7   VAL A C   1 
ATOM   42   O O   . VAL A 1 7   ? -12.575 -4.378  10.481  1.00 9.24  ? 7   VAL A O   1 
ATOM   43   C CB  . VAL A 1 7   ? -10.408 -6.132  12.109  1.00 9.71  ? 7   VAL A CB  1 
ATOM   44   C CG1 . VAL A 1 7   ? -11.763 -6.217  12.829  1.00 7.55  ? 7   VAL A CG1 1 
ATOM   45   C CG2 . VAL A 1 7   ? -10.209 -7.346  11.187  1.00 9.51  ? 7   VAL A CG2 1 
ATOM   46   N N   . GLY A 1 8   ? -11.121 -5.373  9.063   1.00 10.80 ? 8   GLY A N   1 
ATOM   47   C CA  . GLY A 1 8   ? -12.098 -5.494  8.000   1.00 11.00 ? 8   GLY A CA  1 
ATOM   48   C C   . GLY A 1 8   ? -11.865 -6.802  7.272   1.00 9.60  ? 8   GLY A C   1 
ATOM   49   O O   . GLY A 1 8   ? -10.750 -7.340  7.294   1.00 10.94 ? 8   GLY A O   1 
ATOM   50   N N   . TYR A 1 9   ? -12.889 -7.312  6.607   1.00 9.31  ? 9   TYR A N   1 
ATOM   51   C CA  . TYR A 1 9   ? -12.761 -8.587  5.897   1.00 11.16 ? 9   TYR A CA  1 
ATOM   52   C C   . TYR A 1 9   ? -13.274 -8.593  4.464   1.00 10.42 ? 9   TYR A C   1 
ATOM   53   O O   . TYR A 1 9   ? -14.070 -7.740  4.075   1.00 10.90 ? 9   TYR A O   1 
ATOM   54   C CB  . TYR A 1 9   ? -13.512 -9.689  6.665   1.00 10.02 ? 9   TYR A CB  1 
ATOM   55   C CG  . TYR A 1 9   ? -13.216 -9.729  8.158   1.00 9.33  ? 9   TYR A CG  1 
ATOM   56   C CD1 . TYR A 1 9   ? -12.035 -10.300 8.637   1.00 9.64  ? 9   TYR A CD1 1 
ATOM   57   C CD2 . TYR A 1 9   ? -14.112 -9.201  9.080   1.00 8.81  ? 9   TYR A CD2 1 
ATOM   58   C CE1 . TYR A 1 9   ? -11.753 -10.332 10.007  1.00 9.63  ? 9   TYR A CE1 1 
ATOM   59   C CE2 . TYR A 1 9   ? -13.840 -9.226  10.449  1.00 8.47  ? 9   TYR A CE2 1 
ATOM   60   C CZ  . TYR A 1 9   ? -12.664 -9.787  10.908  1.00 8.52  ? 9   TYR A CZ  1 
ATOM   61   O OH  . TYR A 1 9   ? -12.360 -9.745  12.262  1.00 12.75 ? 9   TYR A OH  1 
ATOM   62   N N   . SER A 1 10  ? -12.829 -9.587  3.706   1.00 9.42  ? 10  SER A N   1 
ATOM   63   C CA  . SER A 1 10  ? -13.275 -9.819  2.340   1.00 12.00 ? 10  SER A CA  1 
ATOM   64   C C   . SER A 1 10  ? -13.755 -11.268 2.303   1.00 12.05 ? 10  SER A C   1 
ATOM   65   O O   . SER A 1 10  ? -13.332 -12.086 3.118   1.00 14.85 ? 10  SER A O   1 
ATOM   66   C CB  . SER A 1 10  ? -12.140 -9.645  1.338   1.00 9.45  ? 10  SER A CB  1 
ATOM   67   O OG  . SER A 1 10  ? -11.670 -8.320  1.364   1.00 12.04 ? 10  SER A OG  1 
ATOM   68   N N   . PRO A 1 11  ? -14.666 -11.599 1.385   1.00 14.11 ? 11  PRO A N   1 
ATOM   69   C CA  . PRO A 1 11  ? -15.250 -10.675 0.397   1.00 12.31 ? 11  PRO A CA  1 
ATOM   70   C C   . PRO A 1 11  ? -16.386 -9.802  0.988   1.00 14.13 ? 11  PRO A C   1 
ATOM   71   O O   . PRO A 1 11  ? -17.111 -9.145  0.250   1.00 15.11 ? 11  PRO A O   1 
ATOM   72   C CB  . PRO A 1 11  ? -15.770 -11.613 -0.692  1.00 10.76 ? 11  PRO A CB  1 
ATOM   73   C CG  . PRO A 1 11  ? -16.181 -12.868 0.094   1.00 11.94 ? 11  PRO A CG  1 
ATOM   74   C CD  . PRO A 1 11  ? -15.176 -12.980 1.234   1.00 12.01 ? 11  PRO A CD  1 
ATOM   75   N N   . GLU A 1 12  ? -16.533 -9.800  2.312   1.00 12.64 ? 12  GLU A N   1 
ATOM   76   C CA  . GLU A 1 12  ? -17.577 -9.023  2.974   1.00 11.31 ? 12  GLU A CA  1 
ATOM   77   C C   . GLU A 1 12  ? -17.667 -7.569  2.495   1.00 11.41 ? 12  GLU A C   1 
ATOM   78   O O   . GLU A 1 12  ? -18.757 -7.015  2.351   1.00 10.81 ? 12  GLU A O   1 
ATOM   79   C CB  . GLU A 1 12  ? -17.341 -9.033  4.487   1.00 11.40 ? 12  GLU A CB  1 
ATOM   80   C CG  . GLU A 1 12  ? -17.940 -10.229 5.211   1.00 14.89 ? 12  GLU A CG  1 
ATOM   81   C CD  . GLU A 1 12  ? -17.107 -11.502 5.057   1.00 19.09 ? 12  GLU A CD  1 
ATOM   82   O OE1 . GLU A 1 12  ? -16.056 -11.465 4.369   1.00 15.25 ? 12  GLU A OE1 1 
ATOM   83   O OE2 . GLU A 1 12  ? -17.513 -12.541 5.631   1.00 20.56 ? 12  GLU A OE2 1 
ATOM   84   N N   . GLY A 1 13  ? -16.515 -6.942  2.294   1.00 11.60 ? 13  GLY A N   1 
ATOM   85   C CA  . GLY A 1 13  ? -16.503 -5.558  1.852   1.00 12.48 ? 13  GLY A CA  1 
ATOM   86   C C   . GLY A 1 13  ? -15.870 -4.609  2.859   1.00 11.54 ? 13  GLY A C   1 
ATOM   87   O O   . GLY A 1 13  ? -15.435 -3.512  2.519   1.00 11.47 ? 13  GLY A O   1 
ATOM   88   N N   . SER A 1 14  ? -15.789 -5.033  4.109   1.00 13.29 ? 14  SER A N   1 
ATOM   89   C CA  . SER A 1 14  ? -15.224 -4.191  5.146   1.00 12.71 ? 14  SER A CA  1 
ATOM   90   C C   . SER A 1 14  ? -13.706 -3.998  5.020   1.00 14.02 ? 14  SER A C   1 
ATOM   91   O O   . SER A 1 14  ? -13.187 -2.959  5.418   1.00 11.54 ? 14  SER A O   1 
ATOM   92   C CB  . SER A 1 14  ? -15.563 -4.769  6.520   1.00 14.30 ? 14  SER A CB  1 
ATOM   93   O OG  . SER A 1 14  ? -15.423 -6.176  6.494   1.00 13.21 ? 14  SER A OG  1 
ATOM   94   N N   . ALA A 1 15  ? -12.982 -4.972  4.474   1.00 12.02 ? 15  ALA A N   1 
ATOM   95   C CA  . ALA A 1 15  ? -11.528 -4.799  4.336   1.00 11.63 ? 15  ALA A CA  1 
ATOM   96   C C   . ALA A 1 15  ? -11.212 -3.656  3.360   1.00 11.28 ? 15  ALA A C   1 
ATOM   97   O O   . ALA A 1 15  ? -10.432 -2.749  3.663   1.00 7.51  ? 15  ALA A O   1 
ATOM   98   C CB  . ALA A 1 15  ? -10.863 -6.098  3.840   1.00 7.88  ? 15  ALA A CB  1 
ATOM   99   N N   . ARG A 1 16  ? -11.823 -3.710  2.185   1.00 12.36 ? 16  ARG A N   1 
ATOM   100  C CA  . ARG A 1 16  ? -11.596 -2.680  1.181   1.00 14.14 ? 16  ARG A CA  1 
ATOM   101  C C   . ARG A 1 16  ? -11.869 -1.275  1.753   1.00 13.90 ? 16  ARG A C   1 
ATOM   102  O O   . ARG A 1 16  ? -11.035 -0.373  1.666   1.00 9.48  ? 16  ARG A O   1 
ATOM   103  C CB  . ARG A 1 16  ? -12.498 -2.935  -0.032  1.00 15.38 ? 16  ARG A CB  1 
ATOM   104  C CG  . ARG A 1 16  ? -12.167 -2.067  -1.223  1.00 17.09 ? 16  ARG A CG  1 
ATOM   105  C CD  . ARG A 1 16  ? -13.419 -1.599  -1.931  1.00 26.20 ? 16  ARG A CD  1 
ATOM   106  N NE  . ARG A 1 16  ? -14.003 -2.646  -2.765  1.00 30.29 ? 16  ARG A NE  1 
ATOM   107  C CZ  . ARG A 1 16  ? -14.130 -2.570  -4.088  1.00 31.45 ? 16  ARG A CZ  1 
ATOM   108  N NH1 . ARG A 1 16  ? -13.713 -1.493  -4.741  1.00 35.18 ? 16  ARG A NH1 1 
ATOM   109  N NH2 . ARG A 1 16  ? -14.699 -3.568  -4.759  1.00 33.87 ? 16  ARG A NH2 1 
ATOM   110  N N   . VAL A 1 17  ? -13.041 -1.101  2.354   1.00 13.85 ? 17  VAL A N   1 
ATOM   111  C CA  . VAL A 1 17  ? -13.410 0.196   2.907   1.00 14.29 ? 17  VAL A CA  1 
ATOM   112  C C   . VAL A 1 17  ? -12.426 0.655   3.977   1.00 14.75 ? 17  VAL A C   1 
ATOM   113  O O   . VAL A 1 17  ? -12.069 1.837   4.044   1.00 14.08 ? 17  VAL A O   1 
ATOM   114  C CB  . VAL A 1 17  ? -14.842 0.144   3.499   1.00 14.42 ? 17  VAL A CB  1 
ATOM   115  C CG1 . VAL A 1 17  ? -15.074 1.351   4.403   1.00 15.69 ? 17  VAL A CG1 1 
ATOM   116  C CG2 . VAL A 1 17  ? -15.876 0.119   2.377   1.00 12.88 ? 17  VAL A CG2 1 
ATOM   117  N N   . LEU A 1 18  ? -11.980 -0.277  4.818   1.00 14.40 ? 18  LEU A N   1 
ATOM   118  C CA  . LEU A 1 18  ? -11.034 0.052   5.882   1.00 13.24 ? 18  LEU A CA  1 
ATOM   119  C C   . LEU A 1 18  ? -9.692  0.498   5.314   1.00 11.56 ? 18  LEU A C   1 
ATOM   120  O O   . LEU A 1 18  ? -9.089  1.445   5.810   1.00 11.90 ? 18  LEU A O   1 
ATOM   121  C CB  . LEU A 1 18  ? -10.817 -1.156  6.813   1.00 10.95 ? 18  LEU A CB  1 
ATOM   122  C CG  . LEU A 1 18  ? -9.802  -0.955  7.949   1.00 10.57 ? 18  LEU A CG  1 
ATOM   123  C CD1 . LEU A 1 18  ? -10.156 0.263   8.811   1.00 7.68  ? 18  LEU A CD1 1 
ATOM   124  C CD2 . LEU A 1 18  ? -9.778  -2.221  8.807   1.00 11.81 ? 18  LEU A CD2 1 
ATOM   125  N N   . VAL A 1 19  ? -9.224  -0.182  4.275   1.00 10.63 ? 19  VAL A N   1 
ATOM   126  C CA  . VAL A 1 19  ? -7.942  0.157   3.664   1.00 12.23 ? 19  VAL A CA  1 
ATOM   127  C C   . VAL A 1 19  ? -8.050  1.539   2.990   1.00 12.58 ? 19  VAL A C   1 
ATOM   128  O O   . VAL A 1 19  ? -7.110  2.337   3.055   1.00 14.14 ? 19  VAL A O   1 
ATOM   129  C CB  . VAL A 1 19  ? -7.511  -0.928  2.624   1.00 11.07 ? 19  VAL A CB  1 
ATOM   130  C CG1 . VAL A 1 19  ? -6.358  -0.412  1.771   1.00 9.56  ? 19  VAL A CG1 1 
ATOM   131  C CG2 . VAL A 1 19  ? -7.110  -2.205  3.338   1.00 6.42  ? 19  VAL A CG2 1 
ATOM   132  N N   . LEU A 1 20  ? -9.192  1.816   2.357   1.00 10.96 ? 20  LEU A N   1 
ATOM   133  C CA  . LEU A 1 20  ? -9.437  3.113   1.721   1.00 13.12 ? 20  LEU A CA  1 
ATOM   134  C C   . LEU A 1 20  ? -9.449  4.190   2.821   1.00 12.45 ? 20  LEU A C   1 
ATOM   135  O O   . LEU A 1 20  ? -8.860  5.264   2.661   1.00 15.08 ? 20  LEU A O   1 
ATOM   136  C CB  . LEU A 1 20  ? -10.778 3.095   0.975   1.00 8.68  ? 20  LEU A CB  1 
ATOM   137  C CG  . LEU A 1 20  ? -10.747 2.303   -0.334  1.00 9.86  ? 20  LEU A CG  1 
ATOM   138  C CD1 . LEU A 1 20  ? -12.133 2.270   -0.953  1.00 15.50 ? 20  LEU A CD1 1 
ATOM   139  C CD2 . LEU A 1 20  ? -9.737  2.942   -1.302  1.00 12.62 ? 20  LEU A CD2 1 
ATOM   140  N N   . SER A 1 21  ? -10.101 3.880   3.938   1.00 11.67 ? 21  SER A N   1 
ATOM   141  C CA  . SER A 1 21  ? -10.181 4.761   5.095   1.00 12.71 ? 21  SER A CA  1 
ATOM   142  C C   . SER A 1 21  ? -8.764  5.137   5.576   1.00 12.28 ? 21  SER A C   1 
ATOM   143  O O   . SER A 1 21  ? -8.476  6.291   5.905   1.00 11.49 ? 21  SER A O   1 
ATOM   144  C CB  . SER A 1 21  ? -10.954 4.039   6.224   1.00 12.36 ? 21  SER A CB  1 
ATOM   145  O OG  . SER A 1 21  ? -11.081 4.843   7.389   1.00 10.42 ? 21  SER A OG  1 
ATOM   146  N N   . ALA A 1 22  ? -7.875  4.151   5.618   1.00 12.06 ? 22  ALA A N   1 
ATOM   147  C CA  . ALA A 1 22  ? -6.509  4.375   6.056   1.00 11.56 ? 22  ALA A CA  1 
ATOM   148  C C   . ALA A 1 22  ? -5.750  5.345   5.131   1.00 10.53 ? 22  ALA A C   1 
ATOM   149  O O   . ALA A 1 22  ? -5.009  6.216   5.593   1.00 11.79 ? 22  ALA A O   1 
ATOM   150  C CB  . ALA A 1 22  ? -5.767  3.026   6.146   1.00 10.04 ? 22  ALA A CB  1 
ATOM   151  N N   . ILE A 1 23  ? -5.933  5.184   3.825   1.00 11.49 ? 23  ILE A N   1 
ATOM   152  C CA  . ILE A 1 23  ? -5.269  6.045   2.854   1.00 12.76 ? 23  ILE A CA  1 
ATOM   153  C C   . ILE A 1 23  ? -5.914  7.451   2.868   1.00 15.03 ? 23  ILE A C   1 
ATOM   154  O O   . ILE A 1 23  ? -5.226  8.470   2.775   1.00 14.33 ? 23  ILE A O   1 
ATOM   155  C CB  . ILE A 1 23  ? -5.362  5.437   1.437   1.00 12.64 ? 23  ILE A CB  1 
ATOM   156  C CG1 . ILE A 1 23  ? -4.493  4.172   1.353   1.00 8.48  ? 23  ILE A CG1 1 
ATOM   157  C CG2 . ILE A 1 23  ? -4.937  6.466   0.389   1.00 11.08 ? 23  ILE A CG2 1 
ATOM   158  C CD1 . ILE A 1 23  ? -4.827  3.311   0.161   1.00 11.15 ? 23  ILE A CD1 1 
ATOM   159  N N   . ASP A 1 24  ? -7.231  7.497   3.022   1.00 14.81 ? 24  ASP A N   1 
ATOM   160  C CA  . ASP A 1 24  ? -7.951  8.769   3.060   1.00 15.52 ? 24  ASP A CA  1 
ATOM   161  C C   . ASP A 1 24  ? -7.614  9.544   4.338   1.00 14.82 ? 24  ASP A C   1 
ATOM   162  O O   . ASP A 1 24  ? -7.772  10.764  4.409   1.00 15.47 ? 24  ASP A O   1 
ATOM   163  C CB  . ASP A 1 24  ? -9.468  8.528   3.014   1.00 13.67 ? 24  ASP A CB  1 
ATOM   164  C CG  . ASP A 1 24  ? -9.969  8.121   1.632   1.00 13.50 ? 24  ASP A CG  1 
ATOM   165  O OD1 . ASP A 1 24  ? -9.240  8.284   0.627   1.00 15.71 ? 24  ASP A OD1 1 
ATOM   166  O OD2 . ASP A 1 24  ? -11.111 7.632   1.551   1.00 15.94 ? 24  ASP A OD2 1 
ATOM   167  N N   . SER A 1 25  ? -7.156  8.842   5.362   1.00 14.63 ? 25  SER A N   1 
ATOM   168  C CA  . SER A 1 25  ? -6.829  9.509   6.617   1.00 14.41 ? 25  SER A CA  1 
ATOM   169  C C   . SER A 1 25  ? -5.497  10.231  6.578   1.00 13.62 ? 25  SER A C   1 
ATOM   170  O O   . SER A 1 25  ? -5.236  11.106  7.405   1.00 12.83 ? 25  SER A O   1 
ATOM   171  C CB  . SER A 1 25  ? -6.790  8.492   7.769   1.00 15.82 ? 25  SER A CB  1 
ATOM   172  O OG  . SER A 1 25  ? -5.509  7.874   7.852   1.00 14.97 ? 25  SER A OG  1 
ATOM   173  N N   . ALA A 1 26  ? -4.640  9.852   5.640   1.00 13.08 ? 26  ALA A N   1 
ATOM   174  C CA  . ALA A 1 26  ? -3.313  10.446  5.564   1.00 15.61 ? 26  ALA A CA  1 
ATOM   175  C C   . ALA A 1 26  ? -3.282  11.987  5.408   1.00 17.31 ? 26  ALA A C   1 
ATOM   176  O O   . ALA A 1 26  ? -3.906  12.563  4.514   1.00 14.77 ? 26  ALA A O   1 
ATOM   177  C CB  . ALA A 1 26  ? -2.496  9.766   4.443   1.00 13.69 ? 26  ALA A CB  1 
ATOM   178  N N   . LYS A 1 27  ? -2.538  12.632  6.300   1.00 18.07 ? 27  LYS A N   1 
ATOM   179  C CA  . LYS A 1 27  ? -2.399  14.081  6.292   1.00 19.53 ? 27  LYS A CA  1 
ATOM   180  C C   . LYS A 1 27  ? -0.991  14.483  5.842   1.00 20.20 ? 27  LYS A C   1 
ATOM   181  O O   . LYS A 1 27  ? -0.798  15.524  5.230   1.00 21.13 ? 27  LYS A O   1 
ATOM   182  C CB  . LYS A 1 27  ? -2.629  14.636  7.701   1.00 20.07 ? 27  LYS A CB  1 
ATOM   183  C CG  . LYS A 1 27  ? -3.885  14.136  8.403   1.00 20.00 ? 27  LYS A CG  1 
ATOM   184  C CD  . LYS A 1 27  ? -5.146  14.697  7.763   1.00 23.42 ? 27  LYS A CD  1 
ATOM   185  C CE  . LYS A 1 27  ? -6.379  14.403  8.619   1.00 22.36 ? 27  LYS A CE  1 
ATOM   186  N NZ  . LYS A 1 27  ? -6.426  12.987  9.075   1.00 22.66 ? 27  LYS A NZ  1 
ATOM   187  N N   . THR A 1 28  ? -0.013  13.637  6.146   1.00 19.84 ? 28  THR A N   1 
ATOM   188  C CA  . THR A 1 28  ? 1.366   13.952  5.830   1.00 17.82 ? 28  THR A CA  1 
ATOM   189  C C   . THR A 1 28  ? 2.164   12.908  5.046   1.00 17.40 ? 28  THR A C   1 
ATOM   190  O O   . THR A 1 28  ? 2.956   13.265  4.164   1.00 15.04 ? 28  THR A O   1 
ATOM   191  C CB  . THR A 1 28  ? 2.125   14.272  7.137   1.00 21.50 ? 28  THR A CB  1 
ATOM   192  O OG1 . THR A 1 28  ? 2.193   13.093  7.947   1.00 24.82 ? 28  THR A OG1 1 
ATOM   193  C CG2 . THR A 1 28  ? 1.394   15.351  7.932   1.00 22.91 ? 28  THR A CG2 1 
ATOM   194  N N   . SER A 1 29  ? 1.994   11.626  5.353   1.00 14.63 ? 29  SER A N   1 
ATOM   195  C CA  . SER A 1 29  ? 2.764   10.614  4.632   1.00 16.18 ? 29  SER A CA  1 
ATOM   196  C C   . SER A 1 29  ? 2.157   9.218   4.509   1.00 14.22 ? 29  SER A C   1 
ATOM   197  O O   . SER A 1 29  ? 1.303   8.800   5.303   1.00 11.82 ? 29  SER A O   1 
ATOM   198  C CB  . SER A 1 29  ? 4.164   10.484  5.252   1.00 18.14 ? 29  SER A CB  1 
ATOM   199  O OG  . SER A 1 29  ? 4.093   9.987   6.583   1.00 19.65 ? 29  SER A OG  1 
ATOM   200  N N   . ILE A 1 30  ? 2.617   8.506   3.486   1.00 14.54 ? 30  ILE A N   1 
ATOM   201  C CA  . ILE A 1 30  ? 2.207   7.134   3.206   1.00 14.13 ? 30  ILE A CA  1 
ATOM   202  C C   . ILE A 1 30  ? 3.431   6.394   2.664   1.00 13.80 ? 30  ILE A C   1 
ATOM   203  O O   . ILE A 1 30  ? 4.074   6.859   1.717   1.00 14.69 ? 30  ILE A O   1 
ATOM   204  C CB  . ILE A 1 30  ? 1.094   7.049   2.107   1.00 11.52 ? 30  ILE A CB  1 
ATOM   205  C CG1 . ILE A 1 30  ? -0.264  7.485   2.660   1.00 9.13  ? 30  ILE A CG1 1 
ATOM   206  C CG2 . ILE A 1 30  ? 0.987   5.609   1.590   1.00 13.35 ? 30  ILE A CG2 1 
ATOM   207  C CD1 . ILE A 1 30  ? -1.335  7.591   1.589   1.00 8.13  ? 30  ILE A CD1 1 
ATOM   208  N N   . ARG A 1 31  ? 3.758   5.258   3.268   1.00 11.27 ? 31  ARG A N   1 
ATOM   209  C CA  . ARG A 1 31  ? 4.877   4.443   2.794   1.00 10.41 ? 31  ARG A CA  1 
ATOM   210  C C   . ARG A 1 31  ? 4.233   3.084   2.591   1.00 11.42 ? 31  ARG A C   1 
ATOM   211  O O   . ARG A 1 31  ? 3.849   2.411   3.560   1.00 10.95 ? 31  ARG A O   1 
ATOM   212  C CB  . ARG A 1 31  ? 5.984   4.373   3.843   1.00 10.67 ? 31  ARG A CB  1 
ATOM   213  C CG  . ARG A 1 31  ? 6.769   5.662   4.002   1.00 11.12 ? 31  ARG A CG  1 
ATOM   214  C CD  . ARG A 1 31  ? 7.508   6.003   2.725   1.00 15.73 ? 31  ARG A CD  1 
ATOM   215  N NE  . ARG A 1 31  ? 8.265   7.252   2.836   1.00 17.89 ? 31  ARG A NE  1 
ATOM   216  C CZ  . ARG A 1 31  ? 7.806   8.464   2.501   1.00 18.29 ? 31  ARG A CZ  1 
ATOM   217  N NH1 . ARG A 1 31  ? 6.572   8.644   2.021   1.00 13.13 ? 31  ARG A NH1 1 
ATOM   218  N NH2 . ARG A 1 31  ? 8.602   9.508   2.642   1.00 17.54 ? 31  ARG A NH2 1 
ATOM   219  N N   . MET A 1 32  ? 4.087   2.702   1.329   1.00 10.42 ? 32  MET A N   1 
ATOM   220  C CA  . MET A 1 32  ? 3.440   1.463   0.970   1.00 12.74 ? 32  MET A CA  1 
ATOM   221  C C   . MET A 1 32  ? 4.345   0.382   0.387   1.00 12.37 ? 32  MET A C   1 
ATOM   222  O O   . MET A 1 32  ? 5.303   0.677   -0.349  1.00 12.30 ? 32  MET A O   1 
ATOM   223  C CB  . MET A 1 32  ? 2.329   1.781   -0.032  1.00 13.05 ? 32  MET A CB  1 
ATOM   224  C CG  . MET A 1 32  ? 1.387   0.641   -0.343  1.00 10.70 ? 32  MET A CG  1 
ATOM   225  S SD  . MET A 1 32  ? 0.135   1.252   -1.494  1.00 14.60 ? 32  MET A SD  1 
ATOM   226  C CE  . MET A 1 32  ? -0.656  -0.209  -1.992  1.00 15.40 ? 32  MET A CE  1 
ATOM   227  N N   . MET A 1 33  ? 4.029   -0.862  0.729   1.00 8.81  ? 33  MET A N   1 
ATOM   228  C CA  . MET A 1 33  ? 4.727   -2.046  0.235   1.00 10.81 ? 33  MET A CA  1 
ATOM   229  C C   . MET A 1 33  ? 3.632   -2.936  -0.316  1.00 13.79 ? 33  MET A C   1 
ATOM   230  O O   . MET A 1 33  ? 2.622   -3.191  0.371   1.00 17.36 ? 33  MET A O   1 
ATOM   231  C CB  . MET A 1 33  ? 5.409   -2.828  1.371   1.00 10.68 ? 33  MET A CB  1 
ATOM   232  C CG  . MET A 1 33  ? 6.368   -2.061  2.242   1.00 10.28 ? 33  MET A CG  1 
ATOM   233  S SD  . MET A 1 33  ? 6.993   -3.173  3.560   1.00 10.42 ? 33  MET A SD  1 
ATOM   234  C CE  . MET A 1 33  ? 8.346   -4.048  2.678   1.00 11.03 ? 33  MET A CE  1 
ATOM   235  N N   . ALA A 1 34  ? 3.791   -3.435  -1.530  1.00 13.76 ? 34  ALA A N   1 
ATOM   236  C CA  . ALA A 1 34  ? 2.768   -4.308  -2.085  1.00 10.47 ? 34  ALA A CA  1 
ATOM   237  C C   . ALA A 1 34  ? 3.341   -5.411  -2.939  1.00 9.70  ? 34  ALA A C   1 
ATOM   238  O O   . ALA A 1 34  ? 4.408   -5.273  -3.521  1.00 8.66  ? 34  ALA A O   1 
ATOM   239  C CB  . ALA A 1 34  ? 1.773   -3.500  -2.915  1.00 10.25 ? 34  ALA A CB  1 
ATOM   240  N N   . TYR A 1 35  ? 2.616   -6.518  -2.998  1.00 12.33 ? 35  TYR A N   1 
ATOM   241  C CA  . TYR A 1 35  ? 2.979   -7.643  -3.847  1.00 12.39 ? 35  TYR A CA  1 
ATOM   242  C C   . TYR A 1 35  ? 2.122   -7.268  -5.076  1.00 11.90 ? 35  TYR A C   1 
ATOM   243  O O   . TYR A 1 35  ? 2.420   -6.295  -5.744  1.00 12.84 ? 35  TYR A O   1 
ATOM   244  C CB  . TYR A 1 35  ? 2.516   -8.960  -3.207  1.00 11.13 ? 35  TYR A CB  1 
ATOM   245  C CG  . TYR A 1 35  ? 2.631   -10.167 -4.125  1.00 12.91 ? 35  TYR A CG  1 
ATOM   246  C CD1 . TYR A 1 35  ? 3.775   -10.389 -4.887  1.00 13.61 ? 35  TYR A CD1 1 
ATOM   247  C CD2 . TYR A 1 35  ? 1.583   -11.062 -4.243  1.00 11.94 ? 35  TYR A CD2 1 
ATOM   248  C CE1 . TYR A 1 35  ? 3.870   -11.476 -5.747  1.00 17.17 ? 35  TYR A CE1 1 
ATOM   249  C CE2 . TYR A 1 35  ? 1.660   -12.150 -5.094  1.00 16.63 ? 35  TYR A CE2 1 
ATOM   250  C CZ  . TYR A 1 35  ? 2.804   -12.365 -5.848  1.00 19.56 ? 35  TYR A CZ  1 
ATOM   251  O OH  . TYR A 1 35  ? 2.889   -13.489 -6.670  1.00 17.34 ? 35  TYR A OH  1 
ATOM   252  N N   . SER A 1 36  ? 1.059   -8.004  -5.367  1.00 11.89 ? 36  SER A N   1 
ATOM   253  C CA  . SER A 1 36  ? 0.204   -7.607  -6.490  1.00 17.65 ? 36  SER A CA  1 
ATOM   254  C C   . SER A 1 36  ? -0.223  -6.122  -6.317  1.00 15.90 ? 36  SER A C   1 
ATOM   255  O O   . SER A 1 36  ? -0.669  -5.720  -5.241  1.00 15.01 ? 36  SER A O   1 
ATOM   256  C CB  . SER A 1 36  ? -1.038  -8.495  -6.525  1.00 18.41 ? 36  SER A CB  1 
ATOM   257  O OG  . SER A 1 36  ? -0.649  -9.850  -6.599  1.00 23.08 ? 36  SER A OG  1 
ATOM   258  N N   . PHE A 1 37  ? -0.105  -5.326  -7.372  1.00 14.34 ? 37  PHE A N   1 
ATOM   259  C CA  . PHE A 1 37  ? -0.447  -3.905  -7.303  1.00 14.43 ? 37  PHE A CA  1 
ATOM   260  C C   . PHE A 1 37  ? -1.389  -3.570  -8.475  1.00 16.60 ? 37  PHE A C   1 
ATOM   261  O O   . PHE A 1 37  ? -0.942  -3.120  -9.534  1.00 14.39 ? 37  PHE A O   1 
ATOM   262  C CB  . PHE A 1 37  ? 0.858   -3.113  -7.404  1.00 15.18 ? 37  PHE A CB  1 
ATOM   263  C CG  . PHE A 1 37  ? 0.754   -1.660  -7.006  1.00 10.93 ? 37  PHE A CG  1 
ATOM   264  C CD1 . PHE A 1 37  ? 0.432   -1.305  -5.715  1.00 7.56  ? 37  PHE A CD1 1 
ATOM   265  C CD2 . PHE A 1 37  ? 1.066   -0.661  -7.920  1.00 12.60 ? 37  PHE A CD2 1 
ATOM   266  C CE1 . PHE A 1 37  ? 0.434   0.016   -5.319  1.00 10.42 ? 37  PHE A CE1 1 
ATOM   267  C CE2 . PHE A 1 37  ? 1.072   0.657   -7.551  1.00 11.27 ? 37  PHE A CE2 1 
ATOM   268  C CZ  . PHE A 1 37  ? 0.756   1.006   -6.239  1.00 10.67 ? 37  PHE A CZ  1 
ATOM   269  N N   . THR A 1 38  ? -2.694  -3.761  -8.283  1.00 15.78 ? 38  THR A N   1 
ATOM   270  C CA  . THR A 1 38  ? -3.606  -3.535  -9.387  1.00 15.02 ? 38  THR A CA  1 
ATOM   271  C C   . THR A 1 38  ? -4.969  -2.903  -9.133  1.00 14.32 ? 38  THR A C   1 
ATOM   272  O O   . THR A 1 38  ? -5.593  -2.436  -10.072 1.00 16.04 ? 38  THR A O   1 
ATOM   273  C CB  . THR A 1 38  ? -3.897  -4.849  -10.085 1.00 14.18 ? 38  THR A CB  1 
ATOM   274  O OG1 . THR A 1 38  ? -4.685  -5.655  -9.201  1.00 18.50 ? 38  THR A OG1 1 
ATOM   275  C CG2 . THR A 1 38  ? -2.622  -5.586  -10.421 1.00 13.59 ? 38  THR A CG2 1 
ATOM   276  N N   . ALA A 1 39  ? -5.459  -2.908  -7.899  1.00 14.25 ? 39  ALA A N   1 
ATOM   277  C CA  . ALA A 1 39  ? -6.782  -2.352  -7.618  1.00 13.86 ? 39  ALA A CA  1 
ATOM   278  C C   . ALA A 1 39  ? -6.969  -0.865  -7.997  1.00 14.99 ? 39  ALA A C   1 
ATOM   279  O O   . ALA A 1 39  ? -6.405  0.037   -7.370  1.00 11.86 ? 39  ALA A O   1 
ATOM   280  C CB  . ALA A 1 39  ? -7.124  -2.580  -6.152  1.00 11.86 ? 39  ALA A CB  1 
ATOM   281  N N   . PRO A 1 40  ? -7.795  -0.590  -9.016  1.00 16.86 ? 40  PRO A N   1 
ATOM   282  C CA  . PRO A 1 40  ? -8.026  0.802   -9.443  1.00 17.59 ? 40  PRO A CA  1 
ATOM   283  C C   . PRO A 1 40  ? -8.517  1.766   -8.351  1.00 17.55 ? 40  PRO A C   1 
ATOM   284  O O   . PRO A 1 40  ? -8.039  2.902   -8.278  1.00 18.53 ? 40  PRO A O   1 
ATOM   285  C CB  . PRO A 1 40  ? -9.038  0.667   -10.587 1.00 17.58 ? 40  PRO A CB  1 
ATOM   286  C CG  . PRO A 1 40  ? -8.830  -0.755  -11.089 1.00 19.38 ? 40  PRO A CG  1 
ATOM   287  C CD  . PRO A 1 40  ? -8.551  -1.551  -9.832  1.00 16.93 ? 40  PRO A CD  1 
ATOM   288  N N   . ASP A 1 41  ? -9.456  1.334   -7.502  1.00 17.21 ? 41  ASP A N   1 
ATOM   289  C CA  . ASP A 1 41  ? -9.941  2.240   -6.462  1.00 15.94 ? 41  ASP A CA  1 
ATOM   290  C C   . ASP A 1 41  ? -8.846  2.562   -5.439  1.00 14.03 ? 41  ASP A C   1 
ATOM   291  O O   . ASP A 1 41  ? -8.844  3.633   -4.820  1.00 12.90 ? 41  ASP A O   1 
ATOM   292  C CB  . ASP A 1 41  ? -11.204 1.678   -5.802  1.00 15.69 ? 41  ASP A CB  1 
ATOM   293  C CG  . ASP A 1 41  ? -12.419 1.803   -6.709  1.00 14.65 ? 41  ASP A CG  1 
ATOM   294  O OD1 . ASP A 1 41  ? -12.511 2.805   -7.460  1.00 14.74 ? 41  ASP A OD1 1 
ATOM   295  O OD2 . ASP A 1 41  ? -13.270 0.893   -6.685  1.00 14.98 ? 41  ASP A OD2 1 
ATOM   296  N N   . ILE A 1 42  ? -7.903  1.644   -5.272  1.00 11.99 ? 42  ILE A N   1 
ATOM   297  C CA  . ILE A 1 42  ? -6.798  1.871   -4.347  1.00 13.00 ? 42  ILE A CA  1 
ATOM   298  C C   . ILE A 1 42  ? -5.865  2.917   -4.986  1.00 12.65 ? 42  ILE A C   1 
ATOM   299  O O   . ILE A 1 42  ? -5.397  3.852   -4.331  1.00 12.69 ? 42  ILE A O   1 
ATOM   300  C CB  . ILE A 1 42  ? -5.996  0.576   -4.129  1.00 14.50 ? 42  ILE A CB  1 
ATOM   301  C CG1 . ILE A 1 42  ? -6.840  -0.432  -3.336  1.00 14.46 ? 42  ILE A CG1 1 
ATOM   302  C CG2 . ILE A 1 42  ? -4.658  0.907   -3.456  1.00 12.47 ? 42  ILE A CG2 1 
ATOM   303  C CD1 . ILE A 1 42  ? -7.391  0.095   -2.052  1.00 13.28 ? 42  ILE A CD1 1 
ATOM   304  N N   . MET A 1 43  ? -5.602  2.761   -6.277  1.00 13.32 ? 43  MET A N   1 
ATOM   305  C CA  . MET A 1 43  ? -4.740  3.703   -6.966  1.00 13.99 ? 43  MET A CA  1 
ATOM   306  C C   . MET A 1 43  ? -5.372  5.101   -6.899  1.00 16.38 ? 43  MET A C   1 
ATOM   307  O O   . MET A 1 43  ? -4.686  6.093   -6.603  1.00 15.81 ? 43  MET A O   1 
ATOM   308  C CB  . MET A 1 43  ? -4.558  3.270   -8.422  1.00 13.95 ? 43  MET A CB  1 
ATOM   309  C CG  . MET A 1 43  ? -4.040  1.857   -8.580  1.00 15.11 ? 43  MET A CG  1 
ATOM   310  S SD  . MET A 1 43  ? -2.562  1.567   -7.604  1.00 11.58 ? 43  MET A SD  1 
ATOM   311  C CE  . MET A 1 43  ? -2.649  -0.305  -7.359  1.00 7.14  ? 43  MET A CE  1 
ATOM   312  N N   . LYS A 1 44  ? -6.676  5.182   -7.157  1.00 16.58 ? 44  LYS A N   1 
ATOM   313  C CA  . LYS A 1 44  ? -7.386  6.461   -7.121  1.00 16.22 ? 44  LYS A CA  1 
ATOM   314  C C   . LYS A 1 44  ? -7.192  7.156   -5.786  1.00 13.40 ? 44  LYS A C   1 
ATOM   315  O O   . LYS A 1 44  ? -6.973  8.371   -5.723  1.00 13.54 ? 44  LYS A O   1 
ATOM   316  C CB  . LYS A 1 44  ? -8.883  6.247   -7.356  1.00 18.24 ? 44  LYS A CB  1 
ATOM   317  C CG  . LYS A 1 44  ? -9.263  6.064   -8.808  1.00 22.05 ? 44  LYS A CG  1 
ATOM   318  C CD  . LYS A 1 44  ? -10.773 6.030   -8.972  1.00 24.49 ? 44  LYS A CD  1 
ATOM   319  C CE  . LYS A 1 44  ? -11.172 5.947   -10.438 1.00 28.33 ? 44  LYS A CE  1 
ATOM   320  N NZ  . LYS A 1 44  ? -10.989 4.577   -10.997 1.00 33.45 ? 44  LYS A NZ  1 
ATOM   321  N N   . ALA A 1 45  ? -7.266  6.381   -4.711  1.00 14.28 ? 45  ALA A N   1 
ATOM   322  C CA  . ALA A 1 45  ? -7.100  6.921   -3.365  1.00 11.38 ? 45  ALA A CA  1 
ATOM   323  C C   . ALA A 1 45  ? -5.673  7.403   -3.077  1.00 11.29 ? 45  ALA A C   1 
ATOM   324  O O   . ALA A 1 45  ? -5.470  8.445   -2.437  1.00 10.12 ? 45  ALA A O   1 
ATOM   325  C CB  . ALA A 1 45  ? -7.517  5.877   -2.342  1.00 12.84 ? 45  ALA A CB  1 
ATOM   326  N N   . LEU A 1 46  ? -4.677  6.663   -3.541  1.00 10.17 ? 46  LEU A N   1 
ATOM   327  C CA  . LEU A 1 46  ? -3.294  7.065   -3.312  1.00 12.19 ? 46  LEU A CA  1 
ATOM   328  C C   . LEU A 1 46  ? -2.975  8.419   -3.991  1.00 13.87 ? 46  LEU A C   1 
ATOM   329  O O   . LEU A 1 46  ? -2.371  9.307   -3.383  1.00 13.84 ? 46  LEU A O   1 
ATOM   330  C CB  . LEU A 1 46  ? -2.342  5.978   -3.835  1.00 13.14 ? 46  LEU A CB  1 
ATOM   331  C CG  . LEU A 1 46  ? -2.396  4.667   -3.041  1.00 14.12 ? 46  LEU A CG  1 
ATOM   332  C CD1 . LEU A 1 46  ? -1.823  3.516   -3.862  1.00 11.91 ? 46  LEU A CD1 1 
ATOM   333  C CD2 . LEU A 1 46  ? -1.624  4.842   -1.732  1.00 15.42 ? 46  LEU A CD2 1 
ATOM   334  N N   . VAL A 1 47  ? -3.386  8.601   -5.240  1.00 14.33 ? 47  VAL A N   1 
ATOM   335  C CA  . VAL A 1 47  ? -3.090  9.864   -5.905  1.00 17.22 ? 47  VAL A CA  1 
ATOM   336  C C   . VAL A 1 47  ? -3.929  11.037  -5.369  1.00 16.77 ? 47  VAL A C   1 
ATOM   337  O O   . VAL A 1 47  ? -3.524  12.195  -5.492  1.00 18.32 ? 47  VAL A O   1 
ATOM   338  C CB  . VAL A 1 47  ? -3.214  9.734   -7.444  1.00 18.45 ? 47  VAL A CB  1 
ATOM   339  C CG1 . VAL A 1 47  ? -3.714  8.358   -7.797  1.00 18.89 ? 47  VAL A CG1 1 
ATOM   340  C CG2 . VAL A 1 47  ? -4.097  10.829  -8.009  1.00 17.95 ? 47  VAL A CG2 1 
ATOM   341  N N   . ALA A 1 48  ? -5.079  10.752  -4.759  1.00 14.45 ? 48  ALA A N   1 
ATOM   342  C CA  . ALA A 1 48  ? -5.882  11.819  -4.172  1.00 15.48 ? 48  ALA A CA  1 
ATOM   343  C C   . ALA A 1 48  ? -5.113  12.291  -2.934  1.00 16.82 ? 48  ALA A C   1 
ATOM   344  O O   . ALA A 1 48  ? -5.127  13.474  -2.593  1.00 17.11 ? 48  ALA A O   1 
ATOM   345  C CB  . ALA A 1 48  ? -7.270  11.302  -3.770  1.00 15.22 ? 48  ALA A CB  1 
ATOM   346  N N   . ALA A 1 49  ? -4.429  11.368  -2.258  1.00 17.10 ? 49  ALA A N   1 
ATOM   347  C CA  . ALA A 1 49  ? -3.649  11.744  -1.080  1.00 15.28 ? 49  ALA A CA  1 
ATOM   348  C C   . ALA A 1 49  ? -2.486  12.613  -1.573  1.00 14.06 ? 49  ALA A C   1 
ATOM   349  O O   . ALA A 1 49  ? -2.133  13.637  -0.962  1.00 12.31 ? 49  ALA A O   1 
ATOM   350  C CB  . ALA A 1 49  ? -3.128  10.501  -0.364  1.00 14.35 ? 49  ALA A CB  1 
ATOM   351  N N   . LYS A 1 50  ? -1.891  12.186  -2.682  1.00 17.93 ? 50  LYS A N   1 
ATOM   352  C CA  . LYS A 1 50  ? -0.800  12.919  -3.310  1.00 20.00 ? 50  LYS A CA  1 
ATOM   353  C C   . LYS A 1 50  ? -1.325  14.342  -3.550  1.00 19.85 ? 50  LYS A C   1 
ATOM   354  O O   . LYS A 1 50  ? -0.712  15.327  -3.128  1.00 19.18 ? 50  LYS A O   1 
ATOM   355  C CB  . LYS A 1 50  ? -0.442  12.266  -4.648  1.00 19.81 ? 50  LYS A CB  1 
ATOM   356  C CG  . LYS A 1 50  ? 0.632   12.990  -5.438  1.00 23.84 ? 50  LYS A CG  1 
ATOM   357  C CD  . LYS A 1 50  ? 1.974   12.901  -4.735  1.00 26.19 ? 50  LYS A CD  1 
ATOM   358  C CE  . LYS A 1 50  ? 3.048   13.702  -5.457  1.00 28.06 ? 50  LYS A CE  1 
ATOM   359  N NZ  . LYS A 1 50  ? 4.302   13.781  -4.639  1.00 30.40 ? 50  LYS A NZ  1 
ATOM   360  N N   . LYS A 1 51  ? -2.470  14.428  -4.218  1.00 18.83 ? 51  LYS A N   1 
ATOM   361  C CA  . LYS A 1 51  ? -3.092  15.708  -4.516  1.00 22.10 ? 51  LYS A CA  1 
ATOM   362  C C   . LYS A 1 51  ? -3.294  16.512  -3.244  1.00 22.10 ? 51  LYS A C   1 
ATOM   363  O O   . LYS A 1 51  ? -3.149  17.734  -3.249  1.00 24.09 ? 51  LYS A O   1 
ATOM   364  C CB  . LYS A 1 51  ? -4.446  15.497  -5.184  1.00 24.79 ? 51  LYS A CB  1 
ATOM   365  C CG  . LYS A 1 51  ? -4.430  15.637  -6.686  1.00 24.58 ? 51  LYS A CG  1 
ATOM   366  C CD  . LYS A 1 51  ? -3.525  14.615  -7.340  1.00 27.97 ? 51  LYS A CD  1 
ATOM   367  C CE  . LYS A 1 51  ? -3.734  14.601  -8.859  1.00 29.51 ? 51  LYS A CE  1 
ATOM   368  N NZ  . LYS A 1 51  ? -5.185  14.593  -9.256  1.00 27.87 ? 51  LYS A NZ  1 
ATOM   369  N N   . ARG A 1 52  ? -3.648  15.823  -2.164  1.00 21.46 ? 52  ARG A N   1 
ATOM   370  C CA  . ARG A 1 52  ? -3.863  16.462  -0.867  1.00 20.85 ? 52  ARG A CA  1 
ATOM   371  C C   . ARG A 1 52  ? -2.527  16.964  -0.324  1.00 20.71 ? 52  ARG A C   1 
ATOM   372  O O   . ARG A 1 52  ? -2.477  17.685  0.671   1.00 21.33 ? 52  ARG A O   1 
ATOM   373  C CB  . ARG A 1 52  ? -4.436  15.451  0.132   1.00 23.40 ? 52  ARG A CB  1 
ATOM   374  C CG  . ARG A 1 52  ? -5.949  15.366  0.182   1.00 24.93 ? 52  ARG A CG  1 
ATOM   375  C CD  . ARG A 1 52  ? -6.432  14.891  1.562   1.00 26.14 ? 52  ARG A CD  1 
ATOM   376  N NE  . ARG A 1 52  ? -5.666  13.760  2.100   1.00 23.05 ? 52  ARG A NE  1 
ATOM   377  C CZ  . ARG A 1 52  ? -5.859  12.491  1.740   1.00 22.91 ? 52  ARG A CZ  1 
ATOM   378  N NH1 . ARG A 1 52  ? -6.787  12.180  0.841   1.00 21.00 ? 52  ARG A NH1 1 
ATOM   379  N NH2 . ARG A 1 52  ? -5.134  11.527  2.284   1.00 15.73 ? 52  ARG A NH2 1 
ATOM   380  N N   . GLY A 1 53  ? -1.438  16.555  -0.962  1.00 20.57 ? 53  GLY A N   1 
ATOM   381  C CA  . GLY A 1 53  ? -0.124  16.977  -0.511  1.00 20.28 ? 53  GLY A CA  1 
ATOM   382  C C   . GLY A 1 53  ? 0.577   15.943  0.354   1.00 21.96 ? 53  GLY A C   1 
ATOM   383  O O   . GLY A 1 53  ? 1.649   16.212  0.916   1.00 20.45 ? 53  GLY A O   1 
ATOM   384  N N   . VAL A 1 54  ? -0.014  14.754  0.468   1.00 18.43 ? 54  VAL A N   1 
ATOM   385  C CA  . VAL A 1 54  ? 0.607   13.703  1.271   1.00 16.53 ? 54  VAL A CA  1 
ATOM   386  C C   . VAL A 1 54  ? 1.861   13.198  0.554   1.00 16.51 ? 54  VAL A C   1 
ATOM   387  O O   . VAL A 1 54  ? 1.883   13.053  -0.686  1.00 15.17 ? 54  VAL A O   1 
ATOM   388  C CB  . VAL A 1 54  ? -0.356  12.494  1.503   1.00 16.67 ? 54  VAL A CB  1 
ATOM   389  C CG1 . VAL A 1 54  ? 0.401   11.337  2.175   1.00 12.10 ? 54  VAL A CG1 1 
ATOM   390  C CG2 . VAL A 1 54  ? -1.543  12.918  2.360   1.00 16.62 ? 54  VAL A CG2 1 
ATOM   391  N N   . ASP A 1 55  ? 2.907   12.951  1.340   1.00 16.50 ? 55  ASP A N   1 
ATOM   392  C CA  . ASP A 1 55  ? 4.166   12.433  0.822   1.00 15.47 ? 55  ASP A CA  1 
ATOM   393  C C   . ASP A 1 55  ? 3.995   10.913  0.672   1.00 16.65 ? 55  ASP A C   1 
ATOM   394  O O   . ASP A 1 55  ? 4.089   10.155  1.646   1.00 15.41 ? 55  ASP A O   1 
ATOM   395  C CB  . ASP A 1 55  ? 5.294   12.779  1.809   1.00 16.98 ? 55  ASP A CB  1 
ATOM   396  C CG  . ASP A 1 55  ? 6.605   12.088  1.482   1.00 15.12 ? 55  ASP A CG  1 
ATOM   397  O OD1 . ASP A 1 55  ? 6.714   11.417  0.432   1.00 16.62 ? 55  ASP A OD1 1 
ATOM   398  O OD2 . ASP A 1 55  ? 7.542   12.221  2.291   1.00 17.83 ? 55  ASP A OD2 1 
ATOM   399  N N   . VAL A 1 56  ? 3.735   10.493  -0.562  1.00 14.35 ? 56  VAL A N   1 
ATOM   400  C CA  . VAL A 1 56  ? 3.511   9.093   -0.909  1.00 15.59 ? 56  VAL A CA  1 
ATOM   401  C C   . VAL A 1 56  ? 4.668   8.422   -1.650  1.00 15.58 ? 56  VAL A C   1 
ATOM   402  O O   . VAL A 1 56  ? 5.146   8.931   -2.662  1.00 15.56 ? 56  VAL A O   1 
ATOM   403  C CB  . VAL A 1 56  ? 2.241   8.969   -1.788  1.00 13.22 ? 56  VAL A CB  1 
ATOM   404  C CG1 . VAL A 1 56  ? 1.937   7.497   -2.097  1.00 9.41  ? 56  VAL A CG1 1 
ATOM   405  C CG2 . VAL A 1 56  ? 1.080   9.674   -1.090  1.00 9.51  ? 56  VAL A CG2 1 
ATOM   406  N N   . LYS A 1 57  ? 5.117   7.280   -1.138  1.00 15.49 ? 57  LYS A N   1 
ATOM   407  C CA  . LYS A 1 57  ? 6.185   6.518   -1.779  1.00 14.85 ? 57  LYS A CA  1 
ATOM   408  C C   . LYS A 1 57  ? 5.808   5.040   -1.695  1.00 15.86 ? 57  LYS A C   1 
ATOM   409  O O   . LYS A 1 57  ? 5.392   4.551   -0.626  1.00 14.42 ? 57  LYS A O   1 
ATOM   410  C CB  . LYS A 1 57  ? 7.527   6.783   -1.095  1.00 15.82 ? 57  LYS A CB  1 
ATOM   411  C CG  . LYS A 1 57  ? 7.895   8.258   -1.046  1.00 17.73 ? 57  LYS A CG  1 
ATOM   412  C CD  . LYS A 1 57  ? 9.364   8.441   -1.293  1.00 20.08 ? 57  LYS A CD  1 
ATOM   413  C CE  . LYS A 1 57  ? 9.903   9.609   -0.502  1.00 24.05 ? 57  LYS A CE  1 
ATOM   414  N NZ  . LYS A 1 57  ? 11.349  9.845   -0.826  1.00 26.79 ? 57  LYS A NZ  1 
ATOM   415  N N   . ILE A 1 58  ? 5.947   4.338   -2.817  1.00 14.20 ? 58  ILE A N   1 
ATOM   416  C CA  . ILE A 1 58  ? 5.569   2.935   -2.910  1.00 13.77 ? 58  ILE A CA  1 
ATOM   417  C C   . ILE A 1 58  ? 6.647   1.988   -3.454  1.00 14.30 ? 58  ILE A C   1 
ATOM   418  O O   . ILE A 1 58  ? 7.330   2.306   -4.436  1.00 11.45 ? 58  ILE A O   1 
ATOM   419  C CB  . ILE A 1 58  ? 4.312   2.798   -3.816  1.00 11.12 ? 58  ILE A CB  1 
ATOM   420  C CG1 . ILE A 1 58  ? 3.319   3.923   -3.498  1.00 11.31 ? 58  ILE A CG1 1 
ATOM   421  C CG2 . ILE A 1 58  ? 3.660   1.422   -3.635  1.00 12.60 ? 58  ILE A CG2 1 
ATOM   422  C CD1 . ILE A 1 58  ? 2.114   3.990   -4.455  1.00 11.73 ? 58  ILE A CD1 1 
ATOM   423  N N   . VAL A 1 59  ? 6.814   0.836   -2.804  1.00 12.80 ? 59  VAL A N   1 
ATOM   424  C CA  . VAL A 1 59  ? 7.752   -0.181  -3.281  1.00 13.01 ? 59  VAL A CA  1 
ATOM   425  C C   . VAL A 1 59  ? 6.925   -1.441  -3.487  1.00 11.66 ? 59  VAL A C   1 
ATOM   426  O O   . VAL A 1 59  ? 6.305   -1.935  -2.546  1.00 12.51 ? 59  VAL A O   1 
ATOM   427  C CB  . VAL A 1 59  ? 8.840   -0.561  -2.266  1.00 14.71 ? 59  VAL A CB  1 
ATOM   428  C CG1 . VAL A 1 59  ? 9.940   -1.330  -2.995  1.00 11.86 ? 59  VAL A CG1 1 
ATOM   429  C CG2 . VAL A 1 59  ? 9.385   0.646   -1.592  1.00 22.68 ? 59  VAL A CG2 1 
ATOM   430  N N   . ILE A 1 60  ? 6.920   -1.973  -4.698  1.00 11.65 ? 60  ILE A N   1 
ATOM   431  C CA  . ILE A 1 60  ? 6.139   -3.159  -4.969  1.00 12.38 ? 60  ILE A CA  1 
ATOM   432  C C   . ILE A 1 60  ? 6.995   -4.302  -5.497  1.00 13.89 ? 60  ILE A C   1 
ATOM   433  O O   . ILE A 1 60  ? 8.138   -4.103  -5.918  1.00 12.76 ? 60  ILE A O   1 
ATOM   434  C CB  . ILE A 1 60  ? 5.005   -2.839  -5.975  1.00 11.08 ? 60  ILE A CB  1 
ATOM   435  C CG1 . ILE A 1 60  ? 5.580   -2.692  -7.390  1.00 11.31 ? 60  ILE A CG1 1 
ATOM   436  C CG2 . ILE A 1 60  ? 4.314   -1.554  -5.572  1.00 10.56 ? 60  ILE A CG2 1 
ATOM   437  C CD1 . ILE A 1 60  ? 4.543   -2.288  -8.437  1.00 6.29  ? 60  ILE A CD1 1 
ATOM   438  N N   . ASP A 1 61  ? 6.454   -5.510  -5.447  1.00 12.53 ? 61  ASP A N   1 
ATOM   439  C CA  . ASP A 1 61  ? 7.175   -6.664  -5.943  1.00 13.20 ? 61  ASP A CA  1 
ATOM   440  C C   . ASP A 1 61  ? 7.320   -6.538  -7.454  1.00 14.58 ? 61  ASP A C   1 
ATOM   441  O O   . ASP A 1 61  ? 6.356   -6.260  -8.156  1.00 15.93 ? 61  ASP A O   1 
ATOM   442  C CB  . ASP A 1 61  ? 6.425   -7.959  -5.618  1.00 10.73 ? 61  ASP A CB  1 
ATOM   443  C CG  . ASP A 1 61  ? 7.178   -9.185  -6.093  1.00 12.00 ? 61  ASP A CG  1 
ATOM   444  O OD1 . ASP A 1 61  ? 8.258   -9.489  -5.538  1.00 11.15 ? 61  ASP A OD1 1 
ATOM   445  O OD2 . ASP A 1 61  ? 6.691   -9.836  -7.031  1.00 13.02 ? 61  ASP A OD2 1 
ATOM   446  N N   . GLU A 1 62  ? 8.520   -6.776  -7.959  1.00 15.72 ? 62  GLU A N   1 
ATOM   447  C CA  . GLU A 1 62  ? 8.749   -6.659  -9.386  1.00 17.17 ? 62  GLU A CA  1 
ATOM   448  C C   . GLU A 1 62  ? 8.176   -7.809  -10.214 1.00 18.91 ? 62  GLU A C   1 
ATOM   449  O O   . GLU A 1 62  ? 7.343   -7.599  -11.106 1.00 13.96 ? 62  GLU A O   1 
ATOM   450  C CB  . GLU A 1 62  ? 10.238  -6.539  -9.642  1.00 17.06 ? 62  GLU A CB  1 
ATOM   451  C CG  . GLU A 1 62  ? 10.547  -5.932  -10.975 1.00 26.47 ? 62  GLU A CG  1 
ATOM   452  C CD  . GLU A 1 62  ? 11.687  -6.635  -11.651 1.00 27.63 ? 62  GLU A CD  1 
ATOM   453  O OE1 . GLU A 1 62  ? 11.496  -7.790  -12.104 1.00 30.04 ? 62  GLU A OE1 1 
ATOM   454  O OE2 . GLU A 1 62  ? 12.772  -6.031  -11.713 1.00 28.52 ? 62  GLU A OE2 1 
ATOM   455  N N   . ARG A 1 63  ? 8.612   -9.030  -9.908  1.00 19.47 ? 63  ARG A N   1 
ATOM   456  C CA  . ARG A 1 63  ? 8.163   -10.204 -10.658 1.00 21.19 ? 63  ARG A CA  1 
ATOM   457  C C   . ARG A 1 63  ? 6.644   -10.443 -10.717 1.00 17.93 ? 63  ARG A C   1 
ATOM   458  O O   . ARG A 1 63  ? 6.128   -10.944 -11.716 1.00 17.35 ? 63  ARG A O   1 
ATOM   459  C CB  . ARG A 1 63  ? 8.861   -11.455 -10.115 1.00 20.73 ? 63  ARG A CB  1 
ATOM   460  C CG  . ARG A 1 63  ? 10.366  -11.463 -10.326 1.00 29.36 ? 63  ARG A CG  1 
ATOM   461  C CD  . ARG A 1 63  ? 10.890  -12.884 -10.313 1.00 35.33 ? 63  ARG A CD  1 
ATOM   462  N NE  . ARG A 1 63  ? 9.784   -13.833 -10.369 1.00 38.77 ? 63  ARG A NE  1 
ATOM   463  C CZ  . ARG A 1 63  ? 9.412   -14.618 -9.363  1.00 42.23 ? 63  ARG A CZ  1 
ATOM   464  N NH1 . ARG A 1 63  ? 10.063  -14.575 -8.203  1.00 45.17 ? 63  ARG A NH1 1 
ATOM   465  N NH2 . ARG A 1 63  ? 8.374   -15.433 -9.510  1.00 44.04 ? 63  ARG A NH2 1 
ATOM   466  N N   . GLY A 1 64  ? 5.934   -10.102 -9.647  1.00 16.36 ? 64  GLY A N   1 
ATOM   467  C CA  . GLY A 1 64  ? 4.496   -10.305 -9.649  1.00 15.07 ? 64  GLY A CA  1 
ATOM   468  C C   . GLY A 1 64  ? 3.722   -9.115  -10.204 1.00 15.48 ? 64  GLY A C   1 
ATOM   469  O O   . GLY A 1 64  ? 2.494   -9.052  -10.094 1.00 15.19 ? 64  GLY A O   1 
ATOM   470  N N   . ASN A 1 65  ? 4.422   -8.169  -10.817 1.00 16.39 ? 65  ASN A N   1 
ATOM   471  C CA  . ASN A 1 65  ? 3.734   -7.012  -11.355 1.00 15.75 ? 65  ASN A CA  1 
ATOM   472  C C   . ASN A 1 65  ? 4.085   -6.722  -12.818 1.00 17.86 ? 65  ASN A C   1 
ATOM   473  O O   . ASN A 1 65  ? 4.411   -5.592  -13.188 1.00 17.75 ? 65  ASN A O   1 
ATOM   474  C CB  . ASN A 1 65  ? 4.014   -5.785  -10.475 1.00 15.65 ? 65  ASN A CB  1 
ATOM   475  C CG  . ASN A 1 65  ? 3.127   -5.747  -9.229  1.00 13.22 ? 65  ASN A CG  1 
ATOM   476  O OD1 . ASN A 1 65  ? 1.900   -5.778  -9.314  1.00 16.60 ? 65  ASN A OD1 1 
ATOM   477  N ND2 . ASN A 1 65  ? 3.752   -5.676  -8.073  1.00 11.17 ? 65  ASN A ND2 1 
ATOM   478  N N   . THR A 1 66  ? 4.009   -7.749  -13.651 1.00 15.98 ? 66  THR A N   1 
ATOM   479  C CA  . THR A 1 66  ? 4.301   -7.558  -15.065 1.00 17.17 ? 66  THR A CA  1 
ATOM   480  C C   . THR A 1 66  ? 3.025   -7.673  -15.891 1.00 15.00 ? 66  THR A C   1 
ATOM   481  O O   . THR A 1 66  ? 3.064   -7.528  -17.115 1.00 17.42 ? 66  THR A O   1 
ATOM   482  C CB  . THR A 1 66  ? 5.338   -8.580  -15.611 1.00 16.25 ? 66  THR A CB  1 
ATOM   483  O OG1 . THR A 1 66  ? 4.845   -9.926  -15.455 1.00 17.75 ? 66  THR A OG1 1 
ATOM   484  C CG2 . THR A 1 66  ? 6.650   -8.433  -14.884 1.00 17.40 ? 66  THR A CG2 1 
ATOM   485  N N   . GLY A 1 67  ? 1.899   -7.929  -15.227 1.00 14.91 ? 67  GLY A N   1 
ATOM   486  C CA  . GLY A 1 67  ? 0.650   -8.058  -15.967 1.00 12.90 ? 67  GLY A CA  1 
ATOM   487  C C   . GLY A 1 67  ? 0.057   -6.734  -16.422 1.00 14.32 ? 67  GLY A C   1 
ATOM   488  O O   . GLY A 1 67  ? 0.417   -5.666  -15.918 1.00 14.28 ? 67  GLY A O   1 
ATOM   489  N N   . ARG A 1 68  ? -0.874  -6.788  -17.362 1.00 16.28 ? 68  ARG A N   1 
ATOM   490  C CA  . ARG A 1 68  ? -1.509  -5.586  -17.898 1.00 15.67 ? 68  ARG A CA  1 
ATOM   491  C C   . ARG A 1 68  ? -2.063  -4.615  -16.836 1.00 14.81 ? 68  ARG A C   1 
ATOM   492  O O   . ARG A 1 68  ? -1.774  -3.415  -16.867 1.00 14.47 ? 68  ARG A O   1 
ATOM   493  C CB  . ARG A 1 68  ? -2.633  -5.987  -18.864 1.00 17.93 ? 68  ARG A CB  1 
ATOM   494  C CG  . ARG A 1 68  ? -3.224  -4.818  -19.652 1.00 23.94 ? 68  ARG A CG  1 
ATOM   495  C CD  . ARG A 1 68  ? -2.178  -4.216  -20.579 1.00 26.89 ? 68  ARG A CD  1 
ATOM   496  N NE  . ARG A 1 68  ? -2.574  -2.941  -21.190 1.00 26.47 ? 68  ARG A NE  1 
ATOM   497  C CZ  . ARG A 1 68  ? -2.286  -1.740  -20.685 1.00 26.06 ? 68  ARG A CZ  1 
ATOM   498  N NH1 . ARG A 1 68  ? -1.597  -1.630  -19.543 1.00 21.03 ? 68  ARG A NH1 1 
ATOM   499  N NH2 . ARG A 1 68  ? -2.644  -0.647  -21.354 1.00 24.64 ? 68  ARG A NH2 1 
ATOM   500  N N   . ALA A 1 69  ? -2.839  -5.140  -15.894 1.00 14.30 ? 69  ALA A N   1 
ATOM   501  C CA  . ALA A 1 69  ? -3.448  -4.333  -14.838 1.00 12.98 ? 69  ALA A CA  1 
ATOM   502  C C   . ALA A 1 69  ? -2.392  -3.701  -13.928 1.00 12.35 ? 69  ALA A C   1 
ATOM   503  O O   . ALA A 1 69  ? -2.556  -2.562  -13.446 1.00 11.48 ? 69  ALA A O   1 
ATOM   504  C CB  . ALA A 1 69  ? -4.394  -5.205  -14.025 1.00 15.96 ? 69  ALA A CB  1 
ATOM   505  N N   . SER A 1 70  ? -1.312  -4.444  -13.689 1.00 12.13 ? 70  SER A N   1 
ATOM   506  C CA  . SER A 1 70  ? -0.214  -3.970  -12.863 1.00 11.87 ? 70  SER A CA  1 
ATOM   507  C C   . SER A 1 70  ? 0.403   -2.776  -13.568 1.00 11.70 ? 70  SER A C   1 
ATOM   508  O O   . SER A 1 70  ? 0.621   -1.714  -12.967 1.00 12.72 ? 70  SER A O   1 
ATOM   509  C CB  . SER A 1 70  ? 0.860   -5.048  -12.714 1.00 9.82  ? 70  SER A CB  1 
ATOM   510  O OG  . SER A 1 70  ? 0.458   -6.060  -11.816 1.00 13.10 ? 70  SER A OG  1 
ATOM   511  N N   . ILE A 1 71  ? 0.700   -2.945  -14.849 1.00 13.35 ? 71  ILE A N   1 
ATOM   512  C CA  . ILE A 1 71  ? 1.318   -1.853  -15.604 1.00 14.83 ? 71  ILE A CA  1 
ATOM   513  C C   . ILE A 1 71  ? 0.410   -0.610  -15.666 1.00 12.99 ? 71  ILE A C   1 
ATOM   514  O O   . ILE A 1 71  ? 0.901   0.512   -15.535 1.00 14.11 ? 71  ILE A O   1 
ATOM   515  C CB  . ILE A 1 71  ? 1.734   -2.330  -17.022 1.00 13.93 ? 71  ILE A CB  1 
ATOM   516  C CG1 . ILE A 1 71  ? 2.961   -3.237  -16.904 1.00 13.39 ? 71  ILE A CG1 1 
ATOM   517  C CG2 . ILE A 1 71  ? 2.067   -1.139  -17.914 1.00 12.66 ? 71  ILE A CG2 1 
ATOM   518  C CD1 . ILE A 1 71  ? 3.354   -3.923  -18.208 1.00 16.88 ? 71  ILE A CD1 1 
ATOM   519  N N   . ALA A 1 72  ? -0.904  -0.804  -15.830 1.00 13.81 ? 72  ALA A N   1 
ATOM   520  C CA  . ALA A 1 72  ? -1.844  0.322   -15.861 1.00 12.15 ? 72  ALA A CA  1 
ATOM   521  C C   . ALA A 1 72  ? -1.840  1.062   -14.522 1.00 12.11 ? 72  ALA A C   1 
ATOM   522  O O   . ALA A 1 72  ? -1.868  2.293   -14.488 1.00 15.37 ? 72  ALA A O   1 
ATOM   523  C CB  . ALA A 1 72  ? -3.260  -0.169  -16.192 1.00 12.97 ? 72  ALA A CB  1 
ATOM   524  N N   . ALA A 1 73  ? -1.790  0.316   -13.418 1.00 10.30 ? 73  ALA A N   1 
ATOM   525  C CA  . ALA A 1 73  ? -1.751  0.906   -12.091 1.00 8.90  ? 73  ALA A CA  1 
ATOM   526  C C   . ALA A 1 73  ? -0.396  1.587   -11.864 1.00 14.33 ? 73  ALA A C   1 
ATOM   527  O O   . ALA A 1 73  ? -0.336  2.712   -11.353 1.00 15.38 ? 73  ALA A O   1 
ATOM   528  C CB  . ALA A 1 73  ? -1.978  -0.170  -11.035 1.00 13.83 ? 73  ALA A CB  1 
ATOM   529  N N   . MET A 1 74  ? 0.694   0.920   -12.246 1.00 13.17 ? 74  MET A N   1 
ATOM   530  C CA  . MET A 1 74  ? 2.028   1.487   -12.082 1.00 13.93 ? 74  MET A CA  1 
ATOM   531  C C   . MET A 1 74  ? 2.218   2.780   -12.900 1.00 14.29 ? 74  MET A C   1 
ATOM   532  O O   . MET A 1 74  ? 2.846   3.739   -12.437 1.00 15.27 ? 74  MET A O   1 
ATOM   533  C CB  . MET A 1 74  ? 3.076   0.452   -12.489 1.00 16.16 ? 74  MET A CB  1 
ATOM   534  C CG  . MET A 1 74  ? 3.057   -0.789  -11.622 1.00 13.83 ? 74  MET A CG  1 
ATOM   535  S SD  . MET A 1 74  ? 3.950   -2.163  -12.369 1.00 13.60 ? 74  MET A SD  1 
ATOM   536  C CE  . MET A 1 74  ? 5.622   -1.640  -12.222 1.00 9.15  ? 74  MET A CE  1 
ATOM   537  N N   . ASN A 1 75  ? 1.692   2.801   -14.120 1.00 14.67 ? 75  ASN A N   1 
ATOM   538  C CA  . ASN A 1 75  ? 1.793   3.985   -14.969 1.00 16.36 ? 75  ASN A CA  1 
ATOM   539  C C   . ASN A 1 75  ? 0.967   5.142   -14.367 1.00 15.25 ? 75  ASN A C   1 
ATOM   540  O O   . ASN A 1 75  ? 1.432   6.287   -14.278 1.00 15.64 ? 75  ASN A O   1 
ATOM   541  C CB  . ASN A 1 75  ? 1.269   3.671   -16.369 1.00 15.96 ? 75  ASN A CB  1 
ATOM   542  C CG  . ASN A 1 75  ? 2.282   2.956   -17.231 1.00 14.92 ? 75  ASN A CG  1 
ATOM   543  O OD1 . ASN A 1 75  ? 1.919   2.306   -18.206 1.00 17.08 ? 75  ASN A OD1 1 
ATOM   544  N ND2 . ASN A 1 75  ? 3.560   3.078   -16.887 1.00 11.40 ? 75  ASN A ND2 1 
ATOM   545  N N   . TYR A 1 76  ? -0.252  4.836   -13.953 1.00 14.51 ? 76  TYR A N   1 
ATOM   546  C CA  . TYR A 1 76  ? -1.144  5.819   -13.360 1.00 14.66 ? 76  TYR A CA  1 
ATOM   547  C C   . TYR A 1 76  ? -0.505  6.478   -12.145 1.00 15.72 ? 76  TYR A C   1 
ATOM   548  O O   . TYR A 1 76  ? -0.554  7.703   -11.969 1.00 13.90 ? 76  TYR A O   1 
ATOM   549  C CB  . TYR A 1 76  ? -2.438  5.126   -12.950 1.00 19.54 ? 76  TYR A CB  1 
ATOM   550  C CG  . TYR A 1 76  ? -3.395  5.997   -12.164 1.00 25.02 ? 76  TYR A CG  1 
ATOM   551  C CD1 . TYR A 1 76  ? -3.743  7.261   -12.616 1.00 29.94 ? 76  TYR A CD1 1 
ATOM   552  C CD2 . TYR A 1 76  ? -3.972  5.547   -10.976 1.00 28.30 ? 76  TYR A CD2 1 
ATOM   553  C CE1 . TYR A 1 76  ? -4.647  8.062   -11.911 1.00 29.40 ? 76  TYR A CE1 1 
ATOM   554  C CE2 . TYR A 1 76  ? -4.880  6.343   -10.265 1.00 28.56 ? 76  TYR A CE2 1 
ATOM   555  C CZ  . TYR A 1 76  ? -5.210  7.602   -10.738 1.00 28.70 ? 76  TYR A CZ  1 
ATOM   556  O OH  . TYR A 1 76  ? -6.093  8.419   -10.053 1.00 28.04 ? 76  TYR A OH  1 
ATOM   557  N N   . ILE A 1 77  ? 0.092   5.646   -11.296 1.00 15.94 ? 77  ILE A N   1 
ATOM   558  C CA  . ILE A 1 77  ? 0.750   6.119   -10.079 1.00 14.60 ? 77  ILE A CA  1 
ATOM   559  C C   . ILE A 1 77  ? 1.981   6.970   -10.418 1.00 15.26 ? 77  ILE A C   1 
ATOM   560  O O   . ILE A 1 77  ? 2.152   8.076   -9.894  1.00 15.60 ? 77  ILE A O   1 
ATOM   561  C CB  . ILE A 1 77  ? 1.173   4.916   -9.185  1.00 13.69 ? 77  ILE A CB  1 
ATOM   562  C CG1 . ILE A 1 77  ? -0.077  4.272   -8.578  1.00 13.51 ? 77  ILE A CG1 1 
ATOM   563  C CG2 . ILE A 1 77  ? 2.137   5.363   -8.105  1.00 14.01 ? 77  ILE A CG2 1 
ATOM   564  C CD1 . ILE A 1 77  ? -0.742  5.082   -7.459  1.00 12.25 ? 77  ILE A CD1 1 
ATOM   565  N N   . ALA A 1 78  ? 2.832   6.454   -11.295 1.00 15.21 ? 78  ALA A N   1 
ATOM   566  C CA  . ALA A 1 78  ? 4.032   7.175   -11.701 1.00 17.58 ? 78  ALA A CA  1 
ATOM   567  C C   . ALA A 1 78  ? 3.646   8.507   -12.380 1.00 18.61 ? 78  ALA A C   1 
ATOM   568  O O   . ALA A 1 78  ? 4.246   9.553   -12.115 1.00 19.48 ? 78  ALA A O   1 
ATOM   569  C CB  . ALA A 1 78  ? 4.854   6.298   -12.659 1.00 15.35 ? 78  ALA A CB  1 
ATOM   570  N N   . ASN A 1 79  ? 2.631   8.452   -13.236 1.00 19.65 ? 79  ASN A N   1 
ATOM   571  C CA  . ASN A 1 79  ? 2.137   9.619   -13.956 1.00 21.34 ? 79  ASN A CA  1 
ATOM   572  C C   . ASN A 1 79  ? 1.701   10.705  -12.968 1.00 21.30 ? 79  ASN A C   1 
ATOM   573  O O   . ASN A 1 79  ? 1.684   11.896  -13.297 1.00 23.99 ? 79  ASN A O   1 
ATOM   574  C CB  . ASN A 1 79  ? 0.934   9.233   -14.835 1.00 23.70 ? 79  ASN A CB  1 
ATOM   575  C CG  . ASN A 1 79  ? 1.344   8.598   -16.174 1.00 25.56 ? 79  ASN A CG  1 
ATOM   576  O OD1 . ASN A 1 79  ? 2.499   8.623   -16.570 1.00 26.69 ? 79  ASN A OD1 1 
ATOM   577  N ND2 . ASN A 1 79  ? 0.378   8.026   -16.867 1.00 25.24 ? 79  ASN A ND2 1 
ATOM   578  N N   . SER A 1 80  ? 1.343   10.316  -11.753 1.00 19.37 ? 80  SER A N   1 
ATOM   579  C CA  . SER A 1 80  ? 0.877   11.296  -10.791 1.00 19.44 ? 80  SER A CA  1 
ATOM   580  C C   . SER A 1 80  ? 1.977   11.912  -9.929  1.00 19.30 ? 80  SER A C   1 
ATOM   581  O O   . SER A 1 80  ? 1.702   12.699  -9.022  1.00 20.06 ? 80  SER A O   1 
ATOM   582  C CB  . SER A 1 80  ? -0.197  10.682  -9.902  1.00 18.81 ? 80  SER A CB  1 
ATOM   583  O OG  . SER A 1 80  ? 0.409   10.093  -8.764  1.00 26.56 ? 80  SER A OG  1 
ATOM   584  N N   . GLY A 1 81  ? 3.227   11.565  -10.209 1.00 17.53 ? 81  GLY A N   1 
ATOM   585  C CA  . GLY A 1 81  ? 4.312   12.124  -9.430  1.00 17.64 ? 81  GLY A CA  1 
ATOM   586  C C   . GLY A 1 81  ? 4.631   11.359  -8.164  1.00 18.48 ? 81  GLY A C   1 
ATOM   587  O O   . GLY A 1 81  ? 5.451   11.801  -7.366  1.00 19.00 ? 81  GLY A O   1 
ATOM   588  N N   . ILE A 1 82  ? 3.996   10.210  -7.961  1.00 17.39 ? 82  ILE A N   1 
ATOM   589  C CA  . ILE A 1 82  ? 4.273   9.417   -6.761  1.00 15.73 ? 82  ILE A CA  1 
ATOM   590  C C   . ILE A 1 82  ? 5.521   8.565   -6.971  1.00 15.79 ? 82  ILE A C   1 
ATOM   591  O O   . ILE A 1 82  ? 5.577   7.753   -7.899  1.00 17.30 ? 82  ILE A O   1 
ATOM   592  C CB  . ILE A 1 82  ? 3.108   8.429   -6.413  1.00 16.53 ? 82  ILE A CB  1 
ATOM   593  C CG1 . ILE A 1 82  ? 1.922   9.169   -5.791  1.00 16.19 ? 82  ILE A CG1 1 
ATOM   594  C CG2 . ILE A 1 82  ? 3.589   7.388   -5.407  1.00 14.17 ? 82  ILE A CG2 1 
ATOM   595  C CD1 . ILE A 1 82  ? 0.614   8.398   -5.917  1.00 13.72 ? 82  ILE A CD1 1 
ATOM   596  N N   . PRO A 1 83  ? 6.559   8.761   -6.143  1.00 14.99 ? 83  PRO A N   1 
ATOM   597  C CA  . PRO A 1 83  ? 7.781   7.948   -6.294  1.00 14.80 ? 83  PRO A CA  1 
ATOM   598  C C   . PRO A 1 83  ? 7.419   6.457   -6.159  1.00 14.45 ? 83  PRO A C   1 
ATOM   599  O O   . PRO A 1 83  ? 6.812   6.042   -5.167  1.00 14.89 ? 83  PRO A O   1 
ATOM   600  C CB  . PRO A 1 83  ? 8.662   8.422   -5.144  1.00 13.18 ? 83  PRO A CB  1 
ATOM   601  C CG  . PRO A 1 83  ? 8.150   9.808   -4.833  1.00 14.41 ? 83  PRO A CG  1 
ATOM   602  C CD  . PRO A 1 83  ? 6.678   9.751   -5.062  1.00 12.76 ? 83  PRO A CD  1 
ATOM   603  N N   . LEU A 1 84  ? 7.796   5.661   -7.151  1.00 12.86 ? 84  LEU A N   1 
ATOM   604  C CA  . LEU A 1 84  ? 7.483   4.236   -7.177  1.00 13.56 ? 84  LEU A CA  1 
ATOM   605  C C   . LEU A 1 84  ? 8.665   3.377   -7.591  1.00 14.64 ? 84  LEU A C   1 
ATOM   606  O O   . LEU A 1 84  ? 9.391   3.709   -8.530  1.00 13.31 ? 84  LEU A O   1 
ATOM   607  C CB  . LEU A 1 84  ? 6.321   3.984   -8.138  1.00 11.95 ? 84  LEU A CB  1 
ATOM   608  C CG  . LEU A 1 84  ? 5.965   2.528   -8.397  1.00 11.91 ? 84  LEU A CG  1 
ATOM   609  C CD1 . LEU A 1 84  ? 5.290   1.931   -7.146  1.00 8.89  ? 84  LEU A CD1 1 
ATOM   610  C CD2 . LEU A 1 84  ? 5.045   2.432   -9.607  1.00 8.94  ? 84  LEU A CD2 1 
ATOM   611  N N   . ARG A 1 85  ? 8.859   2.266   -6.890  1.00 15.91 ? 85  ARG A N   1 
ATOM   612  C CA  . ARG A 1 85  ? 9.950   1.351   -7.194  1.00 15.16 ? 85  ARG A CA  1 
ATOM   613  C C   . ARG A 1 85  ? 9.538   -0.115  -7.175  1.00 13.48 ? 85  ARG A C   1 
ATOM   614  O O   . ARG A 1 85  ? 8.620   -0.531  -6.434  1.00 9.46  ? 85  ARG A O   1 
ATOM   615  C CB  . ARG A 1 85  ? 11.113  1.549   -6.199  1.00 14.43 ? 85  ARG A CB  1 
ATOM   616  C CG  . ARG A 1 85  ? 11.887  2.860   -6.349  1.00 14.11 ? 85  ARG A CG  1 
ATOM   617  C CD  . ARG A 1 85  ? 13.110  2.863   -5.415  1.00 18.60 ? 85  ARG A CD  1 
ATOM   618  N NE  . ARG A 1 85  ? 13.990  4.003   -5.655  1.00 18.32 ? 85  ARG A NE  1 
ATOM   619  C CZ  . ARG A 1 85  ? 15.073  4.287   -4.940  1.00 22.15 ? 85  ARG A CZ  1 
ATOM   620  N NH1 . ARG A 1 85  ? 15.423  3.506   -3.915  1.00 16.30 ? 85  ARG A NH1 1 
ATOM   621  N NH2 . ARG A 1 85  ? 15.829  5.340   -5.266  1.00 18.91 ? 85  ARG A NH2 1 
ATOM   622  N N   . THR A 1 86  ? 10.208  -0.891  -8.020  1.00 14.77 ? 86  THR A N   1 
ATOM   623  C CA  . THR A 1 86  ? 9.991   -2.337  -8.067  1.00 16.92 ? 86  THR A CA  1 
ATOM   624  C C   . THR A 1 86  ? 11.161  -2.963  -7.298  1.00 14.37 ? 86  THR A C   1 
ATOM   625  O O   . THR A 1 86  ? 12.277  -2.424  -7.308  1.00 13.97 ? 86  THR A O   1 
ATOM   626  C CB  . THR A 1 86  ? 9.961   -2.891  -9.517  1.00 16.14 ? 86  THR A CB  1 
ATOM   627  O OG1 . THR A 1 86  ? 11.134  -2.467  -10.225 1.00 16.13 ? 86  THR A OG1 1 
ATOM   628  C CG2 . THR A 1 86  ? 8.703   -2.414  -10.242 1.00 11.61 ? 86  THR A CG2 1 
ATOM   629  N N   . ASP A 1 87  ? 10.908  -4.074  -6.613  1.00 15.87 ? 87  ASP A N   1 
ATOM   630  C CA  . ASP A 1 87  ? 11.941  -4.753  -5.833  1.00 14.08 ? 87  ASP A CA  1 
ATOM   631  C C   . ASP A 1 87  ? 11.938  -6.210  -6.252  1.00 14.91 ? 87  ASP A C   1 
ATOM   632  O O   . ASP A 1 87  ? 10.919  -6.886  -6.138  1.00 15.27 ? 87  ASP A O   1 
ATOM   633  C CB  . ASP A 1 87  ? 11.629  -4.622  -4.326  1.00 15.25 ? 87  ASP A CB  1 
ATOM   634  C CG  . ASP A 1 87  ? 12.610  -5.410  -3.425  1.00 14.53 ? 87  ASP A CG  1 
ATOM   635  O OD1 . ASP A 1 87  ? 13.727  -5.751  -3.862  1.00 11.25 ? 87  ASP A OD1 1 
ATOM   636  O OD2 . ASP A 1 87  ? 12.249  -5.679  -2.257  1.00 14.22 ? 87  ASP A OD2 1 
ATOM   637  N N   . SER A 1 88  ? 13.075  -6.688  -6.749  1.00 17.68 ? 88  SER A N   1 
ATOM   638  C CA  . SER A 1 88  ? 13.187  -8.079  -7.186  1.00 18.46 ? 88  SER A CA  1 
ATOM   639  C C   . SER A 1 88  ? 14.231  -8.833  -6.388  1.00 17.95 ? 88  SER A C   1 
ATOM   640  O O   . SER A 1 88  ? 14.583  -9.950  -6.737  1.00 17.95 ? 88  SER A O   1 
ATOM   641  C CB  . SER A 1 88  ? 13.582  -8.153  -8.660  1.00 16.41 ? 88  SER A CB  1 
ATOM   642  O OG  . SER A 1 88  ? 14.887  -7.632  -8.840  1.00 13.63 ? 88  SER A OG  1 
ATOM   643  N N   . ASN A 1 89  ? 14.721  -8.224  -5.320  1.00 17.31 ? 89  ASN A N   1 
ATOM   644  C CA  . ASN A 1 89  ? 15.740  -8.870  -4.535  1.00 20.68 ? 89  ASN A CA  1 
ATOM   645  C C   . ASN A 1 89  ? 15.226  -10.013 -3.662  1.00 21.78 ? 89  ASN A C   1 
ATOM   646  O O   . ASN A 1 89  ? 16.021  -10.738 -3.070  1.00 22.34 ? 89  ASN A O   1 
ATOM   647  C CB  . ASN A 1 89  ? 16.485  -7.826  -3.716  1.00 25.03 ? 89  ASN A CB  1 
ATOM   648  C CG  . ASN A 1 89  ? 17.443  -7.000  -4.571  1.00 32.39 ? 89  ASN A CG  1 
ATOM   649  O OD1 . ASN A 1 89  ? 17.703  -7.337  -5.733  1.00 32.69 ? 89  ASN A OD1 1 
ATOM   650  N ND2 . ASN A 1 89  ? 17.965  -5.917  -4.006  1.00 35.40 ? 89  ASN A ND2 1 
ATOM   651  N N   . PHE A 1 90  ? 13.909  -10.188 -3.593  1.00 19.81 ? 90  PHE A N   1 
ATOM   652  C CA  . PHE A 1 90  ? 13.319  -11.283 -2.810  1.00 19.67 ? 90  PHE A CA  1 
ATOM   653  C C   . PHE A 1 90  ? 12.478  -12.121 -3.772  1.00 17.02 ? 90  PHE A C   1 
ATOM   654  O O   . PHE A 1 90  ? 11.792  -11.577 -4.638  1.00 19.27 ? 90  PHE A O   1 
ATOM   655  C CB  . PHE A 1 90  ? 12.420  -10.739 -1.679  1.00 14.50 ? 90  PHE A CB  1 
ATOM   656  C CG  . PHE A 1 90  ? 13.119  -9.783  -0.743  1.00 18.22 ? 90  PHE A CG  1 
ATOM   657  C CD1 . PHE A 1 90  ? 13.157  -8.418  -1.028  1.00 14.51 ? 90  PHE A CD1 1 
ATOM   658  C CD2 . PHE A 1 90  ? 13.770  -10.253 0.397   1.00 12.23 ? 90  PHE A CD2 1 
ATOM   659  C CE1 . PHE A 1 90  ? 13.835  -7.537  -0.201  1.00 14.03 ? 90  PHE A CE1 1 
ATOM   660  C CE2 . PHE A 1 90  ? 14.452  -9.376  1.234   1.00 11.07 ? 90  PHE A CE2 1 
ATOM   661  C CZ  . PHE A 1 90  ? 14.489  -8.014  0.939   1.00 11.41 ? 90  PHE A CZ  1 
ATOM   662  N N   . PRO A 1 91  ? 12.527  -13.456 -3.653  1.00 15.51 ? 91  PRO A N   1 
ATOM   663  C CA  . PRO A 1 91  ? 11.714  -14.242 -4.584  1.00 13.04 ? 91  PRO A CA  1 
ATOM   664  C C   . PRO A 1 91  ? 10.332  -13.613 -4.680  1.00 13.11 ? 91  PRO A C   1 
ATOM   665  O O   . PRO A 1 91  ? 9.681   -13.635 -5.727  1.00 13.34 ? 91  PRO A O   1 
ATOM   666  C CB  . PRO A 1 91  ? 11.706  -15.633 -3.956  1.00 14.84 ? 91  PRO A CB  1 
ATOM   667  C CG  . PRO A 1 91  ? 13.031  -15.702 -3.262  1.00 12.96 ? 91  PRO A CG  1 
ATOM   668  C CD  . PRO A 1 91  ? 13.293  -14.309 -2.727  1.00 13.19 ? 91  PRO A CD  1 
ATOM   669  N N   . ILE A 1 92  ? 9.888   -13.080 -3.548  1.00 13.26 ? 92  ILE A N   1 
ATOM   670  C CA  . ILE A 1 92  ? 8.620   -12.373 -3.458  1.00 11.80 ? 92  ILE A CA  1 
ATOM   671  C C   . ILE A 1 92  ? 8.628   -11.333 -2.342  1.00 13.36 ? 92  ILE A C   1 
ATOM   672  O O   . ILE A 1 92  ? 8.795   -11.682 -1.151  1.00 12.97 ? 92  ILE A O   1 
ATOM   673  C CB  . ILE A 1 92  ? 7.397   -13.291 -3.159  1.00 12.23 ? 92  ILE A CB  1 
ATOM   674  C CG1 . ILE A 1 92  ? 7.338   -14.485 -4.109  1.00 10.79 ? 92  ILE A CG1 1 
ATOM   675  C CG2 . ILE A 1 92  ? 6.112   -12.469 -3.312  1.00 12.72 ? 92  ILE A CG2 1 
ATOM   676  C CD1 . ILE A 1 92  ? 6.129   -15.339 -3.860  1.00 8.99  ? 92  ILE A CD1 1 
ATOM   677  N N   . GLN A 1 93  ? 8.491   -10.056 -2.704  1.00 12.11 ? 93  GLN A N   1 
ATOM   678  C CA  . GLN A 1 93  ? 8.374   -9.028  -1.684  1.00 10.80 ? 93  GLN A CA  1 
ATOM   679  C C   . GLN A 1 93  ? 6.881   -9.214  -1.447  1.00 12.44 ? 93  GLN A C   1 
ATOM   680  O O   . GLN A 1 93  ? 6.047   -8.674  -2.193  1.00 12.04 ? 93  GLN A O   1 
ATOM   681  C CB  . GLN A 1 93  ? 8.657   -7.628  -2.224  1.00 9.79  ? 93  GLN A CB  1 
ATOM   682  C CG  . GLN A 1 93  ? 8.744   -6.601  -1.090  1.00 12.51 ? 93  GLN A CG  1 
ATOM   683  C CD  . GLN A 1 93  ? 8.568   -5.156  -1.560  1.00 12.07 ? 93  GLN A CD  1 
ATOM   684  O OE1 . GLN A 1 93  ? 7.461   -4.633  -1.616  1.00 17.70 ? 93  GLN A OE1 1 
ATOM   685  N NE2 . GLN A 1 93  ? 9.670   -4.507  -1.887  1.00 8.98  ? 93  GLN A NE2 1 
ATOM   686  N N   . HIS A 1 94  ? 6.562   -10.001 -0.419  1.00 11.54 ? 94  HIS A N   1 
ATOM   687  C CA  . HIS A 1 94  ? 5.194   -10.392 -0.090  1.00 9.84  ? 94  HIS A CA  1 
ATOM   688  C C   . HIS A 1 94  ? 4.302   -9.518  0.814   1.00 6.05  ? 94  HIS A C   1 
ATOM   689  O O   . HIS A 1 94  ? 3.110   -9.772  0.913   1.00 2.93  ? 94  HIS A O   1 
ATOM   690  C CB  . HIS A 1 94  ? 5.252   -11.816 0.464   1.00 10.75 ? 94  HIS A CB  1 
ATOM   691  C CG  . HIS A 1 94  ? 3.972   -12.572 0.331   1.00 12.35 ? 94  HIS A CG  1 
ATOM   692  N ND1 . HIS A 1 94  ? 3.119   -12.794 1.393   1.00 9.75  ? 94  HIS A ND1 1 
ATOM   693  C CD2 . HIS A 1 94  ? 3.386   -13.141 -0.749  1.00 12.42 ? 94  HIS A CD2 1 
ATOM   694  C CE1 . HIS A 1 94  ? 2.063   -13.469 0.978   1.00 11.07 ? 94  HIS A CE1 1 
ATOM   695  N NE2 . HIS A 1 94  ? 2.205   -13.690 -0.317  1.00 12.69 ? 94  HIS A NE2 1 
ATOM   696  N N   . ASP A 1 95  ? 4.872   -8.514  1.466   1.00 9.25  ? 95  ASP A N   1 
ATOM   697  C CA  . ASP A 1 95  ? 4.112   -7.605  2.343   1.00 11.54 ? 95  ASP A CA  1 
ATOM   698  C C   . ASP A 1 95  ? 2.962   -6.856  1.663   1.00 12.04 ? 95  ASP A C   1 
ATOM   699  O O   . ASP A 1 95  ? 3.065   -6.487  0.487   1.00 15.39 ? 95  ASP A O   1 
ATOM   700  C CB  . ASP A 1 95  ? 5.046   -6.542  2.957   1.00 10.09 ? 95  ASP A CB  1 
ATOM   701  C CG  . ASP A 1 95  ? 6.335   -7.133  3.517   1.00 11.66 ? 95  ASP A CG  1 
ATOM   702  O OD1 . ASP A 1 95  ? 7.304   -7.330  2.743   1.00 10.56 ? 95  ASP A OD1 1 
ATOM   703  O OD2 . ASP A 1 95  ? 6.379   -7.391  4.736   1.00 11.91 ? 95  ASP A OD2 1 
ATOM   704  N N   . LYS A 1 96  ? 1.872   -6.648  2.402   1.00 10.23 ? 96  LYS A N   1 
ATOM   705  C CA  . LYS A 1 96  ? 0.707   -5.887  1.935   1.00 8.69  ? 96  LYS A CA  1 
ATOM   706  C C   . LYS A 1 96  ? 0.563   -4.914  3.083   1.00 9.18  ? 96  LYS A C   1 
ATOM   707  O O   . LYS A 1 96  ? -0.225  -5.128  4.008   1.00 9.84  ? 96  LYS A O   1 
ATOM   708  C CB  . LYS A 1 96  ? -0.544  -6.754  1.844   1.00 11.11 ? 96  LYS A CB  1 
ATOM   709  C CG  . LYS A 1 96  ? -0.394  -7.975  0.976   1.00 8.27  ? 96  LYS A CG  1 
ATOM   710  C CD  . LYS A 1 96  ? -0.098  -9.200  1.866   1.00 6.80  ? 96  LYS A CD  1 
ATOM   711  C CE  . LYS A 1 96  ? -0.255  -10.480 1.070   1.00 4.74  ? 96  LYS A CE  1 
ATOM   712  N NZ  . LYS A 1 96  ? 0.784   -10.568 -0.008  1.00 9.36  ? 96  LYS A NZ  1 
ATOM   713  N N   . VAL A 1 97  ? 1.330   -3.837  3.010   1.00 9.46  ? 97  VAL A N   1 
ATOM   714  C CA  . VAL A 1 97  ? 1.396   -2.877  4.095   1.00 11.15 ? 97  VAL A CA  1 
ATOM   715  C C   . VAL A 1 97  ? 1.295   -1.414  3.704   1.00 13.50 ? 97  VAL A C   1 
ATOM   716  O O   . VAL A 1 97  ? 1.843   -1.001  2.678   1.00 15.72 ? 97  VAL A O   1 
ATOM   717  C CB  . VAL A 1 97  ? 2.746   -3.047  4.821   1.00 10.21 ? 97  VAL A CB  1 
ATOM   718  C CG1 . VAL A 1 97  ? 2.999   -1.862  5.751   1.00 11.09 ? 97  VAL A CG1 1 
ATOM   719  C CG2 . VAL A 1 97  ? 2.782   -4.357  5.563   1.00 9.09  ? 97  VAL A CG2 1 
ATOM   720  N N   . ILE A 1 98  ? 0.607   -0.627  4.525   1.00 13.81 ? 98  ILE A N   1 
ATOM   721  C CA  . ILE A 1 98  ? 0.504   0.813   4.288   1.00 12.00 ? 98  ILE A CA  1 
ATOM   722  C C   . ILE A 1 98  ? 0.809   1.535   5.587   1.00 11.47 ? 98  ILE A C   1 
ATOM   723  O O   . ILE A 1 98  ? 0.038   1.428   6.534   1.00 11.79 ? 98  ILE A O   1 
ATOM   724  C CB  . ILE A 1 98  ? -0.899  1.264   3.866   1.00 11.00 ? 98  ILE A CB  1 
ATOM   725  C CG1 . ILE A 1 98  ? -1.400  0.443   2.683   1.00 8.46  ? 98  ILE A CG1 1 
ATOM   726  C CG2 . ILE A 1 98  ? -0.838  2.742   3.467   1.00 12.80 ? 98  ILE A CG2 1 
ATOM   727  C CD1 . ILE A 1 98  ? -2.659  0.997   2.045   1.00 9.85  ? 98  ILE A CD1 1 
ATOM   728  N N   . ILE A 1 99  ? 1.924   2.258   5.649   1.00 11.66 ? 99  ILE A N   1 
ATOM   729  C CA  . ILE A 1 99  ? 2.260   2.993   6.872   1.00 13.48 ? 99  ILE A CA  1 
ATOM   730  C C   . ILE A 1 99  ? 1.810   4.438   6.691   1.00 15.43 ? 99  ILE A C   1 
ATOM   731  O O   . ILE A 1 99  ? 2.292   5.151   5.801   1.00 17.69 ? 99  ILE A O   1 
ATOM   732  C CB  . ILE A 1 99  ? 3.778   2.970   7.170   1.00 13.60 ? 99  ILE A CB  1 
ATOM   733  C CG1 . ILE A 1 99  ? 4.286   1.527   7.190   1.00 13.69 ? 99  ILE A CG1 1 
ATOM   734  C CG2 . ILE A 1 99  ? 4.052   3.626   8.511   1.00 11.50 ? 99  ILE A CG2 1 
ATOM   735  C CD1 . ILE A 1 99  ? 5.745   1.396   6.844   1.00 11.79 ? 99  ILE A CD1 1 
ATOM   736  N N   . VAL A 1 100 ? 0.891   4.874   7.543   1.00 15.77 ? 100 VAL A N   1 
ATOM   737  C CA  . VAL A 1 100 ? 0.323   6.211   7.460   1.00 15.81 ? 100 VAL A CA  1 
ATOM   738  C C   . VAL A 1 100 ? 0.786   7.212   8.527   1.00 15.53 ? 100 VAL A C   1 
ATOM   739  O O   . VAL A 1 100 ? 0.709   6.950   9.741   1.00 13.98 ? 100 VAL A O   1 
ATOM   740  C CB  . VAL A 1 100 ? -1.219  6.092   7.492   1.00 17.63 ? 100 VAL A CB  1 
ATOM   741  C CG1 . VAL A 1 100 ? -1.882  7.466   7.462   1.00 12.35 ? 100 VAL A CG1 1 
ATOM   742  C CG2 . VAL A 1 100 ? -1.673  5.222   6.322   1.00 16.50 ? 100 VAL A CG2 1 
ATOM   743  N N   . ASP A 1 101 ? 1.300   8.344   8.059   1.00 15.65 ? 101 ASP A N   1 
ATOM   744  C CA  . ASP A 1 101 ? 1.746   9.441   8.915   1.00 16.31 ? 101 ASP A CA  1 
ATOM   745  C C   . ASP A 1 101 ? 2.716   9.005   10.001  1.00 17.44 ? 101 ASP A C   1 
ATOM   746  O O   . ASP A 1 101 ? 2.751   9.578   11.095  1.00 15.84 ? 101 ASP A O   1 
ATOM   747  C CB  . ASP A 1 101 ? 0.514   10.135  9.533   1.00 16.38 ? 101 ASP A CB  1 
ATOM   748  C CG  . ASP A 1 101 ? -0.362  10.808  8.477   1.00 16.44 ? 101 ASP A CG  1 
ATOM   749  O OD1 . ASP A 1 101 ? 0.136   11.060  7.360   1.00 17.32 ? 101 ASP A OD1 1 
ATOM   750  O OD2 . ASP A 1 101 ? -1.548  11.086  8.743   1.00 19.86 ? 101 ASP A OD2 1 
ATOM   751  N N   . ASN A 1 102 ? 3.515   7.995   9.688   1.00 17.74 ? 102 ASN A N   1 
ATOM   752  C CA  . ASN A 1 102 ? 4.501   7.460   10.618  1.00 19.72 ? 102 ASN A CA  1 
ATOM   753  C C   . ASN A 1 102 ? 4.020   7.060   12.023  1.00 16.42 ? 102 ASN A C   1 
ATOM   754  O O   . ASN A 1 102 ? 4.820   6.981   12.967  1.00 16.47 ? 102 ASN A O   1 
ATOM   755  C CB  . ASN A 1 102 ? 5.690   8.422   10.743  1.00 23.27 ? 102 ASN A CB  1 
ATOM   756  C CG  . ASN A 1 102 ? 7.015   7.681   10.847  1.00 32.06 ? 102 ASN A CG  1 
ATOM   757  O OD1 . ASN A 1 102 ? 7.074   6.449   10.676  1.00 35.40 ? 102 ASN A OD1 1 
ATOM   758  N ND2 . ASN A 1 102 ? 8.084   8.416   11.120  1.00 36.15 ? 102 ASN A ND2 1 
ATOM   759  N N   . VAL A 1 103 ? 2.726   6.813   12.178  1.00 14.53 ? 103 VAL A N   1 
ATOM   760  C CA  . VAL A 1 103 ? 2.216   6.385   13.487  1.00 15.06 ? 103 VAL A CA  1 
ATOM   761  C C   . VAL A 1 103 ? 1.128   5.330   13.338  1.00 13.32 ? 103 VAL A C   1 
ATOM   762  O O   . VAL A 1 103 ? 0.661   4.786   14.333  1.00 16.44 ? 103 VAL A O   1 
ATOM   763  C CB  . VAL A 1 103 ? 1.614   7.559   14.299  1.00 14.09 ? 103 VAL A CB  1 
ATOM   764  C CG1 . VAL A 1 103 ? 2.702   8.575   14.640  1.00 14.99 ? 103 VAL A CG1 1 
ATOM   765  C CG2 . VAL A 1 103 ? 0.485   8.218   13.497  1.00 9.34  ? 103 VAL A CG2 1 
ATOM   766  N N   . THR A 1 104 ? 0.726   5.049   12.103  1.00 12.41 ? 104 THR A N   1 
ATOM   767  C CA  . THR A 1 104 ? -0.331  4.076   11.851  1.00 12.98 ? 104 THR A CA  1 
ATOM   768  C C   . THR A 1 104 ? 0.078   3.045   10.812  1.00 12.60 ? 104 THR A C   1 
ATOM   769  O O   . THR A 1 104 ? 0.745   3.370   9.828   1.00 13.10 ? 104 THR A O   1 
ATOM   770  C CB  . THR A 1 104 ? -1.627  4.787   11.402  1.00 10.77 ? 104 THR A CB  1 
ATOM   771  O OG1 . THR A 1 104 ? -2.098  5.622   12.467  1.00 8.55  ? 104 THR A OG1 1 
ATOM   772  C CG2 . THR A 1 104 ? -2.713  3.780   11.060  1.00 12.11 ? 104 THR A CG2 1 
ATOM   773  N N   . VAL A 1 105 ? -0.321  1.798   11.033  1.00 11.92 ? 105 VAL A N   1 
ATOM   774  C CA  . VAL A 1 105 ? 0.044   0.712   10.132  1.00 10.22 ? 105 VAL A CA  1 
ATOM   775  C C   . VAL A 1 105 ? -1.121  -0.165  9.691   1.00 10.19 ? 105 VAL A C   1 
ATOM   776  O O   . VAL A 1 105 ? -1.866  -0.727  10.520  1.00 9.00  ? 105 VAL A O   1 
ATOM   777  C CB  . VAL A 1 105 ? 1.122   -0.234  10.798  1.00 13.50 ? 105 VAL A CB  1 
ATOM   778  C CG1 . VAL A 1 105 ? 1.508   -1.379  9.833   1.00 7.01  ? 105 VAL A CG1 1 
ATOM   779  C CG2 . VAL A 1 105 ? 2.344   0.580   11.221  1.00 8.96  ? 105 VAL A CG2 1 
ATOM   780  N N   . GLU A 1 106 ? -1.292  -0.278  8.379   1.00 9.01  ? 106 GLU A N   1 
ATOM   781  C CA  . GLU A 1 106 ? -2.319  -1.149  7.843   1.00 8.82  ? 106 GLU A CA  1 
ATOM   782  C C   . GLU A 1 106 ? -1.535  -2.387  7.403   1.00 11.33 ? 106 GLU A C   1 
ATOM   783  O O   . GLU A 1 106 ? -0.437  -2.278  6.836   1.00 8.31  ? 106 GLU A O   1 
ATOM   784  C CB  . GLU A 1 106 ? -3.019  -0.513  6.626   1.00 10.86 ? 106 GLU A CB  1 
ATOM   785  C CG  . GLU A 1 106 ? -4.143  -1.357  5.999   1.00 9.08  ? 106 GLU A CG  1 
ATOM   786  C CD  . GLU A 1 106 ? -3.620  -2.436  5.058   1.00 10.52 ? 106 GLU A CD  1 
ATOM   787  O OE1 . GLU A 1 106 ? -2.547  -2.235  4.449   1.00 7.89  ? 106 GLU A OE1 1 
ATOM   788  O OE2 . GLU A 1 106 ? -4.287  -3.489  4.932   1.00 12.89 ? 106 GLU A OE2 1 
ATOM   789  N N   . THR A 1 107 ? -2.056  -3.563  7.710   1.00 10.23 ? 107 THR A N   1 
ATOM   790  C CA  . THR A 1 107 ? -1.407  -4.794  7.278   1.00 12.33 ? 107 THR A CA  1 
ATOM   791  C C   . THR A 1 107 ? -2.431  -5.914  7.263   1.00 9.71  ? 107 THR A C   1 
ATOM   792  O O   . THR A 1 107 ? -3.594  -5.685  7.566   1.00 8.13  ? 107 THR A O   1 
ATOM   793  C CB  . THR A 1 107 ? -0.185  -5.187  8.148   1.00 11.66 ? 107 THR A CB  1 
ATOM   794  O OG1 . THR A 1 107 ? 0.510   -6.269  7.496   1.00 11.13 ? 107 THR A OG1 1 
ATOM   795  C CG2 . THR A 1 107 ? -0.619  -5.595  9.571   1.00 8.51  ? 107 THR A CG2 1 
ATOM   796  N N   . GLY A 1 108 ? -2.020  -7.114  6.888   1.00 10.35 ? 108 GLY A N   1 
ATOM   797  C CA  . GLY A 1 108 ? -2.965  -8.210  6.816   1.00 9.59  ? 108 GLY A CA  1 
ATOM   798  C C   . GLY A 1 108 ? -2.694  -9.074  5.590   1.00 8.03  ? 108 GLY A C   1 
ATOM   799  O O   . GLY A 1 108 ? -1.633  -8.961  4.987   1.00 6.10  ? 108 GLY A O   1 
ATOM   800  N N   . SER A 1 109 ? -3.655  -9.922  5.227   1.00 7.45  ? 109 SER A N   1 
ATOM   801  C CA  . SER A 1 109 ? -3.522  -10.815 4.070   1.00 5.91  ? 109 SER A CA  1 
ATOM   802  C C   . SER A 1 109 ? -3.914  -10.126 2.772   1.00 7.97  ? 109 SER A C   1 
ATOM   803  O O   . SER A 1 109 ? -3.497  -10.530 1.679   1.00 9.68  ? 109 SER A O   1 
ATOM   804  C CB  . SER A 1 109 ? -4.422  -12.047 4.254   1.00 7.38  ? 109 SER A CB  1 
ATOM   805  O OG  . SER A 1 109 ? -5.809  -11.746 4.088   1.00 8.78  ? 109 SER A OG  1 
ATOM   806  N N   . PHE A 1 110 ? -4.727  -9.088  2.917   1.00 8.93  ? 110 PHE A N   1 
ATOM   807  C CA  . PHE A 1 110 ? -5.271  -8.295  1.818   1.00 8.03  ? 110 PHE A CA  1 
ATOM   808  C C   . PHE A 1 110 ? -4.303  -7.709  0.786   1.00 10.56 ? 110 PHE A C   1 
ATOM   809  O O   . PHE A 1 110 ? -3.579  -6.752  1.074   1.00 12.94 ? 110 PHE A O   1 
ATOM   810  C CB  . PHE A 1 110 ? -6.113  -7.178  2.445   1.00 10.12 ? 110 PHE A CB  1 
ATOM   811  C CG  . PHE A 1 110 ? -6.914  -6.349  1.458   1.00 9.61  ? 110 PHE A CG  1 
ATOM   812  C CD1 . PHE A 1 110 ? -6.369  -5.215  0.888   1.00 12.81 ? 110 PHE A CD1 1 
ATOM   813  C CD2 . PHE A 1 110 ? -8.238  -6.650  1.197   1.00 13.09 ? 110 PHE A CD2 1 
ATOM   814  C CE1 . PHE A 1 110 ? -7.141  -4.379  0.077   1.00 13.44 ? 110 PHE A CE1 1 
ATOM   815  C CE2 . PHE A 1 110 ? -9.020  -5.828  0.390   1.00 11.95 ? 110 PHE A CE2 1 
ATOM   816  C CZ  . PHE A 1 110 ? -8.467  -4.685  -0.169  1.00 14.32 ? 110 PHE A CZ  1 
ATOM   817  N N   . ASN A 1 111 ? -4.276  -8.271  -0.418  1.00 8.52  ? 111 ASN A N   1 
ATOM   818  C CA  . ASN A 1 111 ? -3.427  -7.711  -1.475  1.00 9.53  ? 111 ASN A CA  1 
ATOM   819  C C   . ASN A 1 111 ? -4.257  -6.569  -2.095  1.00 10.26 ? 111 ASN A C   1 
ATOM   820  O O   . ASN A 1 111 ? -5.495  -6.567  -2.007  1.00 8.90  ? 111 ASN A O   1 
ATOM   821  C CB  . ASN A 1 111 ? -3.133  -8.727  -2.589  1.00 10.36 ? 111 ASN A CB  1 
ATOM   822  C CG  . ASN A 1 111 ? -1.974  -9.654  -2.261  1.00 9.42  ? 111 ASN A CG  1 
ATOM   823  O OD1 . ASN A 1 111 ? -2.167  -10.848 -2.143  1.00 16.10 ? 111 ASN A OD1 1 
ATOM   824  N ND2 . ASN A 1 111 ? -0.773  -9.114  -2.131  1.00 7.18  ? 111 ASN A ND2 1 
ATOM   825  N N   . PHE A 1 112 ? -3.594  -5.619  -2.741  1.00 8.92  ? 112 PHE A N   1 
ATOM   826  C CA  . PHE A 1 112 ? -4.297  -4.494  -3.337  1.00 11.60 ? 112 PHE A CA  1 
ATOM   827  C C   . PHE A 1 112 ? -4.749  -4.813  -4.753  1.00 11.91 ? 112 PHE A C   1 
ATOM   828  O O   . PHE A 1 112 ? -4.282  -4.234  -5.754  1.00 12.09 ? 112 PHE A O   1 
ATOM   829  C CB  . PHE A 1 112 ? -3.399  -3.256  -3.253  1.00 9.74  ? 112 PHE A CB  1 
ATOM   830  C CG  . PHE A 1 112 ? -2.834  -3.046  -1.867  1.00 12.75 ? 112 PHE A CG  1 
ATOM   831  C CD1 . PHE A 1 112 ? -3.650  -2.593  -0.834  1.00 14.63 ? 112 PHE A CD1 1 
ATOM   832  C CD2 . PHE A 1 112 ? -1.526  -3.414  -1.567  1.00 12.18 ? 112 PHE A CD2 1 
ATOM   833  C CE1 . PHE A 1 112 ? -3.179  -2.514  0.488   1.00 13.18 ? 112 PHE A CE1 1 
ATOM   834  C CE2 . PHE A 1 112 ? -1.038  -3.343  -0.250  1.00 12.67 ? 112 PHE A CE2 1 
ATOM   835  C CZ  . PHE A 1 112 ? -1.869  -2.893  0.781   1.00 9.36  ? 112 PHE A CZ  1 
ATOM   836  N N   . THR A 1 113 ? -5.693  -5.744  -4.812  1.00 12.74 ? 113 THR A N   1 
ATOM   837  C CA  . THR A 1 113 ? -6.276  -6.220  -6.069  1.00 14.86 ? 113 THR A CA  1 
ATOM   838  C C   . THR A 1 113 ? -7.800  -6.361  -5.942  1.00 15.68 ? 113 THR A C   1 
ATOM   839  O O   . THR A 1 113 ? -8.335  -6.432  -4.834  1.00 13.95 ? 113 THR A O   1 
ATOM   840  C CB  . THR A 1 113 ? -5.739  -7.618  -6.451  1.00 14.19 ? 113 THR A CB  1 
ATOM   841  O OG1 . THR A 1 113 ? -6.298  -8.584  -5.547  1.00 11.91 ? 113 THR A OG1 1 
ATOM   842  C CG2 . THR A 1 113 ? -4.209  -7.670  -6.393  1.00 11.15 ? 113 THR A CG2 1 
ATOM   843  N N   . LYS A 1 114 ? -8.499  -6.423  -7.071  1.00 16.86 ? 114 LYS A N   1 
ATOM   844  C CA  . LYS A 1 114 ? -9.947  -6.585  -7.032  1.00 18.26 ? 114 LYS A CA  1 
ATOM   845  C C   . LYS A 1 114 ? -10.332 -7.965  -6.450  1.00 15.67 ? 114 LYS A C   1 
ATOM   846  O O   . LYS A 1 114 ? -11.359 -8.102  -5.785  1.00 13.59 ? 114 LYS A O   1 
ATOM   847  C CB  . LYS A 1 114 ? -10.530 -6.411  -8.447  1.00 23.44 ? 114 LYS A CB  1 
ATOM   848  C CG  . LYS A 1 114 ? -10.269 -5.021  -9.062  1.00 28.26 ? 114 LYS A CG  1 
ATOM   849  C CD  . LYS A 1 114 ? -10.295 -3.898  -8.007  1.00 32.17 ? 114 LYS A CD  1 
ATOM   850  C CE  . LYS A 1 114 ? -11.259 -2.748  -8.401  1.00 36.42 ? 114 LYS A CE  1 
ATOM   851  N NZ  . LYS A 1 114 ? -10.974 -1.433  -7.726  1.00 29.11 ? 114 LYS A NZ  1 
ATOM   852  N N   . ALA A 1 115 ? -9.495  -8.973  -6.689  1.00 13.68 ? 115 ALA A N   1 
ATOM   853  C CA  . ALA A 1 115 ? -9.751  -10.317 -6.165  1.00 14.31 ? 115 ALA A CA  1 
ATOM   854  C C   . ALA A 1 115 ? -9.734  -10.290 -4.628  1.00 12.93 ? 115 ALA A C   1 
ATOM   855  O O   . ALA A 1 115 ? -10.547 -10.953 -3.975  1.00 13.73 ? 115 ALA A O   1 
ATOM   856  C CB  . ALA A 1 115 ? -8.689  -11.301 -6.689  1.00 9.76  ? 115 ALA A CB  1 
ATOM   857  N N   . ALA A 1 116 ? -8.814  -9.513  -4.064  1.00 11.69 ? 116 ALA A N   1 
ATOM   858  C CA  . ALA A 1 116 ? -8.710  -9.391  -2.616  1.00 13.15 ? 116 ALA A CA  1 
ATOM   859  C C   . ALA A 1 116 ? -9.855  -8.535  -2.070  1.00 14.34 ? 116 ALA A C   1 
ATOM   860  O O   . ALA A 1 116 ? -10.199 -8.622  -0.892  1.00 14.24 ? 116 ALA A O   1 
ATOM   861  C CB  . ALA A 1 116 ? -7.381  -8.765  -2.244  1.00 12.17 ? 116 ALA A CB  1 
ATOM   862  N N   . GLU A 1 117 ? -10.457 -7.715  -2.927  1.00 13.83 ? 117 GLU A N   1 
ATOM   863  C CA  . GLU A 1 117 ? -11.553 -6.861  -2.476  1.00 13.10 ? 117 GLU A CA  1 
ATOM   864  C C   . GLU A 1 117 ? -12.924 -7.547  -2.488  1.00 12.82 ? 117 GLU A C   1 
ATOM   865  O O   . GLU A 1 117 ? -13.727 -7.373  -1.564  1.00 14.28 ? 117 GLU A O   1 
ATOM   866  C CB  . GLU A 1 117 ? -11.605 -5.593  -3.339  1.00 13.71 ? 117 GLU A CB  1 
ATOM   867  C CG  . GLU A 1 117 ? -10.520 -4.590  -2.988  1.00 14.26 ? 117 GLU A CG  1 
ATOM   868  C CD  . GLU A 1 117 ? -10.380 -3.456  -4.013  1.00 15.98 ? 117 GLU A CD  1 
ATOM   869  O OE1 . GLU A 1 117 ? -11.008 -3.530  -5.094  1.00 12.82 ? 117 GLU A OE1 1 
ATOM   870  O OE2 . GLU A 1 117 ? -9.639  -2.488  -3.727  1.00 16.20 ? 117 GLU A OE2 1 
ATOM   871  N N   . THR A 1 118 ? -13.180 -8.351  -3.512  1.00 14.45 ? 118 THR A N   1 
ATOM   872  C CA  . THR A 1 118 ? -14.483 -8.991  -3.641  1.00 15.36 ? 118 THR A CA  1 
ATOM   873  C C   . THR A 1 118 ? -14.587 -10.513 -3.829  1.00 15.16 ? 118 THR A C   1 
ATOM   874  O O   . THR A 1 118 ? -15.688 -11.010 -4.027  1.00 14.73 ? 118 THR A O   1 
ATOM   875  C CB  . THR A 1 118 ? -15.265 -8.357  -4.817  1.00 18.10 ? 118 THR A CB  1 
ATOM   876  O OG1 . THR A 1 118 ? -14.660 -8.763  -6.054  1.00 19.42 ? 118 THR A OG1 1 
ATOM   877  C CG2 . THR A 1 118 ? -15.231 -6.826  -4.726  1.00 17.28 ? 118 THR A CG2 1 
ATOM   878  N N   . LYS A 1 119 ? -13.489 -11.253 -3.763  1.00 15.20 ? 119 LYS A N   1 
ATOM   879  C CA  . LYS A 1 119 ? -13.591 -12.702 -3.970  1.00 17.28 ? 119 LYS A CA  1 
ATOM   880  C C   . LYS A 1 119 ? -12.947 -13.596 -2.910  1.00 16.71 ? 119 LYS A C   1 
ATOM   881  O O   . LYS A 1 119 ? -13.578 -14.528 -2.390  1.00 16.40 ? 119 LYS A O   1 
ATOM   882  C CB  . LYS A 1 119 ? -13.013 -13.046 -5.350  1.00 17.84 ? 119 LYS A CB  1 
ATOM   883  C CG  . LYS A 1 119 ? -13.500 -12.082 -6.448  1.00 19.13 ? 119 LYS A CG  1 
ATOM   884  C CD  . LYS A 1 119 ? -13.180 -12.612 -7.830  1.00 25.80 ? 119 LYS A CD  1 
ATOM   885  C CE  . LYS A 1 119 ? -11.888 -12.000 -8.382  1.00 28.07 ? 119 LYS A CE  1 
ATOM   886  N NZ  . LYS A 1 119 ? -12.152 -10.911 -9.374  1.00 30.59 ? 119 LYS A NZ  1 
ATOM   887  N N   . ASN A 1 120 ? -11.686 -13.330 -2.610  1.00 16.57 ? 120 ASN A N   1 
ATOM   888  C CA  . ASN A 1 120 ? -10.966 -14.119 -1.620  1.00 15.59 ? 120 ASN A CA  1 
ATOM   889  C C   . ASN A 1 120 ? -11.440 -13.805 -0.209  1.00 16.69 ? 120 ASN A C   1 
ATOM   890  O O   . ASN A 1 120 ? -12.060 -12.754 0.041   1.00 16.90 ? 120 ASN A O   1 
ATOM   891  C CB  . ASN A 1 120 ? -9.472  -13.804 -1.675  1.00 15.54 ? 120 ASN A CB  1 
ATOM   892  C CG  . ASN A 1 120 ? -8.872  -14.054 -3.027  1.00 14.83 ? 120 ASN A CG  1 
ATOM   893  O OD1 . ASN A 1 120 ? -9.423  -14.797 -3.843  1.00 14.36 ? 120 ASN A OD1 1 
ATOM   894  N ND2 . ASN A 1 120 ? -7.733  -13.437 -3.280  1.00 18.13 ? 120 ASN A ND2 1 
ATOM   895  N N   . SER A 1 121 ? -11.164 -14.715 0.720   1.00 12.91 ? 121 SER A N   1 
ATOM   896  C CA  . SER A 1 121 ? -11.497 -14.433 2.104   1.00 12.62 ? 121 SER A CA  1 
ATOM   897  C C   . SER A 1 121 ? -10.221 -13.719 2.539   1.00 10.40 ? 121 SER A C   1 
ATOM   898  O O   . SER A 1 121 ? -9.120  -14.207 2.264   1.00 9.16  ? 121 SER A O   1 
ATOM   899  C CB  . SER A 1 121 ? -11.687 -15.708 2.930   1.00 11.90 ? 121 SER A CB  1 
ATOM   900  O OG  . SER A 1 121 ? -11.654 -15.380 4.314   1.00 11.39 ? 121 SER A OG  1 
ATOM   901  N N   . GLU A 1 122 ? -10.347 -12.551 3.162   1.00 10.46 ? 122 GLU A N   1 
ATOM   902  C CA  . GLU A 1 122 ? -9.174  -11.787 3.589   1.00 11.48 ? 122 GLU A CA  1 
ATOM   903  C C   . GLU A 1 122 ? -9.440  -11.021 4.850   1.00 9.04  ? 122 GLU A C   1 
ATOM   904  O O   . GLU A 1 122 ? -10.575 -10.886 5.284   1.00 8.70  ? 122 GLU A O   1 
ATOM   905  C CB  . GLU A 1 122 ? -8.763  -10.738 2.532   1.00 11.73 ? 122 GLU A CB  1 
ATOM   906  C CG  . GLU A 1 122 ? -8.721  -11.215 1.100   1.00 8.82  ? 122 GLU A CG  1 
ATOM   907  C CD  . GLU A 1 122 ? -7.355  -11.690 0.697   1.00 7.93  ? 122 GLU A CD  1 
ATOM   908  O OE1 . GLU A 1 122 ? -6.485  -11.895 1.582   1.00 10.78 ? 122 GLU A OE1 1 
ATOM   909  O OE2 . GLU A 1 122 ? -7.158  -11.867 -0.516  1.00 9.51  ? 122 GLU A OE2 1 
ATOM   910  N N   . ASN A 1 123 ? -8.378  -10.489 5.427   1.00 11.30 ? 123 ASN A N   1 
ATOM   911  C CA  . ASN A 1 123 ? -8.507  -9.646  6.606   1.00 11.30 ? 123 ASN A CA  1 
ATOM   912  C C   . ASN A 1 123 ? -7.510  -8.490  6.449   1.00 11.78 ? 123 ASN A C   1 
ATOM   913  O O   . ASN A 1 123 ? -6.420  -8.653  5.874   1.00 10.58 ? 123 ASN A O   1 
ATOM   914  C CB  . ASN A 1 123 ? -8.208  -10.427 7.894   1.00 9.94  ? 123 ASN A CB  1 
ATOM   915  C CG  . ASN A 1 123 ? -6.754  -10.850 8.004   1.00 10.24 ? 123 ASN A CG  1 
ATOM   916  O OD1 . ASN A 1 123 ? -6.336  -11.836 7.389   1.00 15.03 ? 123 ASN A OD1 1 
ATOM   917  N ND2 . ASN A 1 123 ? -5.976  -10.112 8.778   1.00 5.65  ? 123 ASN A ND2 1 
ATOM   918  N N   . ALA A 1 124 ? -7.902  -7.314  6.912   1.00 10.67 ? 124 ALA A N   1 
ATOM   919  C CA  . ALA A 1 124 ? -7.032  -6.152  6.876   1.00 10.67 ? 124 ALA A CA  1 
ATOM   920  C C   . ALA A 1 124 ? -7.210  -5.488  8.227   1.00 10.97 ? 124 ALA A C   1 
ATOM   921  O O   . ALA A 1 124 ? -8.342  -5.369  8.723   1.00 12.34 ? 124 ALA A O   1 
ATOM   922  C CB  . ALA A 1 124 ? -7.445  -5.173  5.743   1.00 13.22 ? 124 ALA A CB  1 
ATOM   923  N N   . VAL A 1 125 ? -6.105  -5.105  8.848   1.00 10.15 ? 125 VAL A N   1 
ATOM   924  C CA  . VAL A 1 125 ? -6.182  -4.424  10.122  1.00 9.76  ? 125 VAL A CA  1 
ATOM   925  C C   . VAL A 1 125 ? -5.483  -3.084  10.009  1.00 11.92 ? 125 VAL A C   1 
ATOM   926  O O   . VAL A 1 125 ? -4.558  -2.907  9.214   1.00 12.27 ? 125 VAL A O   1 
ATOM   927  C CB  . VAL A 1 125 ? -5.508  -5.233  11.270  1.00 9.46  ? 125 VAL A CB  1 
ATOM   928  C CG1 . VAL A 1 125 ? -6.366  -6.417  11.638  1.00 11.26 ? 125 VAL A CG1 1 
ATOM   929  C CG2 . VAL A 1 125 ? -4.109  -5.673  10.858  1.00 9.67  ? 125 VAL A CG2 1 
ATOM   930  N N   . VAL A 1 126 ? -5.949  -2.120  10.781  1.00 13.38 ? 126 VAL A N   1 
ATOM   931  C CA  . VAL A 1 126 ? -5.302  -0.830  10.799  1.00 14.02 ? 126 VAL A CA  1 
ATOM   932  C C   . VAL A 1 126 ? -5.035  -0.571  12.262  1.00 13.58 ? 126 VAL A C   1 
ATOM   933  O O   . VAL A 1 126 ? -5.970  -0.457  13.058  1.00 15.49 ? 126 VAL A O   1 
ATOM   934  C CB  . VAL A 1 126 ? -6.186  0.291   10.209  1.00 10.98 ? 126 VAL A CB  1 
ATOM   935  C CG1 . VAL A 1 126 ? -5.496  1.634   10.389  1.00 11.09 ? 126 VAL A CG1 1 
ATOM   936  C CG2 . VAL A 1 126 ? -6.404  0.035   8.726   1.00 11.13 ? 126 VAL A CG2 1 
ATOM   937  N N   . ILE A 1 127 ? -3.752  -0.547  12.617  1.00 13.98 ? 127 ILE A N   1 
ATOM   938  C CA  . ILE A 1 127 ? -3.322  -0.285  13.980  1.00 11.88 ? 127 ILE A CA  1 
ATOM   939  C C   . ILE A 1 127 ? -3.018  1.210   14.070  1.00 15.13 ? 127 ILE A C   1 
ATOM   940  O O   . ILE A 1 127 ? -1.958  1.676   13.619  1.00 13.03 ? 127 ILE A O   1 
ATOM   941  C CB  . ILE A 1 127 ? -2.055  -1.087  14.313  1.00 12.43 ? 127 ILE A CB  1 
ATOM   942  C CG1 . ILE A 1 127 ? -2.359  -2.593  14.279  1.00 14.32 ? 127 ILE A CG1 1 
ATOM   943  C CG2 . ILE A 1 127 ? -1.553  -0.698  15.691  1.00 12.58 ? 127 ILE A CG2 1 
ATOM   944  C CD1 . ILE A 1 127 ? -1.225  -3.462  13.727  1.00 11.86 ? 127 ILE A CD1 1 
ATOM   945  N N   . TRP A 1 128 ? -3.949  1.967   14.643  1.00 14.28 ? 128 TRP A N   1 
ATOM   946  C CA  . TRP A 1 128 ? -3.789  3.416   14.770  1.00 14.41 ? 128 TRP A CA  1 
ATOM   947  C C   . TRP A 1 128 ? -2.944  3.921   15.932  1.00 14.27 ? 128 TRP A C   1 
ATOM   948  O O   . TRP A 1 128 ? -3.060  3.438   17.058  1.00 15.27 ? 128 TRP A O   1 
ATOM   949  C CB  . TRP A 1 128 ? -5.150  4.099   14.895  1.00 13.40 ? 128 TRP A CB  1 
ATOM   950  C CG  . TRP A 1 128 ? -6.083  3.809   13.801  1.00 13.24 ? 128 TRP A CG  1 
ATOM   951  C CD1 . TRP A 1 128 ? -7.029  2.825   13.768  1.00 13.83 ? 128 TRP A CD1 1 
ATOM   952  C CD2 . TRP A 1 128 ? -6.231  4.554   12.584  1.00 14.71 ? 128 TRP A CD2 1 
ATOM   953  N NE1 . TRP A 1 128 ? -7.754  2.914   12.601  1.00 16.29 ? 128 TRP A NE1 1 
ATOM   954  C CE2 . TRP A 1 128 ? -7.283  3.965   11.864  1.00 17.38 ? 128 TRP A CE2 1 
ATOM   955  C CE3 . TRP A 1 128 ? -5.565  5.658   12.042  1.00 16.39 ? 128 TRP A CE3 1 
ATOM   956  C CZ2 . TRP A 1 128 ? -7.691  4.452   10.612  1.00 18.49 ? 128 TRP A CZ2 1 
ATOM   957  C CZ3 . TRP A 1 128 ? -5.976  6.134   10.809  1.00 15.21 ? 128 TRP A CZ3 1 
ATOM   958  C CH2 . TRP A 1 128 ? -7.024  5.536   10.109  1.00 16.62 ? 128 TRP A CH2 1 
ATOM   959  N N   . ASN A 1 129 ? -2.105  4.910   15.643  1.00 16.07 ? 129 ASN A N   1 
ATOM   960  C CA  . ASN A 1 129 ? -1.285  5.583   16.647  1.00 18.04 ? 129 ASN A CA  1 
ATOM   961  C C   . ASN A 1 129 ? -0.401  4.748   17.570  1.00 19.69 ? 129 ASN A C   1 
ATOM   962  O O   . ASN A 1 129 ? -0.576  4.720   18.799  1.00 19.60 ? 129 ASN A O   1 
ATOM   963  C CB  . ASN A 1 129 ? -2.176  6.518   17.485  1.00 17.67 ? 129 ASN A CB  1 
ATOM   964  C CG  . ASN A 1 129 ? -2.993  7.470   16.619  1.00 16.34 ? 129 ASN A CG  1 
ATOM   965  O OD1 . ASN A 1 129 ? -4.202  7.341   16.529  1.00 21.10 ? 129 ASN A OD1 1 
ATOM   966  N ND2 . ASN A 1 129 ? -2.328  8.419   15.972  1.00 14.00 ? 129 ASN A ND2 1 
ATOM   967  N N   . MET A 1 130 ? 0.558   4.068   16.958  1.00 20.95 ? 130 MET A N   1 
ATOM   968  C CA  . MET A 1 130 ? 1.534   3.271   17.682  1.00 20.99 ? 130 MET A CA  1 
ATOM   969  C C   . MET A 1 130 ? 2.824   3.674   17.005  1.00 20.62 ? 130 MET A C   1 
ATOM   970  O O   . MET A 1 130 ? 3.353   2.933   16.173  1.00 21.78 ? 130 MET A O   1 
ATOM   971  C CB  . MET A 1 130 ? 1.291   1.778   17.487  1.00 20.17 ? 130 MET A CB  1 
ATOM   972  C CG  . MET A 1 130 ? 0.076   1.246   18.229  1.00 24.25 ? 130 MET A CG  1 
ATOM   973  S SD  . MET A 1 130 ? 0.303   -0.465  18.740  1.00 23.38 ? 130 MET A SD  1 
ATOM   974  C CE  . MET A 1 130 ? -1.383  -0.980  18.910  1.00 28.89 ? 130 MET A CE  1 
ATOM   975  N N   . PRO A 1 131 ? 3.333   4.871   17.339  1.00 21.36 ? 131 PRO A N   1 
ATOM   976  C CA  . PRO A 1 131 ? 4.574   5.398   16.757  1.00 18.19 ? 131 PRO A CA  1 
ATOM   977  C C   . PRO A 1 131 ? 5.697   4.370   16.712  1.00 15.59 ? 131 PRO A C   1 
ATOM   978  O O   . PRO A 1 131 ? 6.331   4.196   15.681  1.00 16.17 ? 131 PRO A O   1 
ATOM   979  C CB  . PRO A 1 131 ? 4.905   6.601   17.645  1.00 18.37 ? 131 PRO A CB  1 
ATOM   980  C CG  . PRO A 1 131 ? 3.556   7.066   18.144  1.00 17.48 ? 131 PRO A CG  1 
ATOM   981  C CD  . PRO A 1 131 ? 2.743   5.798   18.325  1.00 19.56 ? 131 PRO A CD  1 
ATOM   982  N N   . LYS A 1 132 ? 5.925   3.678   17.821  1.00 17.87 ? 132 LYS A N   1 
ATOM   983  C CA  . LYS A 1 132 ? 6.990   2.675   17.877  1.00 18.71 ? 132 LYS A CA  1 
ATOM   984  C C   . LYS A 1 132 ? 6.791   1.555   16.838  1.00 16.69 ? 132 LYS A C   1 
ATOM   985  O O   . LYS A 1 132 ? 7.744   1.111   16.192  1.00 15.61 ? 132 LYS A O   1 
ATOM   986  C CB  . LYS A 1 132 ? 7.050   2.072   19.286  1.00 23.14 ? 132 LYS A CB  1 
ATOM   987  C CG  . LYS A 1 132 ? 7.095   3.111   20.405  1.00 29.37 ? 132 LYS A CG  1 
ATOM   988  C CD  . LYS A 1 132 ? 5.776   3.910   20.499  1.00 29.68 ? 132 LYS A CD  1 
ATOM   989  C CE  . LYS A 1 132 ? 4.587   3.027   20.894  1.00 28.80 ? 132 LYS A CE  1 
ATOM   990  N NZ  . LYS A 1 132 ? 4.041   2.219   19.785  1.00 20.13 ? 132 LYS A NZ  1 
ATOM   991  N N   . LEU A 1 133 ? 5.553   1.091   16.688  1.00 16.06 ? 133 LEU A N   1 
ATOM   992  C CA  . LEU A 1 133 ? 5.255   0.036   15.726  1.00 14.37 ? 133 LEU A CA  1 
ATOM   993  C C   . LEU A 1 133 ? 5.465   0.525   14.288  1.00 15.10 ? 133 LEU A C   1 
ATOM   994  O O   . LEU A 1 133 ? 6.085   -0.167  13.470  1.00 14.73 ? 133 LEU A O   1 
ATOM   995  C CB  . LEU A 1 133 ? 3.813   -0.461  15.901  1.00 10.41 ? 133 LEU A CB  1 
ATOM   996  C CG  . LEU A 1 133 ? 3.394   -1.569  14.923  1.00 10.81 ? 133 LEU A CG  1 
ATOM   997  C CD1 . LEU A 1 133 ? 4.101   -2.888  15.278  1.00 6.24  ? 133 LEU A CD1 1 
ATOM   998  C CD2 . LEU A 1 133 ? 1.871   -1.729  14.941  1.00 6.27  ? 133 LEU A CD2 1 
ATOM   999  N N   . ALA A 1 134 ? 4.963   1.721   13.978  1.00 16.38 ? 134 ALA A N   1 
ATOM   1000 C CA  . ALA A 1 134 ? 5.096   2.278   12.629  1.00 14.46 ? 134 ALA A CA  1 
ATOM   1001 C C   . ALA A 1 134 ? 6.551   2.621   12.240  1.00 15.80 ? 134 ALA A C   1 
ATOM   1002 O O   . ALA A 1 134 ? 6.922   2.499   11.065  1.00 17.83 ? 134 ALA A O   1 
ATOM   1003 C CB  . ALA A 1 134 ? 4.198   3.503   12.483  1.00 15.32 ? 134 ALA A CB  1 
ATOM   1004 N N   . GLU A 1 135 ? 7.379   3.030   13.201  1.00 16.02 ? 135 GLU A N   1 
ATOM   1005 C CA  . GLU A 1 135 ? 8.776   3.336   12.910  1.00 16.77 ? 135 GLU A CA  1 
ATOM   1006 C C   . GLU A 1 135 ? 9.527   2.028   12.613  1.00 14.75 ? 135 GLU A C   1 
ATOM   1007 O O   . GLU A 1 135 ? 10.414  1.978   11.763  1.00 14.36 ? 135 GLU A O   1 
ATOM   1008 C CB  . GLU A 1 135 ? 9.416   4.071   14.087  1.00 23.26 ? 135 GLU A CB  1 
ATOM   1009 C CG  . GLU A 1 135 ? 10.839  4.597   13.791  1.00 34.45 ? 135 GLU A CG  1 
ATOM   1010 C CD  . GLU A 1 135 ? 11.038  5.150   12.359  1.00 39.15 ? 135 GLU A CD  1 
ATOM   1011 O OE1 . GLU A 1 135 ? 11.292  4.339   11.427  1.00 37.94 ? 135 GLU A OE1 1 
ATOM   1012 O OE2 . GLU A 1 135 ? 10.960  6.396   12.176  1.00 37.64 ? 135 GLU A OE2 1 
ATOM   1013 N N   . SER A 1 136 ? 9.157   0.955   13.295  1.00 14.57 ? 136 SER A N   1 
ATOM   1014 C CA  . SER A 1 136 ? 9.769   -0.333  13.032  1.00 14.23 ? 136 SER A CA  1 
ATOM   1015 C C   . SER A 1 136 ? 9.366   -0.770  11.609  1.00 10.75 ? 136 SER A C   1 
ATOM   1016 O O   . SER A 1 136 ? 10.189  -1.253  10.827  1.00 11.50 ? 136 SER A O   1 
ATOM   1017 C CB  . SER A 1 136 ? 9.273   -1.359  14.062  1.00 15.08 ? 136 SER A CB  1 
ATOM   1018 O OG  . SER A 1 136 ? 9.484   -2.675  13.590  1.00 16.59 ? 136 SER A OG  1 
ATOM   1019 N N   . PHE A 1 137 ? 8.096   -0.602  11.257  1.00 9.92  ? 137 PHE A N   1 
ATOM   1020 C CA  . PHE A 1 137 ? 7.650   -0.973  9.926   1.00 9.61  ? 137 PHE A CA  1 
ATOM   1021 C C   . PHE A 1 137 ? 8.357   -0.120  8.874   1.00 10.92 ? 137 PHE A C   1 
ATOM   1022 O O   . PHE A 1 137 ? 8.733   -0.615  7.796   1.00 9.41  ? 137 PHE A O   1 
ATOM   1023 C CB  . PHE A 1 137 ? 6.134   -0.812  9.812   1.00 10.71 ? 137 PHE A CB  1 
ATOM   1024 C CG  . PHE A 1 137 ? 5.374   -2.124  9.934   1.00 13.75 ? 137 PHE A CG  1 
ATOM   1025 C CD1 . PHE A 1 137 ? 5.159   -2.935  8.817   1.00 12.57 ? 137 PHE A CD1 1 
ATOM   1026 C CD2 . PHE A 1 137 ? 4.857   -2.536  11.160  1.00 11.91 ? 137 PHE A CD2 1 
ATOM   1027 C CE1 . PHE A 1 137 ? 4.437   -4.127  8.919   1.00 10.70 ? 137 PHE A CE1 1 
ATOM   1028 C CE2 . PHE A 1 137 ? 4.131   -3.731  11.274  1.00 13.07 ? 137 PHE A CE2 1 
ATOM   1029 C CZ  . PHE A 1 137 ? 3.923   -4.526  10.148  1.00 11.32 ? 137 PHE A CZ  1 
ATOM   1030 N N   . LEU A 1 138 ? 8.560   1.159   9.190   1.00 13.90 ? 138 LEU A N   1 
ATOM   1031 C CA  . LEU A 1 138 ? 9.227   2.080   8.271   1.00 15.20 ? 138 LEU A CA  1 
ATOM   1032 C C   . LEU A 1 138 ? 10.633  1.590   7.918   1.00 14.93 ? 138 LEU A C   1 
ATOM   1033 O O   . LEU A 1 138 ? 11.067  1.709   6.768   1.00 16.15 ? 138 LEU A O   1 
ATOM   1034 C CB  . LEU A 1 138 ? 9.296   3.491   8.866   1.00 16.29 ? 138 LEU A CB  1 
ATOM   1035 C CG  . LEU A 1 138 ? 10.047  4.466   7.947   1.00 24.71 ? 138 LEU A CG  1 
ATOM   1036 C CD1 . LEU A 1 138 ? 9.319   4.586   6.606   1.00 22.74 ? 138 LEU A CD1 1 
ATOM   1037 C CD2 . LEU A 1 138 ? 10.184  5.831   8.623   1.00 24.50 ? 138 LEU A CD2 1 
ATOM   1038 N N   . GLU A 1 139 ? 11.345  1.035   8.896   1.00 15.28 ? 139 GLU A N   1 
ATOM   1039 C CA  . GLU A 1 139 ? 12.686  0.496   8.642   1.00 15.73 ? 139 GLU A CA  1 
ATOM   1040 C C   . GLU A 1 139 ? 12.596  -0.681  7.656   1.00 14.35 ? 139 GLU A C   1 
ATOM   1041 O O   . GLU A 1 139 ? 13.472  -0.879  6.806   1.00 12.84 ? 139 GLU A O   1 
ATOM   1042 C CB  . GLU A 1 139 ? 13.298  0.036   9.960   1.00 19.13 ? 139 GLU A CB  1 
ATOM   1043 C CG  . GLU A 1 139 ? 13.345  1.127   11.013  1.00 26.98 ? 139 GLU A CG  1 
ATOM   1044 C CD  . GLU A 1 139 ? 14.192  0.734   12.220  1.00 33.94 ? 139 GLU A CD  1 
ATOM   1045 O OE1 . GLU A 1 139 ? 14.459  -0.475  12.397  1.00 36.91 ? 139 GLU A OE1 1 
ATOM   1046 O OE2 . GLU A 1 139 ? 14.593  1.632   12.994  1.00 37.15 ? 139 GLU A OE2 1 
ATOM   1047 N N   . HIS A 1 140 ? 11.518  -1.456  7.779   1.00 14.59 ? 140 HIS A N   1 
ATOM   1048 C CA  . HIS A 1 140 ? 11.233  -2.603  6.915   1.00 11.95 ? 140 HIS A CA  1 
ATOM   1049 C C   . HIS A 1 140 ? 10.983  -2.063  5.504   1.00 11.80 ? 140 HIS A C   1 
ATOM   1050 O O   . HIS A 1 140 ? 11.566  -2.536  4.536   1.00 9.95  ? 140 HIS A O   1 
ATOM   1051 C CB  . HIS A 1 140 ? 9.980   -3.317  7.441   1.00 10.65 ? 140 HIS A CB  1 
ATOM   1052 C CG  . HIS A 1 140 ? 9.627   -4.587  6.721   1.00 10.53 ? 140 HIS A CG  1 
ATOM   1053 N ND1 . HIS A 1 140 ? 10.526  -5.612  6.519   1.00 10.12 ? 140 HIS A ND1 1 
ATOM   1054 C CD2 . HIS A 1 140 ? 8.440   -5.039  6.252   1.00 8.31  ? 140 HIS A CD2 1 
ATOM   1055 C CE1 . HIS A 1 140 ? 9.910   -6.642  5.961   1.00 6.63  ? 140 HIS A CE1 1 
ATOM   1056 N NE2 . HIS A 1 140 ? 8.641   -6.316  5.790   1.00 6.78  ? 140 HIS A NE2 1 
ATOM   1057 N N   . TRP A 1 141 ? 10.105  -1.067  5.403   1.00 13.10 ? 141 TRP A N   1 
ATOM   1058 C CA  . TRP A 1 141 ? 9.770   -0.440  4.127   1.00 12.04 ? 141 TRP A CA  1 
ATOM   1059 C C   . TRP A 1 141 ? 11.028  0.150   3.478   1.00 13.83 ? 141 TRP A C   1 
ATOM   1060 O O   . TRP A 1 141 ? 11.299  -0.067  2.287   1.00 13.25 ? 141 TRP A O   1 
ATOM   1061 C CB  . TRP A 1 141 ? 8.732   0.689   4.350   1.00 12.18 ? 141 TRP A CB  1 
ATOM   1062 C CG  . TRP A 1 141 ? 8.369   1.456   3.081   1.00 13.03 ? 141 TRP A CG  1 
ATOM   1063 C CD1 . TRP A 1 141 ? 7.329   1.190   2.229   1.00 12.52 ? 141 TRP A CD1 1 
ATOM   1064 C CD2 . TRP A 1 141 ? 9.107   2.548   2.478   1.00 13.78 ? 141 TRP A CD2 1 
ATOM   1065 N NE1 . TRP A 1 141 ? 7.381   2.034   1.137   1.00 10.77 ? 141 TRP A NE1 1 
ATOM   1066 C CE2 . TRP A 1 141 ? 8.456   2.872   1.264   1.00 16.15 ? 141 TRP A CE2 1 
ATOM   1067 C CE3 . TRP A 1 141 ? 10.249  3.272   2.846   1.00 14.34 ? 141 TRP A CE3 1 
ATOM   1068 C CZ2 . TRP A 1 141 ? 8.917   3.896   0.413   1.00 13.12 ? 141 TRP A CZ2 1 
ATOM   1069 C CZ3 . TRP A 1 141 ? 10.701  4.286   1.996   1.00 13.65 ? 141 TRP A CZ3 1 
ATOM   1070 C CH2 . TRP A 1 141 ? 10.033  4.583   0.800   1.00 13.88 ? 141 TRP A CH2 1 
ATOM   1071 N N   . GLN A 1 142 ? 11.792  0.899   4.268   1.00 15.16 ? 142 GLN A N   1 
ATOM   1072 C CA  . GLN A 1 142 ? 12.998  1.575   3.797   1.00 14.66 ? 142 GLN A CA  1 
ATOM   1073 C C   . GLN A 1 142 ? 14.074  0.635   3.263   1.00 14.22 ? 142 GLN A C   1 
ATOM   1074 O O   . GLN A 1 142 ? 14.749  0.953   2.271   1.00 12.75 ? 142 GLN A O   1 
ATOM   1075 C CB  . GLN A 1 142 ? 13.574  2.443   4.919   1.00 14.77 ? 142 GLN A CB  1 
ATOM   1076 C CG  . GLN A 1 142 ? 14.626  3.406   4.455   1.00 18.39 ? 142 GLN A CG  1 
ATOM   1077 C CD  . GLN A 1 142 ? 14.063  4.547   3.615   1.00 19.48 ? 142 GLN A CD  1 
ATOM   1078 O OE1 . GLN A 1 142 ? 14.503  4.778   2.492   1.00 23.46 ? 142 GLN A OE1 1 
ATOM   1079 N NE2 . GLN A 1 142 ? 13.082  5.259   4.156   1.00 17.29 ? 142 GLN A NE2 1 
ATOM   1080 N N   . ASP A 1 143 ? 14.235  -0.520  3.909   1.00 14.23 ? 143 ASP A N   1 
ATOM   1081 C CA  . ASP A 1 143 ? 15.233  -1.498  3.467   1.00 13.42 ? 143 ASP A CA  1 
ATOM   1082 C C   . ASP A 1 143 ? 14.873  -2.034  2.090   1.00 11.81 ? 143 ASP A C   1 
ATOM   1083 O O   . ASP A 1 143 ? 15.735  -2.207  1.228   1.00 12.69 ? 143 ASP A O   1 
ATOM   1084 C CB  . ASP A 1 143 ? 15.319  -2.668  4.447   1.00 15.43 ? 143 ASP A CB  1 
ATOM   1085 C CG  . ASP A 1 143 ? 16.395  -3.661  4.064   1.00 15.78 ? 143 ASP A CG  1 
ATOM   1086 O OD1 . ASP A 1 143 ? 17.565  -3.423  4.413   1.00 18.11 ? 143 ASP A OD1 1 
ATOM   1087 O OD2 . ASP A 1 143 ? 16.078  -4.673  3.410   1.00 16.99 ? 143 ASP A OD2 1 
ATOM   1088 N N   . ARG A 1 144 ? 13.594  -2.307  1.882   1.00 13.35 ? 144 ARG A N   1 
ATOM   1089 C CA  . ARG A 1 144 ? 13.142  -2.818  0.595   1.00 14.93 ? 144 ARG A CA  1 
ATOM   1090 C C   . ARG A 1 144 ? 13.175  -1.711  -0.484  1.00 18.12 ? 144 ARG A C   1 
ATOM   1091 O O   . ARG A 1 144 ? 13.605  -1.944  -1.617  1.00 17.50 ? 144 ARG A O   1 
ATOM   1092 C CB  . ARG A 1 144 ? 11.726  -3.369  0.745   1.00 16.01 ? 144 ARG A CB  1 
ATOM   1093 C CG  . ARG A 1 144 ? 11.655  -4.813  1.240   1.00 11.90 ? 144 ARG A CG  1 
ATOM   1094 C CD  . ARG A 1 144 ? 12.547  -5.074  2.452   1.00 10.41 ? 144 ARG A CD  1 
ATOM   1095 N NE  . ARG A 1 144 ? 12.180  -6.339  3.111   1.00 9.95  ? 144 ARG A NE  1 
ATOM   1096 C CZ  . ARG A 1 144 ? 12.850  -6.902  4.118   1.00 11.00 ? 144 ARG A CZ  1 
ATOM   1097 N NH1 . ARG A 1 144 ? 13.947  -6.325  4.604   1.00 7.44  ? 144 ARG A NH1 1 
ATOM   1098 N NH2 . ARG A 1 144 ? 12.392  -8.027  4.676   1.00 12.84 ? 144 ARG A NH2 1 
ATOM   1099 N N   . TRP A 1 145 ? 12.714  -0.514  -0.120  1.00 16.95 ? 145 TRP A N   1 
ATOM   1100 C CA  . TRP A 1 145 ? 12.694  0.617   -1.037  1.00 17.73 ? 145 TRP A CA  1 
ATOM   1101 C C   . TRP A 1 145 ? 14.110  0.918   -1.498  1.00 17.23 ? 145 TRP A C   1 
ATOM   1102 O O   . TRP A 1 145 ? 14.362  1.145   -2.681  1.00 17.58 ? 145 TRP A O   1 
ATOM   1103 C CB  . TRP A 1 145 ? 12.119  1.855   -0.335  1.00 17.40 ? 145 TRP A CB  1 
ATOM   1104 C CG  . TRP A 1 145 ? 12.387  3.141   -1.071  1.00 19.56 ? 145 TRP A CG  1 
ATOM   1105 C CD1 . TRP A 1 145 ? 13.447  3.989   -0.888  1.00 20.12 ? 145 TRP A CD1 1 
ATOM   1106 C CD2 . TRP A 1 145 ? 11.590  3.727   -2.128  1.00 17.94 ? 145 TRP A CD2 1 
ATOM   1107 N NE1 . TRP A 1 145 ? 13.357  5.055   -1.757  1.00 20.26 ? 145 TRP A NE1 1 
ATOM   1108 C CE2 . TRP A 1 145 ? 12.227  4.913   -2.526  1.00 21.31 ? 145 TRP A CE2 1 
ATOM   1109 C CE3 . TRP A 1 145 ? 10.399  3.349   -2.760  1.00 15.97 ? 145 TRP A CE3 1 
ATOM   1110 C CZ2 . TRP A 1 145 ? 11.715  5.743   -3.543  1.00 17.34 ? 145 TRP A CZ2 1 
ATOM   1111 C CZ3 . TRP A 1 145 ? 9.895   4.170   -3.769  1.00 16.16 ? 145 TRP A CZ3 1 
ATOM   1112 C CH2 . TRP A 1 145 ? 10.550  5.347   -4.146  1.00 18.88 ? 145 TRP A CH2 1 
ATOM   1113 N N   . ASN A 1 146 ? 15.037  0.900   -0.549  1.00 20.79 ? 146 ASN A N   1 
ATOM   1114 C CA  . ASN A 1 146 ? 16.434  1.193   -0.839  1.00 24.36 ? 146 ASN A CA  1 
ATOM   1115 C C   . ASN A 1 146 ? 17.055  0.285   -1.897  1.00 24.91 ? 146 ASN A C   1 
ATOM   1116 O O   . ASN A 1 146 ? 18.015  0.675   -2.565  1.00 25.63 ? 146 ASN A O   1 
ATOM   1117 C CB  . ASN A 1 146 ? 17.256  1.133   0.454   1.00 25.05 ? 146 ASN A CB  1 
ATOM   1118 C CG  . ASN A 1 146 ? 16.997  2.329   1.358   1.00 25.56 ? 146 ASN A CG  1 
ATOM   1119 O OD1 . ASN A 1 146 ? 16.440  3.351   0.937   1.00 21.50 ? 146 ASN A OD1 1 
ATOM   1120 N ND2 . ASN A 1 146 ? 17.410  2.212   2.607   1.00 26.73 ? 146 ASN A ND2 1 
ATOM   1121 N N   . GLN A 1 147 ? 16.526  -0.925  -2.053  1.00 23.02 ? 147 GLN A N   1 
ATOM   1122 C CA  . GLN A 1 147 ? 17.077  -1.839  -3.050  1.00 22.39 ? 147 GLN A CA  1 
ATOM   1123 C C   . GLN A 1 147 ? 16.158  -2.001  -4.247  1.00 19.40 ? 147 GLN A C   1 
ATOM   1124 O O   . GLN A 1 147 ? 16.303  -2.949  -5.019  1.00 17.21 ? 147 GLN A O   1 
ATOM   1125 C CB  . GLN A 1 147 ? 17.356  -3.215  -2.431  1.00 24.09 ? 147 GLN A CB  1 
ATOM   1126 C CG  . GLN A 1 147 ? 16.197  -3.787  -1.640  1.00 27.91 ? 147 GLN A CG  1 
ATOM   1127 C CD  . GLN A 1 147 ? 16.656  -4.870  -0.684  1.00 30.72 ? 147 GLN A CD  1 
ATOM   1128 O OE1 . GLN A 1 147 ? 17.449  -5.733  -1.054  1.00 33.44 ? 147 GLN A OE1 1 
ATOM   1129 N NE2 . GLN A 1 147 ? 16.167  -4.826  0.545   1.00 29.83 ? 147 GLN A NE2 1 
ATOM   1130 N N   . GLY A 1 148 ? 15.215  -1.074  -4.398  1.00 20.44 ? 148 GLY A N   1 
ATOM   1131 C CA  . GLY A 1 148 ? 14.280  -1.131  -5.512  1.00 20.08 ? 148 GLY A CA  1 
ATOM   1132 C C   . GLY A 1 148 ? 14.710  -0.302  -6.717  1.00 20.28 ? 148 GLY A C   1 
ATOM   1133 O O   . GLY A 1 148 ? 15.631  0.523   -6.629  1.00 20.12 ? 148 GLY A O   1 
ATOM   1134 N N   . ARG A 1 149 ? 14.051  -0.528  -7.851  1.00 19.47 ? 149 ARG A N   1 
ATOM   1135 C CA  . ARG A 1 149 ? 14.345  0.198   -9.084  1.00 20.77 ? 149 ARG A CA  1 
ATOM   1136 C C   . ARG A 1 149 ? 13.201  1.141   -9.387  1.00 19.46 ? 149 ARG A C   1 
ATOM   1137 O O   . ARG A 1 149 ? 12.042  0.728   -9.447  1.00 17.25 ? 149 ARG A O   1 
ATOM   1138 C CB  . ARG A 1 149 ? 14.514  -0.766  -10.265 1.00 20.98 ? 149 ARG A CB  1 
ATOM   1139 C CG  . ARG A 1 149 ? 15.049  -0.115  -11.527 1.00 27.82 ? 149 ARG A CG  1 
ATOM   1140 C CD  . ARG A 1 149 ? 16.176  -0.948  -12.136 1.00 36.20 ? 149 ARG A CD  1 
ATOM   1141 N NE  . ARG A 1 149 ? 17.508  -0.527  -11.684 1.00 41.16 ? 149 ARG A NE  1 
ATOM   1142 C CZ  . ARG A 1 149 ? 18.543  -1.353  -11.481 1.00 43.86 ? 149 ARG A CZ  1 
ATOM   1143 N NH1 . ARG A 1 149 ? 18.425  -2.667  -11.681 1.00 41.35 ? 149 ARG A NH1 1 
ATOM   1144 N NH2 . ARG A 1 149 ? 19.715  -0.857  -11.104 1.00 42.21 ? 149 ARG A NH2 1 
ATOM   1145 N N   . ASP A 1 150 ? 13.537  2.411   -9.569  1.00 20.13 ? 150 ASP A N   1 
ATOM   1146 C CA  . ASP A 1 150 ? 12.556  3.441   -9.877  1.00 19.17 ? 150 ASP A CA  1 
ATOM   1147 C C   . ASP A 1 150 ? 11.729  3.079   -11.100 1.00 17.66 ? 150 ASP A C   1 
ATOM   1148 O O   . ASP A 1 150 ? 12.232  2.510   -12.067 1.00 17.25 ? 150 ASP A O   1 
ATOM   1149 C CB  . ASP A 1 150 ? 13.265  4.774   -10.152 1.00 21.48 ? 150 ASP A CB  1 
ATOM   1150 C CG  . ASP A 1 150 ? 13.780  5.420   -8.886  1.00 20.91 ? 150 ASP A CG  1 
ATOM   1151 O OD1 . ASP A 1 150 ? 13.173  5.182   -7.834  1.00 28.56 ? 150 ASP A OD1 1 
ATOM   1152 O OD2 . ASP A 1 150 ? 14.789  6.153   -8.924  1.00 27.41 ? 150 ASP A OD2 1 
ATOM   1153 N N   . TYR A 1 151 ? 10.447  3.398   -11.044 1.00 15.43 ? 151 TYR A N   1 
ATOM   1154 C CA  . TYR A 1 151 ? 9.570   3.176   -12.177 1.00 14.03 ? 151 TYR A CA  1 
ATOM   1155 C C   . TYR A 1 151 ? 9.008   4.570   -12.382 1.00 14.33 ? 151 TYR A C   1 
ATOM   1156 O O   . TYR A 1 151 ? 8.194   5.044   -11.602 1.00 10.78 ? 151 TYR A O   1 
ATOM   1157 C CB  . TYR A 1 151 ? 8.464   2.178   -11.841 1.00 9.54  ? 151 TYR A CB  1 
ATOM   1158 C CG  . TYR A 1 151 ? 7.614   1.826   -13.051 1.00 11.82 ? 151 TYR A CG  1 
ATOM   1159 C CD1 . TYR A 1 151 ? 6.479   2.576   -13.386 1.00 11.76 ? 151 TYR A CD1 1 
ATOM   1160 C CD2 . TYR A 1 151 ? 7.961   0.757   -13.877 1.00 9.96  ? 151 TYR A CD2 1 
ATOM   1161 C CE1 . TYR A 1 151 ? 5.727   2.265   -14.503 1.00 10.89 ? 151 TYR A CE1 1 
ATOM   1162 C CE2 . TYR A 1 151 ? 7.219   0.443   -14.986 1.00 8.37  ? 151 TYR A CE2 1 
ATOM   1163 C CZ  . TYR A 1 151 ? 6.103   1.185   -15.303 1.00 12.63 ? 151 TYR A CZ  1 
ATOM   1164 O OH  . TYR A 1 151 ? 5.347   0.809   -16.406 1.00 13.15 ? 151 TYR A OH  1 
ATOM   1165 N N   . ARG A 1 152 ? 9.480   5.239   -13.421 1.00 21.98 ? 152 ARG A N   1 
ATOM   1166 C CA  . ARG A 1 152 ? 9.060   6.611   -13.680 1.00 25.20 ? 152 ARG A CA  1 
ATOM   1167 C C   . ARG A 1 152 ? 8.196   6.780   -14.907 1.00 26.17 ? 152 ARG A C   1 
ATOM   1168 O O   . ARG A 1 152 ? 8.118   5.891   -15.756 1.00 26.13 ? 152 ARG A O   1 
ATOM   1169 C CB  . ARG A 1 152 ? 10.302  7.498   -13.826 1.00 26.53 ? 152 ARG A CB  1 
ATOM   1170 C CG  . ARG A 1 152 ? 11.078  7.671   -12.542 1.00 31.55 ? 152 ARG A CG  1 
ATOM   1171 C CD  . ARG A 1 152 ? 10.136  8.162   -11.459 1.00 35.68 ? 152 ARG A CD  1 
ATOM   1172 N NE  . ARG A 1 152 ? 10.537  7.723   -10.128 1.00 38.35 ? 152 ARG A NE  1 
ATOM   1173 C CZ  . ARG A 1 152 ? 9.699   7.238   -9.214  1.00 37.75 ? 152 ARG A CZ  1 
ATOM   1174 N NH1 . ARG A 1 152 ? 8.401   7.126   -9.488  1.00 28.82 ? 152 ARG A NH1 1 
ATOM   1175 N NH2 . ARG A 1 152 ? 10.170  6.873   -8.024  1.00 38.81 ? 152 ARG A NH2 1 
ATOM   1176 N N   . SER A 1 153 ? 7.549   7.931   -14.993 1.00 28.23 ? 153 SER A N   1 
ATOM   1177 C CA  . SER A 1 153 ? 6.699   8.252   -16.134 1.00 32.08 ? 153 SER A CA  1 
ATOM   1178 C C   . SER A 1 153 ? 6.947   9.699   -16.558 1.00 32.80 ? 153 SER A C   1 
ATOM   1179 O O   . SER A 1 153 ? 8.138   10.094  -16.597 1.00 31.91 ? 153 SER A O   1 
ATOM   1180 C CB  . SER A 1 153 ? 5.210   8.055   -15.789 1.00 32.06 ? 153 SER A CB  1 
ATOM   1181 O OG  . SER A 1 153 ? 4.736   6.799   -16.275 1.00 36.25 ? 153 SER A OG  1 
HETATM 1182 W W   . WO4 B 2 .   ? -0.301  -14.671 -1.504  0.50 34.54 ? 156 WO4 A W   1 
HETATM 1183 O O1  . WO4 B 2 .   ? -0.528  -13.241 -1.369  0.50 12.68 ? 156 WO4 A O1  1 
HETATM 1184 O O2  . WO4 B 2 .   ? 1.022   -14.921 -2.213  0.50 8.87  ? 156 WO4 A O2  1 
HETATM 1185 O O   . HOH C 3 .   ? -3.047  -5.630  3.664   1.00 7.28  ? 157 HOH A O   1 
HETATM 1186 O O   . HOH C 3 .   ? 5.352   -6.402  -0.671  1.00 9.39  ? 158 HOH A O   1 
HETATM 1187 O O   . HOH C 3 .   ? 12.491  -2.999  11.896  1.00 16.62 ? 159 HOH A O   1 
HETATM 1188 O O   . HOH C 3 .   ? 11.565  -8.807  -4.486  1.00 6.59  ? 160 HOH A O   1 
HETATM 1189 O O   . HOH C 3 .   ? 4.075   7.136   6.776   1.00 15.56 ? 161 HOH A O   1 
HETATM 1190 O O   . HOH C 3 .   ? -5.867  -13.752 -5.568  1.00 25.31 ? 162 HOH A O   1 
HETATM 1191 O O   . HOH C 3 .   ? -11.828 -0.045  -4.340  1.00 13.13 ? 163 HOH A O   1 
HETATM 1192 O O   . HOH C 3 .   ? -16.647 -2.606  0.026   1.00 15.13 ? 164 HOH A O   1 
HETATM 1193 O O   . HOH C 3 .   ? 1.003   0.011   -21.108 1.00 12.81 ? 165 HOH A O   1 
HETATM 1194 O O   . HOH C 3 .   ? 11.042  -6.507  15.094  1.00 35.67 ? 166 HOH A O   1 
HETATM 1195 O O   . HOH C 3 .   ? 14.208  -10.808 -11.639 1.00 39.04 ? 167 HOH A O   1 
HETATM 1196 O O   . HOH C 3 .   ? 22.538  2.108   -10.809 1.00 37.63 ? 168 HOH A O   1 
HETATM 1197 O O   . HOH C 3 .   ? 2.053   -18.812 -4.519  1.00 57.72 ? 169 HOH A O   1 
HETATM 1198 O O   . HOH C 3 .   ? 1.112   -7.722  4.851   1.00 11.83 ? 170 HOH A O   1 
HETATM 1199 O O   . HOH C 3 .   ? -0.317  -6.478  -2.588  1.00 8.71  ? 171 HOH A O   1 
HETATM 1200 O O   . HOH C 3 .   ? -10.441 2.893   15.440  1.00 51.71 ? 172 HOH A O   1 
HETATM 1201 O O   . HOH C 3 .   ? 11.880  3.611   16.404  1.00 32.40 ? 173 HOH A O   1 
HETATM 1202 O O   . HOH C 3 .   ? -7.207  3.965   -11.717 1.00 29.74 ? 174 HOH A O   1 
HETATM 1203 O O   . HOH C 3 .   ? -8.825  -15.252 -6.322  1.00 18.87 ? 175 HOH A O   1 
HETATM 1204 O O   . HOH C 3 .   ? 0.231   -20.889 -3.808  1.00 50.83 ? 176 HOH A O   1 
HETATM 1205 O O   . HOH C 3 .   ? -6.996  9.545   -0.160  1.00 13.70 ? 177 HOH A O   1 
HETATM 1206 O O   . HOH C 3 .   ? 13.342  -4.367  -9.666  1.00 32.62 ? 178 HOH A O   1 
HETATM 1207 O O   . HOH C 3 .   ? -14.394 -2.320  9.730   1.00 19.88 ? 179 HOH A O   1 
HETATM 1208 O O   . HOH C 3 .   ? -13.275 -6.097  0.996   1.00 13.44 ? 180 HOH A O   1 
HETATM 1209 O O   . HOH C 3 .   ? -11.027 5.459   -4.706  1.00 17.34 ? 181 HOH A O   1 
HETATM 1210 O O   . HOH C 3 .   ? -2.031  -1.214  21.317  1.00 24.31 ? 182 HOH A O   1 
HETATM 1211 O O   . HOH C 3 .   ? -4.893  -1.531  -12.587 1.00 15.54 ? 183 HOH A O   1 
HETATM 1212 O O   . HOH C 3 .   ? 16.760  -9.104  4.004   1.00 31.61 ? 184 HOH A O   1 
HETATM 1213 O O   . HOH C 3 .   ? 5.441   -0.696  -18.771 1.00 13.00 ? 185 HOH A O   1 
HETATM 1214 O O   . HOH C 3 .   ? -14.458 -8.701  -12.381 1.00 50.35 ? 186 HOH A O   1 
HETATM 1215 O O   . HOH C 3 .   ? -3.984  -7.605  -15.828 1.00 30.95 ? 187 HOH A O   1 
HETATM 1216 O O   . HOH C 3 .   ? 20.379  -9.292  -6.741  1.00 43.65 ? 188 HOH A O   1 
HETATM 1217 O O   . HOH C 3 .   ? 10.987  -0.432  -12.225 1.00 16.60 ? 189 HOH A O   1 
HETATM 1218 O O   . HOH C 3 .   ? 19.315  -4.385  6.158   1.00 45.16 ? 190 HOH A O   1 
HETATM 1219 O O   . HOH C 3 .   ? -10.476 7.961   -3.936  1.00 19.20 ? 191 HOH A O   1 
HETATM 1220 O O   . HOH C 3 .   ? 7.453   -12.615 -7.072  1.00 9.26  ? 192 HOH A O   1 
HETATM 1221 O O   . HOH C 3 .   ? -17.649 -10.201 8.596   1.00 33.55 ? 193 HOH A O   1 
HETATM 1222 O O   . HOH C 3 .   ? -17.331 -7.207  7.719   1.00 23.68 ? 194 HOH A O   1 
HETATM 1223 O O   . HOH C 3 .   ? -9.913  -0.399  -5.096  1.00 12.81 ? 195 HOH A O   1 
HETATM 1224 O O   . HOH C 3 .   ? -5.202  -11.517 -1.969  1.00 17.88 ? 196 HOH A O   1 
HETATM 1225 O O   . HOH C 3 .   ? -3.745  9.259   9.596   1.00 11.27 ? 197 HOH A O   1 
HETATM 1226 O O   . HOH C 3 .   ? 2.702   -10.800 -16.691 1.00 18.96 ? 198 HOH A O   1 
HETATM 1227 O O   . HOH C 3 .   ? 1.916   -10.259 -19.237 1.00 20.47 ? 199 HOH A O   1 
HETATM 1228 O O   . HOH C 3 .   ? 6.721   7.955   14.711  1.00 28.40 ? 200 HOH A O   1 
HETATM 1229 O O   . HOH C 3 .   ? 0.487   19.918  -1.688  1.00 43.32 ? 201 HOH A O   1 
HETATM 1230 O O   . HOH C 3 .   ? 10.090  -9.668  -7.706  1.00 12.31 ? 202 HOH A O   1 
HETATM 1231 O O   . HOH C 3 .   ? -9.291  -0.657  19.275  1.00 17.45 ? 203 HOH A O   1 
HETATM 1232 O O   . HOH C 3 .   ? -8.814  13.803  -0.967  1.00 21.30 ? 204 HOH A O   1 
HETATM 1233 O O   . HOH C 3 .   ? 10.575  1.167   16.618  1.00 35.95 ? 205 HOH A O   1 
HETATM 1234 O O   . HOH C 3 .   ? 22.281  -4.823  -11.857 1.00 33.93 ? 206 HOH A O   1 
HETATM 1235 O O   . HOH C 3 .   ? 15.228  -12.768 -5.563  1.00 25.30 ? 207 HOH A O   1 
HETATM 1236 O O   . HOH C 3 .   ? -7.085  10.403  21.678  1.00 51.02 ? 208 HOH A O   1 
HETATM 1237 O O   . HOH C 3 .   ? 10.290  -17.641 -6.504  1.00 45.55 ? 209 HOH A O   1 
HETATM 1238 O O   . HOH C 3 .   ? 15.197  7.640   -2.234  1.00 29.44 ? 210 HOH A O   1 
HETATM 1239 O O   . HOH C 3 .   ? 0.268   8.539   17.452  1.00 19.69 ? 211 HOH A O   1 
HETATM 1240 O O   . HOH C 3 .   ? -15.597 0.299   -1.306  1.00 45.35 ? 212 HOH A O   1 
HETATM 1241 O O   . HOH C 3 .   ? -19.810 -13.331 6.660   1.00 19.21 ? 213 HOH A O   1 
HETATM 1242 O O   . HOH C 3 .   ? 2.680   18.140  6.774   1.00 41.60 ? 214 HOH A O   1 
HETATM 1243 O O   . HOH C 3 .   ? -12.912 -2.958  13.761  1.00 19.72 ? 215 HOH A O   1 
HETATM 1244 O O   . HOH C 3 .   ? 12.973  7.322   0.734   1.00 32.32 ? 216 HOH A O   1 
HETATM 1245 O O   . HOH C 3 .   ? 0.369   -10.800 -9.469  1.00 26.56 ? 217 HOH A O   1 
HETATM 1246 O O   . HOH C 3 .   ? -2.720  8.043   12.003  1.00 14.75 ? 218 HOH A O   1 
HETATM 1247 O O   . HOH C 3 .   ? -10.481 -14.785 -8.367  1.00 33.20 ? 219 HOH A O   1 
HETATM 1248 O O   . HOH C 3 .   ? 13.910  4.178   13.947  1.00 40.23 ? 220 HOH A O   1 
HETATM 1249 O O   . HOH C 3 .   ? -7.765  11.222  10.751  1.00 43.11 ? 221 HOH A O   1 
HETATM 1250 O O   . HOH C 3 .   ? 17.936  5.123   4.238   1.00 33.98 ? 222 HOH A O   1 
HETATM 1251 O O   . HOH C 3 .   ? -18.013 -13.209 -2.953  1.00 29.72 ? 223 HOH A O   1 
HETATM 1252 O O   . HOH C 3 .   ? 8.909   5.871   18.806  1.00 49.65 ? 224 HOH A O   1 
HETATM 1253 O O   . HOH C 3 .   ? -2.339  4.216   -16.342 1.00 20.17 ? 225 HOH A O   1 
HETATM 1254 O O   . HOH C 3 .   ? 7.098   9.339   -12.423 1.00 24.97 ? 226 HOH A O   1 
HETATM 1255 O O   . HOH C 3 .   ? 13.323  3.830   9.073   1.00 22.22 ? 227 HOH A O   1 
HETATM 1256 O O   . HOH C 3 .   ? -11.617 4.510   9.994   1.00 13.43 ? 228 HOH A O   1 
HETATM 1257 O O   . HOH C 3 .   ? 4.923   -1.736  18.749  1.00 28.23 ? 229 HOH A O   1 
HETATM 1258 O O   . HOH C 3 .   ? 18.869  1.497   -11.963 1.00 18.66 ? 230 HOH A O   1 
HETATM 1259 O O   . HOH C 3 .   ? -6.193  -11.256 -8.536  1.00 33.13 ? 231 HOH A O   1 
HETATM 1260 O O   . HOH C 3 .   ? 15.844  2.787   -12.958 1.00 41.33 ? 232 HOH A O   1 
HETATM 1261 O O   . HOH C 3 .   ? 15.785  0.430   7.265   1.00 20.76 ? 233 HOH A O   1 
HETATM 1262 O O   . HOH C 3 .   ? 18.475  -1.203  5.503   1.00 34.87 ? 234 HOH A O   1 
HETATM 1263 O O   . HOH C 3 .   ? 16.478  3.112   -9.567  1.00 23.76 ? 235 HOH A O   1 
HETATM 1264 O O   . HOH C 3 .   ? 7.092   12.039  -19.154 1.00 34.64 ? 236 HOH A O   1 
HETATM 1265 O O   . HOH C 3 .   ? -12.669 -0.843  -11.771 1.00 44.77 ? 237 HOH A O   1 
HETATM 1266 O O   . HOH C 3 .   ? -5.591  1.950   -12.796 1.00 29.23 ? 238 HOH A O   1 
HETATM 1267 O O   . HOH C 3 .   ? -16.909 -1.518  -3.102  1.00 43.75 ? 239 HOH A O   1 
HETATM 1268 O O   . HOH C 3 .   ? 17.644  -6.629  2.832   1.00 22.70 ? 240 HOH A O   1 
HETATM 1269 O O   . HOH C 3 .   ? -2.721  16.017  3.515   1.00 32.12 ? 241 HOH A O   1 
HETATM 1270 O O   . HOH C 3 .   ? 17.603  -9.180  -8.101  1.00 39.73 ? 242 HOH A O   1 
HETATM 1271 O O   . HOH C 3 .   ? 1.411   -13.416 -10.108 1.00 28.79 ? 243 HOH A O   1 
HETATM 1272 O O   . HOH C 3 .   ? 4.976   12.478  11.517  1.00 49.81 ? 244 HOH A O   1 
HETATM 1273 O O   . HOH C 3 .   ? -5.089  15.630  4.294   1.00 34.54 ? 245 HOH A O   1 
HETATM 1274 O O   . HOH C 3 .   ? -9.188  12.523  2.639   1.00 24.64 ? 246 HOH A O   1 
HETATM 1275 O O   . HOH C 3 .   ? 11.074  7.446   3.864   1.00 29.94 ? 247 HOH A O   1 
HETATM 1276 O O   . HOH C 3 .   ? -2.077  -7.824  -14.332 1.00 33.54 ? 248 HOH A O   1 
HETATM 1277 O O   . HOH C 3 .   ? -6.566  -2.054  -14.428 1.00 22.98 ? 249 HOH A O   1 
HETATM 1278 O O   . HOH C 3 .   ? -7.488  -8.892  -9.363  1.00 16.22 ? 250 HOH A O   1 
HETATM 1279 O O   . HOH C 3 .   ? -15.471 -5.185  -1.710  1.00 34.88 ? 251 HOH A O   1 
HETATM 1280 O O   . HOH C 3 .   ? -7.748  10.315  -7.306  1.00 31.76 ? 252 HOH A O   1 
HETATM 1281 O O   . HOH C 3 .   ? 20.638  -1.686  -1.520  1.00 40.79 ? 253 HOH A O   1 
HETATM 1282 O O   . HOH C 3 .   ? -12.101 5.248   -14.015 1.00 39.91 ? 254 HOH A O   1 
HETATM 1283 O O   . HOH C 3 .   ? 6.870   12.124  -1.883  1.00 27.71 ? 255 HOH A O   1 
HETATM 1284 O O   . HOH C 3 .   ? -12.941 -4.659  17.086  1.00 40.43 ? 256 HOH A O   1 
HETATM 1285 O O   . HOH C 3 .   ? 12.650  9.686   -11.061 1.00 42.23 ? 257 HOH A O   1 
HETATM 1286 O O   . HOH C 3 .   ? -9.607  0.268   -21.499 1.00 52.98 ? 258 HOH A O   1 
HETATM 1287 O O   . HOH C 3 .   ? -5.520  -3.029  -17.036 1.00 29.40 ? 259 HOH A O   1 
HETATM 1288 O O   . HOH C 3 .   ? -3.912  18.158  8.613   1.00 44.17 ? 260 HOH A O   1 
HETATM 1289 O O   . HOH C 3 .   ? 19.475  -4.844  -2.298  1.00 49.93 ? 261 HOH A O   1 
HETATM 1290 O O   . HOH C 3 .   ? 17.583  2.657   -7.260  1.00 47.99 ? 262 HOH A O   1 
HETATM 1291 O O   . HOH C 3 .   ? -2.209  8.871   -15.569 1.00 27.24 ? 263 HOH A O   1 
HETATM 1292 O O   . HOH C 3 .   ? 2.836   18.482  -0.517  1.00 38.34 ? 264 HOH A O   1 
HETATM 1293 O O   . HOH C 3 .   ? -16.214 -15.249 -3.052  1.00 11.12 ? 265 HOH A O   1 
HETATM 1294 O O   . HOH C 3 .   ? 1.740   11.035  17.096  1.00 32.73 ? 266 HOH A O   1 
HETATM 1295 O O   . HOH C 3 .   ? -0.091  -8.644  -20.160 1.00 25.47 ? 267 HOH A O   1 
HETATM 1296 O O   . HOH C 3 .   ? -6.510  -5.697  -17.337 1.00 27.68 ? 268 HOH A O   1 
HETATM 1297 O O   . HOH C 3 .   ? -17.228 3.707   1.724   1.00 12.55 ? 269 HOH A O   1 
HETATM 1298 O O   . HOH C 3 .   ? 15.336  7.428   0.248   1.00 32.35 ? 270 HOH A O   1 
HETATM 1299 O O   . HOH C 3 .   ? 0.686   -8.515  -12.755 1.00 25.29 ? 271 HOH A O   1 
HETATM 1300 O O   . HOH C 3 .   ? 1.715   22.795  1.174   1.00 44.04 ? 272 HOH A O   1 
HETATM 1301 O O   . HOH C 3 .   ? 12.706  -5.685  7.896   1.00 15.51 ? 273 HOH A O   1 
HETATM 1302 O O   . HOH C 3 .   ? -12.490 -1.792  16.216  1.00 39.87 ? 274 HOH A O   1 
HETATM 1303 O O   . HOH C 3 .   ? 17.162  4.511   -1.678  1.00 34.16 ? 275 HOH A O   1 
HETATM 1304 O O   . HOH C 3 .   ? 11.729  -12.042 -7.796  1.00 19.60 ? 276 HOH A O   1 
HETATM 1305 O O   . HOH C 3 .   ? -0.851  13.962  9.996   1.00 43.20 ? 277 HOH A O   1 
HETATM 1306 O O   . HOH C 3 .   ? -14.988 3.637   3.471   1.00 49.93 ? 278 HOH A O   1 
HETATM 1307 O O   . HOH C 3 .   ? -1.391  10.813  12.935  1.00 38.67 ? 279 HOH A O   1 
HETATM 1308 O O   . HOH C 3 .   ? 9.386   5.946   16.258  1.00 35.93 ? 280 HOH A O   1 
HETATM 1309 O O   . HOH C 3 .   ? 16.495  -14.213 -9.002  1.00 44.16 ? 281 HOH A O   1 
HETATM 1310 O O   . HOH C 3 .   ? -7.081  15.074  -3.412  1.00 17.22 ? 282 HOH A O   1 
HETATM 1311 O O   . HOH C 3 .   ? -7.099  17.846  -3.515  1.00 26.85 ? 283 HOH A O   1 
HETATM 1312 O O   . HOH C 3 .   ? -0.600  6.196   20.961  1.00 36.45 ? 284 HOH A O   1 
HETATM 1313 O O   . HOH C 3 .   ? -1.866  -9.398  -17.651 1.00 23.70 ? 285 HOH A O   1 
HETATM 1314 O O   . HOH C 3 .   ? 13.496  -5.381  13.585  1.00 31.59 ? 286 HOH A O   1 
HETATM 1315 O O   . HOH C 3 .   ? -14.483 -7.746  -8.922  1.00 29.52 ? 287 HOH A O   1 
HETATM 1316 O O   . HOH C 3 .   ? -1.238  -0.364  23.602  1.00 39.06 ? 288 HOH A O   1 
HETATM 1317 O O   . HOH C 3 .   ? -7.522  -16.719 -11.366 1.00 55.06 ? 289 HOH A O   1 
HETATM 1318 O O   . HOH C 3 .   ? -8.500  6.436   -13.458 1.00 57.00 ? 290 HOH A O   1 
HETATM 1319 O O   . HOH C 3 .   ? -12.495 12.022  2.285   1.00 35.90 ? 291 HOH A O   1 
HETATM 1320 O O   . HOH C 3 .   ? -10.000 -9.470  -10.717 1.00 45.41 ? 292 HOH A O   1 
HETATM 1321 O O   . HOH C 3 .   ? 17.726  -10.710 1.684   1.00 20.01 ? 293 HOH A O   1 
HETATM 1322 O O   . HOH C 3 .   ? -9.491  6.565   13.792  1.00 42.93 ? 294 HOH A O   1 
HETATM 1323 O O   . HOH C 3 .   ? -10.712 3.490   -15.862 1.00 50.22 ? 295 HOH A O   1 
HETATM 1324 O O   . HOH C 3 .   ? 18.173  -2.065  1.265   1.00 29.32 ? 296 HOH A O   1 
HETATM 1325 O O   . HOH C 3 .   ? 6.307   6.334   7.471   1.00 19.78 ? 297 HOH A O   1 
HETATM 1326 O O   . HOH C 3 .   ? 14.016  -12.739 -10.090 1.00 44.41 ? 298 HOH A O   1 
HETATM 1327 O O   . HOH C 3 .   ? 15.375  -4.555  -7.192  1.00 39.33 ? 299 HOH A O   1 
HETATM 1328 O O   . HOH C 3 .   ? 8.736   11.768  11.041  1.00 49.63 ? 300 HOH A O   1 
HETATM 1329 O O   . HOH C 3 .   ? -0.778  -20.184 -12.926 1.00 59.19 ? 301 HOH A O   1 
HETATM 1330 O O   . HOH C 3 .   ? 11.755  8.766   -6.088  1.00 27.77 ? 302 HOH A O   1 
HETATM 1331 O O   . HOH C 3 .   ? 0.580   15.671  15.700  1.00 50.08 ? 303 HOH A O   1 
HETATM 1332 O O   . HOH C 3 .   ? 0.065   -12.471 -18.936 1.00 34.99 ? 304 HOH A O   1 
HETATM 1333 O O   . HOH C 3 .   ? -2.286  -2.330  -5.681  1.00 50.49 ? 305 HOH A O   1 
HETATM 1334 O O   . HOH C 3 .   ? -7.397  12.983  5.992   1.00 24.69 ? 306 HOH A O   1 
HETATM 1335 O O   . HOH C 3 .   ? 0.742   8.451   20.042  1.00 41.11 ? 307 HOH A O   1 
HETATM 1336 O O   . HOH C 3 .   ? 11.997  9.905   2.705   1.00 39.30 ? 308 HOH A O   1 
HETATM 1337 O O   . HOH C 3 .   ? -15.111 9.198   3.006   1.00 21.10 ? 309 HOH A O   1 
HETATM 1338 O O   . HOH C 3 .   ? 4.470   -19.005 0.768   1.00 10.45 ? 310 HOH A O   1 
HETATM 1339 O O   . HOH C 3 .   ? 5.511   -24.001 -9.587  1.00 46.89 ? 311 HOH A O   1 
HETATM 1340 O O   . HOH C 3 .   ? 2.161   -16.893 -2.133  1.00 2.00  ? 312 HOH A O   1 
# 
